data_9E6V
#
_entry.id   9E6V
#
loop_
_entity.id
_entity.type
_entity.pdbx_description
1 polymer 'Dolichyl-phosphate-mannose--protein mannosyltransferase 4'
2 polymer 'Cell wall mannoprotein CIS3'
3 non-polymer 1-PALMITOYL-2-LINOLEOYL-SN-GLYCERO-3-PHOSPHOCHOLINE
4 non-polymer alpha-D-mannopyranose
#
loop_
_entity_poly.entity_id
_entity_poly.type
_entity_poly.pdbx_seq_one_letter_code
_entity_poly.pdbx_strand_id
1 'polypeptide(L)'
;MSVPKKRNHGKLPPSTKDVDDPSLKYTKAAPKCEQVAEHWLLQPLPEPESRYSFWVTIVTLLAFAARFYKIWYPKEVVFD
EVHFGKFASYYLERSYFFDVHPPFAKMMIAFIGWLCGYDGSFKFDEIGYSYETHPAPYIAYRSFNAILGTLTVPIMFNTL
KELNFRAITCAFASLLVAIDTAHVTETRLILLDAILIISIAATMYCYVRFYKCQLRQPFTWSWYIWLHATGLSLSFVIST
KYVGVMTYSAIGFAAVVNLWQLLDIKAGLSLRQFMRHFSKRLNGLVLIPFVIYLFWFWVHFTVLNTSGPGDAFMSAEFQE
TLKDSPLSVDSKTVNYFDIITIKHQDTDAFLHSHLARYPQRYEDGRISSAGQQVTGYTHPDFNNQWEVLPPHGSDVGKGQ
AVLLNQHIRLRHVATDTYLLAHDVASPFYPTNEEITTVTLEEGDGELYPETLFAFQPLKKSDEGHVLKSKTVSFRLFHVD
TSVALWTHNDELLPDWGFQQQEINGNKKVIDPSNNWVVDEIVNLDEVRKVYIPKVVKPLPFLKKWIETQKSMFEHNNKLS
SEHPFASEPYSWPGSLSGVSFWTNGDEKKQIYFIGNIIGWWFQVISLAVFVGIIVADLITRHRGYYALNKMTREKLYGPL
MFFFVSWCCHYFPFFLMARQKFLHHYLPAHLIACLFSGALWEVIFSDCKSLDLEKDEDISGASYERNPKVYVKPYTVFLV
CVSCAVAWFFVYFSPLVYGDVSLSPSEVVSREWFDIELNFSK
;
B,A
2 'polypeptide(L)' KTSTNATSSSCATPSLK C
#
loop_
_chem_comp.id
_chem_comp.type
_chem_comp.name
_chem_comp.formula
CPL non-polymer 1-PALMITOYL-2-LINOLEOYL-SN-GLYCERO-3-PHOSPHOCHOLINE 'C42 H80 N O8 P'
MAN D-saccharide, alpha linking alpha-D-mannopyranose 'C6 H12 O6'
#
# COMPACT_ATOMS: atom_id res chain seq x y z
N VAL A 36 -30.35 -11.36 25.06
CA VAL A 36 -30.77 -10.48 23.95
C VAL A 36 -32.07 -11.00 23.34
N ALA A 37 -33.11 -10.16 23.34
CA ALA A 37 -34.45 -10.44 22.80
C ALA A 37 -35.13 -11.69 23.38
N GLU A 38 -34.84 -12.03 24.64
CA GLU A 38 -35.38 -13.21 25.29
C GLU A 38 -36.92 -13.21 25.31
N HIS A 39 -37.56 -12.10 25.71
CA HIS A 39 -39.02 -12.06 25.79
C HIS A 39 -39.68 -12.10 24.43
N TRP A 40 -39.13 -11.42 23.42
CA TRP A 40 -39.63 -11.42 22.06
C TRP A 40 -39.55 -12.80 21.40
N LEU A 41 -38.39 -13.46 21.48
CA LEU A 41 -38.13 -14.72 20.78
C LEU A 41 -38.81 -15.94 21.43
N LEU A 42 -39.23 -15.81 22.69
CA LEU A 42 -39.97 -16.85 23.41
C LEU A 42 -41.49 -16.72 23.25
N GLN A 43 -42.01 -15.68 22.58
CA GLN A 43 -43.43 -15.57 22.25
C GLN A 43 -43.89 -16.69 21.29
N PRO A 44 -45.18 -17.07 21.34
CA PRO A 44 -45.78 -17.88 20.29
C PRO A 44 -45.75 -17.12 18.96
N LEU A 45 -45.89 -17.85 17.85
CA LEU A 45 -45.97 -17.23 16.52
C LEU A 45 -47.14 -16.24 16.47
N PRO A 46 -46.96 -15.06 15.83
CA PRO A 46 -48.00 -14.03 15.76
C PRO A 46 -49.20 -14.42 14.89
N GLU A 47 -49.10 -15.49 14.10
CA GLU A 47 -50.13 -15.98 13.20
C GLU A 47 -50.19 -17.52 13.18
N PRO A 48 -51.33 -18.13 12.79
CA PRO A 48 -51.43 -19.58 12.63
C PRO A 48 -50.44 -20.13 11.59
N GLU A 49 -49.97 -21.36 11.80
CA GLU A 49 -48.99 -22.01 10.91
C GLU A 49 -49.47 -22.10 9.45
N SER A 50 -50.77 -22.26 9.22
CA SER A 50 -51.36 -22.31 7.88
C SER A 50 -51.05 -21.06 7.04
N ARG A 51 -50.98 -19.87 7.66
CA ARG A 51 -50.61 -18.64 6.96
C ARG A 51 -49.14 -18.65 6.55
N TYR A 52 -48.25 -19.14 7.41
CA TYR A 52 -46.85 -19.31 7.06
C TYR A 52 -46.67 -20.32 5.93
N SER A 53 -47.35 -21.47 6.01
CA SER A 53 -47.31 -22.51 4.96
C SER A 53 -47.83 -22.00 3.62
N PHE A 54 -48.89 -21.18 3.62
CA PHE A 54 -49.39 -20.54 2.40
C PHE A 54 -48.32 -19.63 1.76
N TRP A 55 -47.80 -18.67 2.52
CA TRP A 55 -46.86 -17.69 1.98
C TRP A 55 -45.50 -18.29 1.56
N VAL A 56 -44.96 -19.25 2.34
CA VAL A 56 -43.71 -19.93 1.98
C VAL A 56 -43.87 -20.71 0.67
N THR A 57 -45.03 -21.34 0.46
CA THR A 57 -45.32 -22.07 -0.79
C THR A 57 -45.36 -21.11 -1.96
N ILE A 58 -46.07 -19.99 -1.86
CA ILE A 58 -46.18 -19.00 -2.94
C ILE A 58 -44.81 -18.44 -3.33
N VAL A 59 -44.00 -17.98 -2.36
CA VAL A 59 -42.69 -17.38 -2.67
C VAL A 59 -41.69 -18.41 -3.18
N THR A 60 -41.77 -19.67 -2.74
CA THR A 60 -40.94 -20.76 -3.26
C THR A 60 -41.31 -21.11 -4.70
N LEU A 61 -42.61 -21.12 -5.05
CA LEU A 61 -43.07 -21.33 -6.43
C LEU A 61 -42.62 -20.19 -7.36
N LEU A 62 -42.66 -18.94 -6.90
CA LEU A 62 -42.12 -17.81 -7.66
C LEU A 62 -40.61 -17.92 -7.88
N ALA A 63 -39.87 -18.31 -6.85
CA ALA A 63 -38.42 -18.54 -6.94
C ALA A 63 -38.06 -19.67 -7.91
N PHE A 64 -38.83 -20.76 -7.88
CA PHE A 64 -38.70 -21.88 -8.80
C PHE A 64 -38.95 -21.44 -10.24
N ALA A 65 -40.06 -20.73 -10.49
CA ALA A 65 -40.39 -20.23 -11.82
C ALA A 65 -39.31 -19.29 -12.38
N ALA A 66 -38.79 -18.37 -11.56
CA ALA A 66 -37.75 -17.43 -11.98
C ALA A 66 -36.41 -18.12 -12.32
N ARG A 67 -36.04 -19.21 -11.65
CA ARG A 67 -34.75 -19.89 -11.88
C ARG A 67 -34.82 -20.92 -13.01
N PHE A 68 -35.93 -21.66 -13.10
CA PHE A 68 -36.13 -22.71 -14.11
C PHE A 68 -36.65 -22.19 -15.45
N TYR A 69 -37.07 -20.93 -15.55
CA TYR A 69 -37.45 -20.33 -16.82
C TYR A 69 -36.29 -20.43 -17.82
N LYS A 70 -36.56 -21.12 -18.95
CA LYS A 70 -35.62 -21.37 -20.05
C LYS A 70 -34.22 -21.80 -19.59
N ILE A 71 -34.14 -22.73 -18.63
CA ILE A 71 -32.85 -23.15 -18.05
C ILE A 71 -31.89 -23.80 -19.07
N TRP A 72 -32.43 -24.32 -20.17
CA TRP A 72 -31.65 -24.88 -21.29
C TRP A 72 -30.98 -23.82 -22.16
N TYR A 73 -31.34 -22.54 -22.00
CA TYR A 73 -30.84 -21.42 -22.81
C TYR A 73 -29.89 -20.53 -21.99
N PRO A 74 -28.78 -20.02 -22.58
CA PRO A 74 -28.26 -20.35 -23.92
C PRO A 74 -27.65 -21.76 -23.95
N LYS A 75 -27.60 -22.40 -25.12
CA LYS A 75 -26.97 -23.71 -25.31
C LYS A 75 -25.45 -23.60 -25.48
N GLU A 76 -24.86 -22.65 -24.78
CA GLU A 76 -23.45 -22.30 -24.88
C GLU A 76 -22.88 -22.06 -23.49
N VAL A 77 -21.57 -22.17 -23.38
CA VAL A 77 -20.81 -21.84 -22.17
C VAL A 77 -20.91 -20.34 -21.89
N VAL A 78 -21.29 -20.00 -20.65
CA VAL A 78 -21.51 -18.62 -20.18
C VAL A 78 -20.52 -18.25 -19.09
N PHE A 79 -19.88 -17.08 -19.18
CA PHE A 79 -19.06 -16.51 -18.08
C PHE A 79 -18.11 -17.56 -17.45
N ASP A 80 -18.07 -17.64 -16.12
CA ASP A 80 -17.26 -18.56 -15.32
C ASP A 80 -17.67 -20.05 -15.42
N GLU A 81 -18.67 -20.41 -16.24
CA GLU A 81 -18.88 -21.82 -16.61
C GLU A 81 -17.60 -22.41 -17.27
N VAL A 82 -16.79 -21.56 -17.91
CA VAL A 82 -15.46 -21.92 -18.46
C VAL A 82 -14.49 -22.48 -17.40
N HIS A 83 -14.65 -22.06 -16.14
CA HIS A 83 -13.82 -22.51 -15.04
C HIS A 83 -14.46 -23.68 -14.32
N PHE A 84 -15.71 -23.54 -13.88
CA PHE A 84 -16.34 -24.53 -13.02
C PHE A 84 -16.82 -25.78 -13.77
N GLY A 85 -17.23 -25.63 -15.04
CA GLY A 85 -17.46 -26.77 -15.93
C GLY A 85 -16.16 -27.54 -16.20
N LYS A 86 -15.07 -26.83 -16.51
CA LYS A 86 -13.74 -27.41 -16.69
C LYS A 86 -13.25 -28.18 -15.46
N PHE A 87 -13.41 -27.61 -14.26
CA PHE A 87 -13.06 -28.30 -13.02
C PHE A 87 -13.92 -29.55 -12.78
N ALA A 88 -15.21 -29.52 -13.14
CA ALA A 88 -16.06 -30.70 -13.08
C ALA A 88 -15.53 -31.82 -13.99
N SER A 89 -15.13 -31.48 -15.21
CA SER A 89 -14.49 -32.41 -16.14
C SER A 89 -13.20 -33.01 -15.58
N TYR A 90 -12.30 -32.20 -15.00
CA TYR A 90 -11.07 -32.73 -14.40
C TYR A 90 -11.30 -33.66 -13.20
N TYR A 91 -12.34 -33.45 -12.40
CA TYR A 91 -12.71 -34.40 -11.34
C TYR A 91 -13.12 -35.76 -11.90
N LEU A 92 -13.89 -35.77 -13.00
CA LEU A 92 -14.37 -37.00 -13.62
C LEU A 92 -13.23 -37.78 -14.29
N GLU A 93 -12.28 -37.08 -14.89
CA GLU A 93 -11.05 -37.66 -15.44
C GLU A 93 -9.98 -38.01 -14.39
N ARG A 94 -10.18 -37.55 -13.14
CA ARG A 94 -9.22 -37.70 -12.04
C ARG A 94 -7.90 -36.95 -12.25
N SER A 95 -7.91 -35.93 -13.12
CA SER A 95 -6.77 -35.10 -13.48
C SER A 95 -6.54 -33.99 -12.46
N TYR A 96 -5.34 -33.89 -11.91
CA TYR A 96 -5.02 -32.88 -10.91
C TYR A 96 -5.07 -31.46 -11.49
N PHE A 97 -5.78 -30.59 -10.79
CA PHE A 97 -5.78 -29.16 -11.19
C PHE A 97 -5.42 -28.37 -9.94
N PHE A 98 -5.19 -27.07 -10.08
CA PHE A 98 -4.97 -26.24 -8.87
C PHE A 98 -5.79 -25.00 -9.06
N ASP A 99 -6.60 -24.67 -8.06
CA ASP A 99 -7.39 -23.42 -8.15
C ASP A 99 -7.24 -22.69 -6.81
N VAL A 100 -7.71 -21.45 -6.72
CA VAL A 100 -7.53 -20.67 -5.48
C VAL A 100 -8.67 -20.94 -4.50
N HIS A 101 -9.72 -21.66 -4.92
CA HIS A 101 -10.90 -21.85 -4.05
C HIS A 101 -10.91 -23.24 -3.44
N PRO A 102 -11.37 -23.42 -2.18
CA PRO A 102 -11.52 -24.77 -1.57
C PRO A 102 -12.25 -25.69 -2.54
N PRO A 103 -12.31 -27.02 -2.30
CA PRO A 103 -12.78 -27.95 -3.32
C PRO A 103 -14.28 -28.28 -3.27
N PHE A 104 -14.99 -28.02 -2.15
CA PHE A 104 -16.32 -28.58 -1.89
C PHE A 104 -17.34 -28.27 -2.99
N ALA A 105 -17.51 -26.99 -3.35
CA ALA A 105 -18.51 -26.59 -4.33
C ALA A 105 -18.24 -27.15 -5.73
N LYS A 106 -16.95 -27.18 -6.14
CA LYS A 106 -16.55 -27.80 -7.41
C LYS A 106 -16.79 -29.31 -7.42
N MET A 107 -16.56 -29.99 -6.29
CA MET A 107 -16.90 -31.42 -6.16
C MET A 107 -18.39 -31.67 -6.20
N MET A 108 -19.23 -30.76 -5.67
CA MET A 108 -20.68 -30.89 -5.80
C MET A 108 -21.12 -30.78 -7.26
N ILE A 109 -20.56 -29.83 -8.02
CA ILE A 109 -20.83 -29.72 -9.46
C ILE A 109 -20.38 -31.01 -10.16
N ALA A 110 -19.13 -31.45 -9.97
CA ALA A 110 -18.63 -32.69 -10.54
C ALA A 110 -19.48 -33.93 -10.18
N PHE A 111 -20.01 -33.99 -8.96
CA PHE A 111 -20.89 -35.06 -8.51
C PHE A 111 -22.18 -35.15 -9.33
N ILE A 112 -22.75 -34.03 -9.76
CA ILE A 112 -23.91 -34.03 -10.67
C ILE A 112 -23.54 -34.62 -12.03
N GLY A 113 -22.35 -34.29 -12.54
CA GLY A 113 -21.83 -34.85 -13.79
C GLY A 113 -21.65 -36.36 -13.70
N TRP A 114 -21.09 -36.81 -12.57
CA TRP A 114 -20.92 -38.22 -12.25
C TRP A 114 -22.27 -38.96 -12.19
N LEU A 115 -23.30 -38.38 -11.57
CA LEU A 115 -24.66 -38.94 -11.57
C LEU A 115 -25.28 -39.04 -12.96
N CYS A 116 -24.93 -38.13 -13.88
CA CYS A 116 -25.36 -38.16 -15.27
C CYS A 116 -24.53 -39.12 -16.15
N GLY A 117 -23.50 -39.78 -15.61
CA GLY A 117 -22.60 -40.64 -16.40
C GLY A 117 -21.70 -39.86 -17.35
N TYR A 118 -21.47 -38.57 -17.09
CA TYR A 118 -20.56 -37.74 -17.88
C TYR A 118 -19.10 -38.10 -17.59
N ASP A 119 -18.28 -38.18 -18.63
CA ASP A 119 -16.89 -38.64 -18.58
C ASP A 119 -15.85 -37.52 -18.41
N GLY A 120 -16.26 -36.26 -18.62
CA GLY A 120 -15.35 -35.10 -18.54
C GLY A 120 -14.68 -34.73 -19.87
N SER A 121 -15.13 -35.30 -20.99
CA SER A 121 -14.57 -35.02 -22.34
C SER A 121 -14.61 -33.54 -22.72
N PHE A 122 -15.72 -32.84 -22.48
CA PHE A 122 -15.87 -31.42 -22.79
C PHE A 122 -15.17 -30.49 -21.77
N LYS A 123 -14.35 -29.55 -22.27
CA LYS A 123 -13.47 -28.72 -21.41
C LYS A 123 -13.96 -27.33 -21.10
N PHE A 124 -15.06 -26.85 -21.68
CA PHE A 124 -15.57 -25.49 -21.43
C PHE A 124 -14.49 -24.42 -21.66
N ASP A 125 -13.73 -24.50 -22.76
CA ASP A 125 -12.52 -23.67 -22.90
C ASP A 125 -12.81 -22.18 -23.04
N GLU A 126 -13.88 -21.81 -23.76
CA GLU A 126 -14.23 -20.42 -24.03
C GLU A 126 -15.73 -20.17 -23.87
N ILE A 127 -16.08 -18.89 -23.63
CA ILE A 127 -17.46 -18.42 -23.64
C ILE A 127 -17.99 -18.52 -25.08
N GLY A 128 -19.23 -19.00 -25.23
CA GLY A 128 -19.87 -19.17 -26.54
C GLY A 128 -19.69 -20.56 -27.14
N TYR A 129 -18.90 -21.45 -26.53
CA TYR A 129 -18.80 -22.84 -27.00
C TYR A 129 -20.14 -23.55 -26.91
N SER A 130 -20.55 -24.18 -28.01
CA SER A 130 -21.82 -24.91 -28.09
C SER A 130 -21.78 -26.19 -27.27
N TYR A 131 -22.84 -26.43 -26.50
CA TYR A 131 -23.08 -27.71 -25.82
C TYR A 131 -23.63 -28.80 -26.77
N GLU A 132 -23.90 -28.48 -28.04
CA GLU A 132 -24.44 -29.44 -29.02
C GLU A 132 -23.36 -30.31 -29.66
N THR A 133 -22.16 -29.76 -29.90
CA THR A 133 -21.05 -30.47 -30.55
C THR A 133 -20.39 -31.47 -29.61
N HIS A 134 -20.32 -31.15 -28.31
CA HIS A 134 -19.75 -32.01 -27.27
C HIS A 134 -20.66 -32.00 -26.03
N PRO A 135 -21.57 -32.98 -25.88
CA PRO A 135 -22.65 -32.91 -24.90
C PRO A 135 -22.15 -33.07 -23.46
N ALA A 136 -21.86 -31.96 -22.80
CA ALA A 136 -21.80 -31.90 -21.33
C ALA A 136 -23.23 -31.85 -20.74
N PRO A 137 -23.50 -32.39 -19.55
CA PRO A 137 -24.82 -32.38 -18.90
C PRO A 137 -25.15 -30.99 -18.30
N TYR A 138 -25.01 -29.93 -19.10
CA TYR A 138 -25.14 -28.54 -18.66
C TYR A 138 -26.51 -28.22 -18.08
N ILE A 139 -27.59 -28.80 -18.62
CA ILE A 139 -28.95 -28.67 -18.06
C ILE A 139 -29.01 -29.23 -16.64
N ALA A 140 -28.35 -30.36 -16.38
CA ALA A 140 -28.33 -30.97 -15.05
C ALA A 140 -27.53 -30.10 -14.07
N TYR A 141 -26.38 -29.57 -14.49
CA TYR A 141 -25.58 -28.64 -13.68
C TYR A 141 -26.34 -27.34 -13.35
N ARG A 142 -26.94 -26.70 -14.37
CA ARG A 142 -27.76 -25.50 -14.19
C ARG A 142 -28.98 -25.78 -13.30
N SER A 143 -29.64 -26.92 -13.49
CA SER A 143 -30.78 -27.35 -12.66
C SER A 143 -30.39 -27.56 -11.21
N PHE A 144 -29.22 -28.15 -10.93
CA PHE A 144 -28.72 -28.29 -9.58
C PHE A 144 -28.57 -26.93 -8.89
N ASN A 145 -27.96 -25.96 -9.55
CA ASN A 145 -27.85 -24.60 -9.01
C ASN A 145 -29.21 -23.92 -8.85
N ALA A 146 -30.12 -24.10 -9.81
CA ALA A 146 -31.47 -23.55 -9.73
C ALA A 146 -32.27 -24.12 -8.54
N ILE A 147 -32.08 -25.41 -8.22
CA ILE A 147 -32.64 -26.05 -7.02
C ILE A 147 -32.10 -25.37 -5.76
N LEU A 148 -30.78 -25.20 -5.65
CA LEU A 148 -30.16 -24.57 -4.49
C LEU A 148 -30.58 -23.10 -4.30
N GLY A 149 -30.62 -22.34 -5.40
CA GLY A 149 -31.13 -20.98 -5.40
C GLY A 149 -32.61 -20.91 -4.97
N THR A 150 -33.43 -21.85 -5.43
CA THR A 150 -34.84 -21.95 -5.04
C THR A 150 -34.98 -22.30 -3.56
N LEU A 151 -34.21 -23.27 -3.05
CA LEU A 151 -34.25 -23.70 -1.64
C LEU A 151 -33.70 -22.66 -0.66
N THR A 152 -32.90 -21.71 -1.13
CA THR A 152 -32.46 -20.57 -0.32
C THR A 152 -33.67 -19.76 0.17
N VAL A 153 -34.67 -19.53 -0.68
CA VAL A 153 -35.86 -18.70 -0.39
C VAL A 153 -36.68 -19.20 0.82
N PRO A 154 -37.09 -20.48 0.92
CA PRO A 154 -37.79 -20.97 2.10
C PRO A 154 -36.92 -21.00 3.37
N ILE A 155 -35.58 -21.12 3.27
CA ILE A 155 -34.68 -21.01 4.43
C ILE A 155 -34.70 -19.58 4.97
N MET A 156 -34.65 -18.59 4.10
CA MET A 156 -34.76 -17.16 4.45
C MET A 156 -36.11 -16.86 5.12
N PHE A 157 -37.20 -17.36 4.53
CA PHE A 157 -38.54 -17.25 5.08
C PHE A 157 -38.62 -17.82 6.50
N ASN A 158 -38.12 -19.04 6.69
CA ASN A 158 -38.17 -19.72 7.97
C ASN A 158 -37.24 -19.08 9.01
N THR A 159 -36.16 -18.41 8.59
CA THR A 159 -35.30 -17.63 9.49
C THR A 159 -36.10 -16.51 10.17
N LEU A 160 -36.87 -15.73 9.40
CA LEU A 160 -37.71 -14.67 9.98
C LEU A 160 -38.90 -15.23 10.78
N LYS A 161 -39.50 -16.34 10.32
CA LYS A 161 -40.54 -17.04 11.08
C LYS A 161 -40.04 -17.42 12.47
N GLU A 162 -38.82 -17.96 12.56
CA GLU A 162 -38.24 -18.34 13.84
C GLU A 162 -37.85 -17.13 14.69
N LEU A 163 -37.57 -15.98 14.08
CA LEU A 163 -37.41 -14.70 14.77
C LEU A 163 -38.75 -14.02 15.14
N ASN A 164 -39.86 -14.77 15.08
CA ASN A 164 -41.22 -14.35 15.46
C ASN A 164 -41.84 -13.22 14.62
N PHE A 165 -41.35 -12.98 13.40
CA PHE A 165 -41.99 -12.05 12.46
C PHE A 165 -43.24 -12.64 11.81
N ARG A 166 -44.13 -11.78 11.30
CA ARG A 166 -45.38 -12.17 10.64
C ARG A 166 -45.13 -12.89 9.32
N ALA A 167 -46.09 -13.69 8.87
CA ALA A 167 -45.95 -14.48 7.64
C ALA A 167 -45.74 -13.60 6.40
N ILE A 168 -46.43 -12.45 6.32
CA ILE A 168 -46.27 -11.50 5.21
C ILE A 168 -44.87 -10.87 5.17
N THR A 169 -44.27 -10.63 6.34
CA THR A 169 -42.90 -10.10 6.51
C THR A 169 -41.88 -11.12 6.02
N CYS A 170 -42.07 -12.38 6.42
CA CYS A 170 -41.26 -13.50 5.96
C CYS A 170 -41.35 -13.66 4.44
N ALA A 171 -42.56 -13.54 3.88
CA ALA A 171 -42.82 -13.63 2.44
C ALA A 171 -42.11 -12.52 1.68
N PHE A 172 -42.24 -11.28 2.15
CA PHE A 172 -41.65 -10.11 1.50
C PHE A 172 -40.11 -10.16 1.49
N ALA A 173 -39.46 -10.42 2.62
CA ALA A 173 -38.01 -10.54 2.68
C ALA A 173 -37.48 -11.64 1.76
N SER A 174 -38.21 -12.76 1.67
CA SER A 174 -37.84 -13.89 0.80
C SER A 174 -38.11 -13.57 -0.67
N LEU A 175 -39.16 -12.79 -0.97
CA LEU A 175 -39.48 -12.32 -2.31
C LEU A 175 -38.36 -11.42 -2.86
N LEU A 176 -37.80 -10.54 -2.03
CA LEU A 176 -36.64 -9.70 -2.42
C LEU A 176 -35.44 -10.53 -2.90
N VAL A 177 -35.29 -11.79 -2.49
CA VAL A 177 -34.26 -12.71 -3.01
C VAL A 177 -34.80 -13.59 -4.15
N ALA A 178 -36.07 -13.96 -4.10
CA ALA A 178 -36.70 -14.82 -5.09
C ALA A 178 -36.67 -14.21 -6.50
N ILE A 179 -36.89 -12.89 -6.59
CA ILE A 179 -36.98 -12.11 -7.84
C ILE A 179 -35.93 -10.99 -7.91
N ASP A 180 -34.77 -11.16 -7.24
CA ASP A 180 -33.61 -10.31 -7.48
C ASP A 180 -32.88 -10.77 -8.74
N THR A 181 -32.57 -9.85 -9.64
CA THR A 181 -31.97 -10.16 -10.95
C THR A 181 -30.58 -10.78 -10.80
N ALA A 182 -29.76 -10.33 -9.84
CA ALA A 182 -28.42 -10.87 -9.63
C ALA A 182 -28.46 -12.28 -9.03
N HIS A 183 -29.26 -12.49 -7.97
CA HIS A 183 -29.46 -13.81 -7.37
C HIS A 183 -30.06 -14.79 -8.37
N VAL A 184 -30.99 -14.35 -9.21
CA VAL A 184 -31.54 -15.22 -10.26
C VAL A 184 -30.44 -15.55 -11.26
N THR A 185 -29.79 -14.59 -11.94
CA THR A 185 -28.74 -14.85 -12.94
C THR A 185 -27.66 -15.82 -12.45
N GLU A 186 -27.10 -15.59 -11.26
CA GLU A 186 -26.03 -16.44 -10.70
C GLU A 186 -26.50 -17.86 -10.40
N THR A 187 -27.71 -18.03 -9.86
CA THR A 187 -28.18 -19.34 -9.39
C THR A 187 -28.80 -20.22 -10.49
N ARG A 188 -28.77 -19.80 -11.76
CA ARG A 188 -29.19 -20.64 -12.91
C ARG A 188 -28.04 -21.06 -13.81
N LEU A 189 -26.85 -20.53 -13.60
CA LEU A 189 -25.63 -20.84 -14.36
C LEU A 189 -24.72 -21.77 -13.54
N ILE A 190 -23.73 -22.40 -14.16
CA ILE A 190 -22.81 -23.34 -13.49
C ILE A 190 -21.74 -22.59 -12.68
N LEU A 191 -22.16 -21.97 -11.56
CA LEU A 191 -21.36 -21.12 -10.68
C LEU A 191 -21.32 -21.67 -9.24
N LEU A 192 -20.33 -21.26 -8.45
CA LEU A 192 -20.19 -21.71 -7.05
C LEU A 192 -21.17 -21.01 -6.10
N ASP A 193 -21.73 -19.88 -6.52
CA ASP A 193 -22.44 -18.92 -5.67
C ASP A 193 -23.79 -19.48 -5.18
N ALA A 194 -24.45 -20.35 -5.95
CA ALA A 194 -25.65 -21.05 -5.50
C ALA A 194 -25.39 -21.89 -4.23
N ILE A 195 -24.25 -22.60 -4.19
CA ILE A 195 -23.82 -23.43 -3.06
C ILE A 195 -23.38 -22.54 -1.88
N LEU A 196 -22.72 -21.42 -2.17
CA LEU A 196 -22.31 -20.46 -1.14
C LEU A 196 -23.54 -19.84 -0.45
N ILE A 197 -24.45 -19.27 -1.22
CA ILE A 197 -25.61 -18.51 -0.74
C ILE A 197 -26.56 -19.40 0.07
N ILE A 198 -26.87 -20.62 -0.39
CA ILE A 198 -27.70 -21.54 0.38
C ILE A 198 -27.02 -21.93 1.70
N SER A 199 -25.70 -22.12 1.70
CA SER A 199 -24.94 -22.45 2.91
C SER A 199 -24.92 -21.30 3.92
N ILE A 200 -24.87 -20.04 3.46
CA ILE A 200 -24.99 -18.85 4.30
C ILE A 200 -26.41 -18.75 4.88
N ALA A 201 -27.44 -18.91 4.05
CA ALA A 201 -28.84 -18.92 4.50
C ALA A 201 -29.08 -20.02 5.56
N ALA A 202 -28.59 -21.24 5.31
CA ALA A 202 -28.68 -22.36 6.24
C ALA A 202 -27.93 -22.05 7.55
N THR A 203 -26.77 -21.41 7.48
CA THR A 203 -26.01 -20.99 8.67
C THR A 203 -26.81 -20.02 9.55
N MET A 204 -27.41 -18.99 8.95
CA MET A 204 -28.24 -18.01 9.66
C MET A 204 -29.44 -18.68 10.32
N TYR A 205 -30.16 -19.51 9.56
CA TYR A 205 -31.30 -20.28 10.06
C TYR A 205 -30.92 -21.20 11.22
N CYS A 206 -29.90 -22.04 11.05
CA CYS A 206 -29.44 -22.98 12.07
C CYS A 206 -29.00 -22.25 13.34
N TYR A 207 -28.31 -21.11 13.21
CA TYR A 207 -27.90 -20.32 14.37
C TYR A 207 -29.11 -19.72 15.12
N VAL A 208 -30.11 -19.19 14.41
CA VAL A 208 -31.36 -18.71 15.03
C VAL A 208 -32.06 -19.85 15.79
N ARG A 209 -32.15 -21.04 15.19
CA ARG A 209 -32.73 -22.23 15.85
C ARG A 209 -31.94 -22.62 17.10
N PHE A 210 -30.61 -22.66 17.00
CA PHE A 210 -29.71 -22.89 18.12
C PHE A 210 -29.95 -21.88 19.25
N TYR A 211 -30.02 -20.58 18.91
CA TYR A 211 -30.22 -19.51 19.88
C TYR A 211 -31.57 -19.63 20.60
N LYS A 212 -32.66 -19.95 19.89
CA LYS A 212 -33.95 -20.22 20.55
C LYS A 212 -33.90 -21.43 21.49
N CYS A 213 -33.19 -22.50 21.12
CA CYS A 213 -32.97 -23.63 22.02
C CYS A 213 -32.14 -23.22 23.24
N GLN A 214 -31.13 -22.36 23.05
CA GLN A 214 -30.32 -21.80 24.13
C GLN A 214 -31.16 -20.98 25.12
N LEU A 215 -32.09 -20.16 24.63
CA LEU A 215 -32.99 -19.36 25.47
C LEU A 215 -33.98 -20.23 26.26
N ARG A 216 -34.54 -21.27 25.62
CA ARG A 216 -35.51 -22.17 26.29
C ARG A 216 -34.86 -23.10 27.30
N GLN A 217 -33.91 -23.91 26.85
CA GLN A 217 -33.25 -24.92 27.67
C GLN A 217 -31.93 -25.36 27.03
N PRO A 218 -30.78 -24.89 27.57
CA PRO A 218 -29.48 -25.29 27.06
C PRO A 218 -29.18 -26.77 27.33
N PHE A 219 -28.27 -27.35 26.53
CA PHE A 219 -27.82 -28.74 26.64
C PHE A 219 -28.90 -29.81 26.42
N THR A 220 -30.03 -29.45 25.82
CA THR A 220 -31.00 -30.42 25.28
C THR A 220 -30.47 -31.09 24.02
N TRP A 221 -31.06 -32.21 23.61
CA TRP A 221 -30.70 -32.87 22.36
C TRP A 221 -30.88 -31.92 21.15
N SER A 222 -31.97 -31.17 21.11
CA SER A 222 -32.21 -30.15 20.09
C SER A 222 -31.14 -29.06 20.09
N TRP A 223 -30.66 -28.63 21.26
CA TRP A 223 -29.56 -27.67 21.37
C TRP A 223 -28.28 -28.18 20.69
N TYR A 224 -27.93 -29.45 20.90
CA TYR A 224 -26.78 -30.08 20.24
C TYR A 224 -26.97 -30.20 18.73
N ILE A 225 -28.15 -30.66 18.28
CA ILE A 225 -28.46 -30.77 16.84
C ILE A 225 -28.25 -29.42 16.15
N TRP A 226 -28.84 -28.35 16.67
CA TRP A 226 -28.76 -27.04 16.01
C TRP A 226 -27.36 -26.44 16.10
N LEU A 227 -26.63 -26.65 17.19
CA LEU A 227 -25.23 -26.23 17.29
C LEU A 227 -24.35 -26.87 16.22
N HIS A 228 -24.45 -28.20 16.06
CA HIS A 228 -23.67 -28.93 15.07
C HIS A 228 -24.16 -28.67 13.64
N ALA A 229 -25.45 -28.41 13.44
CA ALA A 229 -26.00 -27.98 12.15
C ALA A 229 -25.46 -26.59 11.76
N THR A 230 -25.35 -25.63 12.70
CA THR A 230 -24.69 -24.34 12.45
C THR A 230 -23.23 -24.56 12.04
N GLY A 231 -22.49 -25.40 12.77
CA GLY A 231 -21.12 -25.73 12.43
C GLY A 231 -20.95 -26.38 11.05
N LEU A 232 -21.81 -27.34 10.73
CA LEU A 232 -21.82 -28.01 9.42
C LEU A 232 -22.03 -27.00 8.29
N SER A 233 -23.05 -26.13 8.42
CA SER A 233 -23.34 -25.09 7.43
C SER A 233 -22.18 -24.09 7.31
N LEU A 234 -21.58 -23.66 8.42
CA LEU A 234 -20.37 -22.83 8.42
C LEU A 234 -19.21 -23.50 7.69
N SER A 235 -19.02 -24.82 7.87
CA SER A 235 -18.02 -25.58 7.14
C SER A 235 -18.25 -25.53 5.63
N PHE A 236 -19.50 -25.68 5.16
CA PHE A 236 -19.83 -25.61 3.73
C PHE A 236 -19.59 -24.21 3.14
N VAL A 237 -19.83 -23.16 3.92
CA VAL A 237 -19.55 -21.78 3.52
C VAL A 237 -18.04 -21.58 3.25
N ILE A 238 -17.17 -21.89 4.21
CA ILE A 238 -15.72 -21.72 4.02
C ILE A 238 -15.11 -22.73 3.04
N SER A 239 -15.71 -23.92 2.90
CA SER A 239 -15.27 -24.93 1.92
C SER A 239 -15.70 -24.58 0.48
N THR A 240 -16.57 -23.59 0.29
CA THR A 240 -16.97 -23.08 -1.03
C THR A 240 -16.07 -21.92 -1.47
N LYS A 241 -15.97 -20.86 -0.66
CA LYS A 241 -15.10 -19.69 -0.94
C LYS A 241 -14.56 -19.12 0.38
N TYR A 242 -13.34 -18.58 0.36
CA TYR A 242 -12.72 -17.98 1.56
C TYR A 242 -13.43 -16.74 2.10
N VAL A 243 -14.24 -16.06 1.27
CA VAL A 243 -15.17 -15.01 1.72
C VAL A 243 -16.13 -15.51 2.81
N GLY A 244 -16.32 -16.83 2.92
CA GLY A 244 -17.04 -17.46 4.01
C GLY A 244 -16.52 -17.16 5.42
N VAL A 245 -15.30 -16.65 5.57
CA VAL A 245 -14.78 -16.12 6.85
C VAL A 245 -15.65 -14.98 7.40
N MET A 246 -16.34 -14.24 6.53
CA MET A 246 -17.27 -13.18 6.93
C MET A 246 -18.49 -13.75 7.65
N THR A 247 -18.97 -14.92 7.22
CA THR A 247 -20.06 -15.64 7.88
C THR A 247 -19.62 -16.21 9.23
N TYR A 248 -18.39 -16.75 9.32
CA TYR A 248 -17.79 -17.12 10.61
C TYR A 248 -17.68 -15.93 11.55
N SER A 249 -17.31 -14.75 11.05
CA SER A 249 -17.20 -13.53 11.84
C SER A 249 -18.56 -13.07 12.37
N ALA A 250 -19.60 -13.09 11.52
CA ALA A 250 -20.96 -12.74 11.90
C ALA A 250 -21.53 -13.66 13.00
N ILE A 251 -21.45 -14.99 12.80
CA ILE A 251 -21.91 -15.96 13.79
C ILE A 251 -21.03 -15.96 15.04
N GLY A 252 -19.71 -15.82 14.86
CA GLY A 252 -18.73 -15.74 15.94
C GLY A 252 -19.00 -14.55 16.85
N PHE A 253 -19.27 -13.37 16.29
CA PHE A 253 -19.65 -12.19 17.06
C PHE A 253 -20.91 -12.44 17.89
N ALA A 254 -21.97 -12.96 17.26
CA ALA A 254 -23.21 -13.27 17.98
C ALA A 254 -23.02 -14.32 19.08
N ALA A 255 -22.19 -15.35 18.83
CA ALA A 255 -21.87 -16.38 19.79
C ALA A 255 -21.05 -15.85 20.98
N VAL A 256 -20.12 -14.93 20.74
CA VAL A 256 -19.32 -14.24 21.76
C VAL A 256 -20.18 -13.31 22.60
N VAL A 257 -21.07 -12.53 21.97
CA VAL A 257 -22.05 -11.69 22.71
C VAL A 257 -22.89 -12.54 23.65
N ASN A 258 -23.40 -13.69 23.17
CA ASN A 258 -24.17 -14.56 24.04
C ASN A 258 -23.31 -15.22 25.13
N LEU A 259 -22.07 -15.64 24.84
CA LEU A 259 -21.16 -16.14 25.87
C LEU A 259 -20.85 -15.06 26.92
N TRP A 260 -20.74 -13.79 26.52
CA TRP A 260 -20.55 -12.66 27.42
C TRP A 260 -21.73 -12.50 28.39
N GLN A 261 -22.97 -12.64 27.90
CA GLN A 261 -24.16 -12.65 28.76
C GLN A 261 -24.17 -13.83 29.75
N LEU A 262 -23.73 -15.01 29.31
CA LEU A 262 -23.65 -16.20 30.17
C LEU A 262 -22.52 -16.14 31.21
N LEU A 263 -21.50 -15.29 30.99
CA LEU A 263 -20.40 -15.05 31.93
C LEU A 263 -20.81 -14.11 33.06
N ASP A 264 -21.82 -13.27 32.86
CA ASP A 264 -22.34 -12.36 33.88
C ASP A 264 -22.82 -13.13 35.11
N ILE A 265 -22.44 -12.68 36.30
CA ILE A 265 -22.87 -13.24 37.59
C ILE A 265 -24.40 -13.26 37.69
N LYS A 266 -25.08 -12.28 37.08
CA LYS A 266 -26.55 -12.20 37.02
C LYS A 266 -27.18 -13.33 36.21
N ALA A 267 -26.43 -14.03 35.34
CA ALA A 267 -26.93 -15.20 34.62
C ALA A 267 -27.14 -16.41 35.56
N GLY A 268 -26.55 -16.38 36.76
CA GLY A 268 -26.71 -17.42 37.78
C GLY A 268 -25.95 -18.72 37.46
N LEU A 269 -24.99 -18.68 36.54
CA LEU A 269 -24.16 -19.83 36.17
C LEU A 269 -22.89 -19.89 37.02
N SER A 270 -22.53 -21.09 37.46
CA SER A 270 -21.19 -21.36 37.99
C SER A 270 -20.15 -21.34 36.87
N LEU A 271 -18.88 -21.10 37.23
CA LEU A 271 -17.79 -21.09 36.24
C LEU A 271 -17.68 -22.43 35.49
N ARG A 272 -17.99 -23.56 36.16
CA ARG A 272 -18.01 -24.89 35.53
C ARG A 272 -19.10 -25.01 34.46
N GLN A 273 -20.29 -24.46 34.71
CA GLN A 273 -21.39 -24.44 33.74
C GLN A 273 -21.07 -23.54 32.55
N PHE A 274 -20.48 -22.37 32.81
CA PHE A 274 -19.98 -21.49 31.75
C PHE A 274 -18.91 -22.20 30.88
N MET A 275 -17.92 -22.83 31.49
CA MET A 275 -16.90 -23.58 30.75
C MET A 275 -17.49 -24.73 29.93
N ARG A 276 -18.55 -25.38 30.41
CA ARG A 276 -19.30 -26.36 29.61
C ARG A 276 -19.93 -25.72 28.36
N HIS A 277 -20.53 -24.54 28.47
CA HIS A 277 -21.04 -23.80 27.30
C HIS A 277 -19.91 -23.47 26.32
N PHE A 278 -18.82 -22.91 26.82
CA PHE A 278 -17.66 -22.53 26.03
C PHE A 278 -17.08 -23.73 25.25
N SER A 279 -16.73 -24.81 25.94
CA SER A 279 -16.11 -25.99 25.31
C SER A 279 -17.02 -26.65 24.27
N LYS A 280 -18.34 -26.72 24.52
CA LYS A 280 -19.28 -27.31 23.56
C LYS A 280 -19.45 -26.42 22.31
N ARG A 281 -19.53 -25.10 22.47
CA ARG A 281 -19.59 -24.17 21.33
C ARG A 281 -18.28 -24.15 20.53
N LEU A 282 -17.12 -24.16 21.19
CA LEU A 282 -15.82 -24.29 20.52
C LEU A 282 -15.76 -25.57 19.67
N ASN A 283 -16.23 -26.68 20.21
CA ASN A 283 -16.28 -27.94 19.47
C ASN A 283 -17.24 -27.89 18.27
N GLY A 284 -18.47 -27.40 18.47
CA GLY A 284 -19.50 -27.37 17.44
C GLY A 284 -19.30 -26.31 16.36
N LEU A 285 -18.69 -25.16 16.68
CA LEU A 285 -18.54 -24.02 15.76
C LEU A 285 -17.12 -23.86 15.19
N VAL A 286 -16.11 -24.56 15.73
CA VAL A 286 -14.71 -24.44 15.26
C VAL A 286 -14.10 -25.80 14.94
N LEU A 287 -14.03 -26.72 15.91
CA LEU A 287 -13.27 -27.96 15.73
C LEU A 287 -13.91 -28.91 14.71
N ILE A 288 -15.20 -29.21 14.84
CA ILE A 288 -15.91 -30.09 13.89
C ILE A 288 -15.95 -29.49 12.48
N PRO A 289 -16.32 -28.20 12.30
CA PRO A 289 -16.28 -27.58 10.98
C PRO A 289 -14.89 -27.63 10.34
N PHE A 290 -13.82 -27.45 11.12
CA PHE A 290 -12.46 -27.58 10.61
C PHE A 290 -12.14 -29.01 10.13
N VAL A 291 -12.59 -30.05 10.85
CA VAL A 291 -12.44 -31.44 10.40
C VAL A 291 -13.18 -31.70 9.09
N ILE A 292 -14.40 -31.17 8.95
CA ILE A 292 -15.19 -31.32 7.71
C ILE A 292 -14.53 -30.55 6.55
N TYR A 293 -13.97 -29.37 6.81
CA TYR A 293 -13.17 -28.65 5.84
C TYR A 293 -11.96 -29.47 5.35
N LEU A 294 -11.20 -30.10 6.26
CA LEU A 294 -10.10 -30.99 5.89
C LEU A 294 -10.58 -32.24 5.14
N PHE A 295 -11.74 -32.78 5.49
CA PHE A 295 -12.33 -33.92 4.80
C PHE A 295 -12.53 -33.66 3.30
N TRP A 296 -12.98 -32.46 2.91
CA TRP A 296 -13.13 -32.12 1.49
C TRP A 296 -11.81 -32.08 0.72
N PHE A 297 -10.72 -31.65 1.36
CA PHE A 297 -9.38 -31.75 0.76
C PHE A 297 -8.89 -33.19 0.67
N TRP A 298 -9.20 -34.03 1.66
CA TRP A 298 -8.87 -35.44 1.60
C TRP A 298 -9.59 -36.14 0.43
N VAL A 299 -10.89 -35.85 0.23
CA VAL A 299 -11.63 -36.33 -0.95
C VAL A 299 -11.00 -35.79 -2.23
N HIS A 300 -10.73 -34.49 -2.32
CA HIS A 300 -10.11 -33.85 -3.48
C HIS A 300 -8.81 -34.55 -3.91
N PHE A 301 -7.87 -34.79 -2.99
CA PHE A 301 -6.61 -35.48 -3.30
C PHE A 301 -6.78 -36.97 -3.59
N THR A 302 -7.85 -37.61 -3.11
CA THR A 302 -8.13 -39.03 -3.36
C THR A 302 -8.76 -39.22 -4.74
N VAL A 303 -9.61 -38.29 -5.16
CA VAL A 303 -10.22 -38.29 -6.49
C VAL A 303 -9.18 -37.91 -7.54
N LEU A 304 -8.45 -36.81 -7.35
CA LEU A 304 -7.42 -36.30 -8.26
C LEU A 304 -6.07 -36.98 -8.01
N ASN A 305 -5.88 -38.15 -8.59
CA ASN A 305 -4.70 -38.99 -8.40
C ASN A 305 -3.81 -39.11 -9.65
N THR A 306 -4.14 -38.38 -10.70
CA THR A 306 -3.44 -38.37 -11.99
C THR A 306 -2.87 -36.99 -12.26
N SER A 307 -1.70 -36.93 -12.90
CA SER A 307 -1.03 -35.70 -13.31
C SER A 307 -1.92 -34.87 -14.24
N GLY A 308 -1.90 -33.54 -14.10
CA GLY A 308 -2.81 -32.65 -14.82
C GLY A 308 -2.35 -31.18 -14.84
N PRO A 309 -3.20 -30.24 -15.28
CA PRO A 309 -2.81 -28.83 -15.43
C PRO A 309 -2.44 -28.14 -14.11
N GLY A 310 -2.80 -28.72 -12.96
CA GLY A 310 -2.44 -28.21 -11.64
C GLY A 310 -0.99 -28.47 -11.22
N ASP A 311 -0.27 -29.34 -11.93
CA ASP A 311 1.06 -29.80 -11.53
C ASP A 311 2.06 -28.63 -11.43
N ALA A 312 1.97 -27.66 -12.35
CA ALA A 312 2.84 -26.49 -12.41
C ALA A 312 2.81 -25.61 -11.15
N PHE A 313 1.77 -25.75 -10.31
CA PHE A 313 1.60 -24.97 -9.09
C PHE A 313 2.14 -25.66 -7.83
N MET A 314 2.56 -26.92 -7.96
CA MET A 314 2.96 -27.77 -6.84
C MET A 314 4.43 -28.18 -6.96
N SER A 315 5.01 -28.58 -5.82
CA SER A 315 6.36 -29.09 -5.76
C SER A 315 6.51 -30.44 -6.49
N ALA A 316 7.75 -30.75 -6.88
CA ALA A 316 8.07 -32.07 -7.43
C ALA A 316 7.68 -33.22 -6.48
N GLU A 317 7.84 -33.04 -5.16
CA GLU A 317 7.45 -34.03 -4.16
C GLU A 317 5.94 -34.30 -4.16
N PHE A 318 5.12 -33.26 -4.32
CA PHE A 318 3.67 -33.41 -4.50
C PHE A 318 3.35 -34.13 -5.82
N GLN A 319 3.99 -33.74 -6.91
CA GLN A 319 3.79 -34.34 -8.23
C GLN A 319 4.17 -35.83 -8.23
N GLU A 320 5.15 -36.27 -7.43
CA GLU A 320 5.49 -37.69 -7.25
C GLU A 320 4.35 -38.54 -6.64
N THR A 321 3.36 -37.90 -6.00
CA THR A 321 2.16 -38.58 -5.50
C THR A 321 1.11 -38.86 -6.58
N LEU A 322 1.26 -38.24 -7.75
CA LEU A 322 0.34 -38.36 -8.88
C LEU A 322 0.83 -39.43 -9.85
N LYS A 323 -0.10 -40.25 -10.31
CA LYS A 323 0.12 -41.17 -11.43
C LYS A 323 0.36 -40.38 -12.71
N ASP A 324 1.09 -40.99 -13.63
CA ASP A 324 1.16 -40.47 -14.99
C ASP A 324 -0.24 -40.48 -15.61
N SER A 325 -0.53 -39.48 -16.44
CA SER A 325 -1.80 -39.48 -17.18
C SER A 325 -1.84 -40.67 -18.15
N PRO A 326 -2.99 -41.31 -18.39
CA PRO A 326 -3.07 -42.38 -19.39
C PRO A 326 -2.60 -41.83 -20.75
N LEU A 327 -2.34 -40.52 -20.82
CA LEU A 327 -1.96 -39.89 -22.10
C LEU A 327 -0.43 -39.83 -22.21
N SER A 328 0.13 -38.63 -22.44
CA SER A 328 1.60 -38.50 -22.59
C SER A 328 2.13 -37.45 -21.60
N VAL A 329 3.32 -37.70 -21.04
CA VAL A 329 3.94 -36.72 -20.09
C VAL A 329 5.36 -36.41 -20.59
N ASP A 330 5.69 -35.12 -20.72
CA ASP A 330 7.03 -34.71 -21.22
C ASP A 330 7.96 -34.47 -20.02
N SER A 331 7.52 -34.85 -18.82
CA SER A 331 8.37 -34.71 -17.61
C SER A 331 9.58 -35.62 -17.76
N LYS A 332 10.49 -35.31 -18.68
CA LYS A 332 11.66 -36.19 -18.95
C LYS A 332 12.76 -35.90 -17.93
N THR A 333 13.32 -36.95 -17.32
CA THR A 333 14.42 -36.77 -16.37
C THR A 333 15.59 -36.12 -17.08
N VAL A 334 16.17 -35.07 -16.49
CA VAL A 334 17.40 -34.43 -16.97
C VAL A 334 18.58 -35.17 -16.38
N ASN A 335 19.49 -35.62 -17.23
CA ASN A 335 20.72 -36.30 -16.86
C ASN A 335 21.93 -35.39 -17.09
N TYR A 336 23.03 -35.69 -16.40
CA TYR A 336 24.31 -35.08 -16.75
C TYR A 336 24.68 -35.41 -18.20
N PHE A 337 25.30 -34.44 -18.88
CA PHE A 337 25.61 -34.42 -20.31
C PHE A 337 24.40 -34.34 -21.25
N ASP A 338 23.19 -34.09 -20.72
CA ASP A 338 22.06 -33.69 -21.54
C ASP A 338 22.25 -32.23 -22.00
N ILE A 339 21.87 -31.96 -23.25
CA ILE A 339 21.78 -30.61 -23.83
C ILE A 339 20.35 -30.14 -23.66
N ILE A 340 20.17 -29.05 -22.93
CA ILE A 340 18.88 -28.53 -22.51
C ILE A 340 18.66 -27.10 -22.96
N THR A 341 17.39 -26.72 -23.10
CA THR A 341 16.97 -25.32 -23.16
C THR A 341 16.33 -24.94 -21.84
N ILE A 342 16.69 -23.76 -21.31
CA ILE A 342 16.20 -23.27 -20.02
C ILE A 342 15.33 -22.05 -20.30
N LYS A 343 14.07 -22.10 -19.87
CA LYS A 343 13.04 -21.10 -20.17
C LYS A 343 12.55 -20.40 -18.91
N HIS A 344 12.44 -19.09 -18.96
CA HIS A 344 11.93 -18.25 -17.90
C HIS A 344 10.41 -18.37 -17.80
N GLN A 345 9.86 -18.48 -16.58
CA GLN A 345 8.43 -18.73 -16.41
C GLN A 345 7.56 -17.51 -16.71
N ASP A 346 8.02 -16.30 -16.36
CA ASP A 346 7.19 -15.10 -16.46
C ASP A 346 7.28 -14.42 -17.83
N THR A 347 8.44 -14.50 -18.50
CA THR A 347 8.68 -13.80 -19.77
C THR A 347 8.73 -14.72 -20.99
N ASP A 348 8.64 -16.04 -20.76
CA ASP A 348 8.82 -17.08 -21.77
C ASP A 348 10.17 -17.06 -22.52
N ALA A 349 11.14 -16.26 -22.07
CA ALA A 349 12.45 -16.14 -22.71
C ALA A 349 13.37 -17.32 -22.36
N PHE A 350 14.14 -17.77 -23.34
CA PHE A 350 15.18 -18.78 -23.15
C PHE A 350 16.49 -18.13 -22.72
N LEU A 351 17.22 -18.80 -21.82
CA LEU A 351 18.61 -18.48 -21.52
C LEU A 351 19.44 -18.65 -22.80
N HIS A 352 20.03 -17.56 -23.27
CA HIS A 352 20.63 -17.46 -24.59
C HIS A 352 22.02 -16.81 -24.49
N SER A 353 22.96 -17.22 -25.36
CA SER A 353 24.25 -16.54 -25.47
C SER A 353 24.77 -16.56 -26.90
N HIS A 354 25.61 -15.60 -27.26
CA HIS A 354 26.21 -15.50 -28.59
C HIS A 354 27.57 -14.80 -28.51
N LEU A 355 28.32 -14.78 -29.61
CA LEU A 355 29.69 -14.23 -29.66
C LEU A 355 29.79 -12.72 -29.40
N ALA A 356 28.69 -11.97 -29.36
CA ALA A 356 28.76 -10.54 -29.02
C ALA A 356 29.11 -10.35 -27.54
N ARG A 357 29.77 -9.21 -27.25
CA ARG A 357 30.33 -8.91 -25.93
C ARG A 357 29.66 -7.69 -25.31
N TYR A 358 29.61 -7.63 -23.99
CA TYR A 358 29.18 -6.43 -23.29
C TYR A 358 30.07 -5.24 -23.66
N PRO A 359 29.53 -4.02 -23.78
CA PRO A 359 30.33 -2.83 -24.05
C PRO A 359 31.21 -2.55 -22.85
N GLN A 360 32.45 -2.10 -23.05
CA GLN A 360 33.41 -1.86 -21.95
C GLN A 360 32.87 -0.93 -20.85
N ARG A 361 31.98 0.00 -21.22
CA ARG A 361 31.22 0.84 -20.29
C ARG A 361 29.75 0.84 -20.69
N TYR A 362 28.87 0.73 -19.70
CA TYR A 362 27.44 0.97 -19.89
C TYR A 362 27.15 2.48 -19.99
N GLU A 363 25.92 2.84 -20.34
CA GLU A 363 25.51 4.23 -20.58
C GLU A 363 25.64 5.13 -19.35
N ASP A 364 25.53 4.56 -18.15
CA ASP A 364 25.72 5.26 -16.87
C ASP A 364 27.19 5.38 -16.44
N GLY A 365 28.12 4.86 -17.24
CA GLY A 365 29.56 4.94 -17.03
C GLY A 365 30.16 3.83 -16.18
N ARG A 366 29.36 2.89 -15.65
CA ARG A 366 29.86 1.68 -14.98
C ARG A 366 30.64 0.81 -15.97
N ILE A 367 31.66 0.13 -15.45
CA ILE A 367 32.56 -0.71 -16.25
C ILE A 367 32.01 -2.14 -16.23
N SER A 368 31.80 -2.71 -17.40
CA SER A 368 31.43 -4.12 -17.57
C SER A 368 32.68 -5.01 -17.60
N SER A 369 32.50 -6.32 -17.62
CA SER A 369 33.62 -7.25 -17.85
C SER A 369 34.15 -7.25 -19.28
N ALA A 370 33.43 -6.63 -20.23
CA ALA A 370 33.61 -6.83 -21.67
C ALA A 370 33.57 -8.33 -22.09
N GLY A 371 32.93 -9.16 -21.25
CA GLY A 371 32.70 -10.59 -21.47
C GLY A 371 31.65 -10.87 -22.53
N GLN A 372 31.43 -12.15 -22.83
CA GLN A 372 30.39 -12.59 -23.75
C GLN A 372 29.00 -12.31 -23.17
N GLN A 373 28.06 -11.86 -24.01
CA GLN A 373 26.71 -11.55 -23.55
C GLN A 373 25.91 -12.82 -23.27
N VAL A 374 25.18 -12.82 -22.16
CA VAL A 374 24.11 -13.76 -21.86
C VAL A 374 22.81 -12.97 -21.77
N THR A 375 21.82 -13.37 -22.55
CA THR A 375 20.57 -12.63 -22.78
C THR A 375 19.37 -13.56 -22.73
N GLY A 376 18.17 -12.98 -22.64
CA GLY A 376 16.90 -13.69 -22.75
C GLY A 376 16.34 -13.54 -24.17
N TYR A 377 16.16 -14.67 -24.86
CA TYR A 377 15.65 -14.68 -26.24
C TYR A 377 14.36 -15.50 -26.32
N THR A 378 13.31 -14.93 -26.91
CA THR A 378 11.96 -15.53 -26.91
C THR A 378 11.74 -16.58 -28.02
N HIS A 379 12.69 -16.73 -28.94
CA HIS A 379 12.58 -17.69 -30.03
C HIS A 379 13.57 -18.85 -29.84
N PRO A 380 13.16 -20.10 -30.12
CA PRO A 380 14.04 -21.25 -30.02
C PRO A 380 15.11 -21.23 -31.14
N ASP A 381 16.37 -21.29 -30.75
CA ASP A 381 17.52 -21.38 -31.66
C ASP A 381 18.67 -22.24 -31.07
N PHE A 382 19.78 -22.34 -31.82
CA PHE A 382 20.95 -23.12 -31.38
C PHE A 382 21.70 -22.46 -30.22
N ASN A 383 21.57 -21.15 -30.05
CA ASN A 383 22.19 -20.36 -28.98
C ASN A 383 21.41 -20.44 -27.65
N ASN A 384 20.29 -21.16 -27.61
CA ASN A 384 19.58 -21.50 -26.38
C ASN A 384 20.07 -22.80 -25.74
N GLN A 385 21.03 -23.49 -26.35
CA GLN A 385 21.42 -24.84 -25.95
C GLN A 385 22.57 -24.82 -24.94
N TRP A 386 22.31 -25.39 -23.77
CA TRP A 386 23.26 -25.52 -22.67
C TRP A 386 23.43 -26.99 -22.32
N GLU A 387 24.68 -27.46 -22.24
CA GLU A 387 24.98 -28.79 -21.74
C GLU A 387 25.15 -28.76 -20.22
N VAL A 388 24.45 -29.65 -19.51
CA VAL A 388 24.57 -29.78 -18.06
C VAL A 388 25.76 -30.67 -17.72
N LEU A 389 26.77 -30.08 -17.11
CA LEU A 389 28.00 -30.77 -16.72
C LEU A 389 28.10 -30.90 -15.21
N PRO A 390 28.67 -31.99 -14.71
CA PRO A 390 28.91 -32.13 -13.30
C PRO A 390 30.12 -31.29 -12.86
N PRO A 391 30.28 -30.99 -11.56
CA PRO A 391 31.46 -30.31 -11.04
C PRO A 391 32.73 -31.10 -11.36
N HIS A 392 33.85 -30.39 -11.51
CA HIS A 392 35.15 -31.00 -11.78
C HIS A 392 35.52 -32.01 -10.68
N GLY A 393 35.99 -33.20 -11.08
CA GLY A 393 36.39 -34.28 -10.17
C GLY A 393 35.25 -35.12 -9.58
N SER A 394 34.01 -34.94 -10.03
CA SER A 394 32.89 -35.80 -9.63
C SER A 394 32.90 -37.13 -10.40
N ASP A 395 32.56 -38.23 -9.71
CA ASP A 395 32.45 -39.58 -10.32
C ASP A 395 31.15 -39.78 -11.13
N VAL A 396 30.43 -38.70 -11.42
CA VAL A 396 29.10 -38.74 -12.02
C VAL A 396 29.20 -38.87 -13.54
N GLY A 397 28.70 -39.99 -14.07
CA GLY A 397 28.79 -40.33 -15.49
C GLY A 397 27.53 -40.01 -16.30
N LYS A 398 27.64 -40.19 -17.62
CA LYS A 398 26.54 -40.04 -18.58
C LYS A 398 25.37 -40.96 -18.24
N GLY A 399 24.16 -40.38 -18.19
CA GLY A 399 22.92 -41.09 -17.90
C GLY A 399 22.47 -41.06 -16.43
N GLN A 400 23.28 -40.50 -15.52
CA GLN A 400 22.85 -40.25 -14.15
C GLN A 400 21.98 -38.99 -14.09
N ALA A 401 20.88 -39.07 -13.34
CA ALA A 401 19.95 -37.97 -13.16
C ALA A 401 20.58 -36.82 -12.36
N VAL A 402 20.31 -35.58 -12.79
CA VAL A 402 20.64 -34.37 -12.04
C VAL A 402 19.65 -34.23 -10.89
N LEU A 403 20.13 -34.00 -9.67
CA LEU A 403 19.27 -33.74 -8.51
C LEU A 403 19.22 -32.24 -8.22
N LEU A 404 18.07 -31.79 -7.72
CA LEU A 404 17.88 -30.41 -7.30
C LEU A 404 18.85 -30.05 -6.16
N ASN A 405 19.35 -28.81 -6.21
CA ASN A 405 20.33 -28.23 -5.29
C ASN A 405 21.75 -28.84 -5.34
N GLN A 406 22.04 -29.71 -6.32
CA GLN A 406 23.41 -30.14 -6.59
C GLN A 406 24.16 -29.12 -7.43
N HIS A 407 25.45 -28.98 -7.17
CA HIS A 407 26.31 -28.12 -7.98
C HIS A 407 26.44 -28.71 -9.38
N ILE A 408 26.37 -27.86 -10.38
CA ILE A 408 26.47 -28.14 -11.80
C ILE A 408 27.28 -27.03 -12.47
N ARG A 409 27.66 -27.26 -13.72
CA ARG A 409 28.17 -26.24 -14.64
C ARG A 409 27.32 -26.28 -15.90
N LEU A 410 27.13 -25.13 -16.53
CA LEU A 410 26.41 -25.04 -17.80
C LEU A 410 27.41 -24.62 -18.88
N ARG A 411 27.56 -25.43 -19.91
CA ARG A 411 28.38 -25.11 -21.07
C ARG A 411 27.49 -24.69 -22.22
N HIS A 412 27.71 -23.49 -22.75
CA HIS A 412 27.00 -23.03 -23.93
C HIS A 412 27.51 -23.79 -25.16
N VAL A 413 26.62 -24.51 -25.84
CA VAL A 413 27.02 -25.45 -26.91
C VAL A 413 27.58 -24.72 -28.12
N ALA A 414 27.05 -23.54 -28.46
CA ALA A 414 27.44 -22.84 -29.68
C ALA A 414 28.80 -22.13 -29.58
N THR A 415 29.17 -21.63 -28.40
CA THR A 415 30.43 -20.90 -28.18
C THR A 415 31.47 -21.69 -27.40
N ASP A 416 31.12 -22.87 -26.90
CA ASP A 416 31.98 -23.74 -26.10
C ASP A 416 32.60 -23.02 -24.88
N THR A 417 31.75 -22.29 -24.16
CA THR A 417 32.10 -21.51 -22.96
C THR A 417 31.25 -21.90 -21.77
N TYR A 418 31.78 -21.78 -20.55
CA TYR A 418 31.01 -22.02 -19.32
C TYR A 418 30.24 -20.76 -18.92
N LEU A 419 28.99 -20.92 -18.50
CA LEU A 419 28.24 -19.86 -17.82
C LEU A 419 29.00 -19.41 -16.57
N LEU A 420 29.03 -18.10 -16.33
CA LEU A 420 29.74 -17.47 -15.23
C LEU A 420 28.95 -16.28 -14.67
N ALA A 421 28.98 -16.12 -13.35
CA ALA A 421 28.53 -14.91 -12.67
C ALA A 421 29.64 -14.42 -11.74
N HIS A 422 29.77 -13.10 -11.62
CA HIS A 422 30.86 -12.43 -10.91
C HIS A 422 30.42 -11.11 -10.29
N ASP A 423 31.26 -10.53 -9.43
CA ASP A 423 31.01 -9.23 -8.80
C ASP A 423 31.23 -8.04 -9.78
N VAL A 424 30.50 -8.06 -10.88
CA VAL A 424 30.37 -6.97 -11.86
C VAL A 424 28.90 -6.65 -11.97
N ALA A 425 28.53 -5.37 -11.91
CA ALA A 425 27.12 -4.98 -11.93
C ALA A 425 26.48 -5.16 -13.32
N SER A 426 25.22 -5.56 -13.37
CA SER A 426 24.46 -5.75 -14.62
C SER A 426 24.12 -4.43 -15.34
N PRO A 427 23.89 -4.43 -16.67
CA PRO A 427 23.57 -3.22 -17.44
C PRO A 427 22.52 -2.30 -16.83
N PHE A 428 21.34 -2.80 -16.45
CA PHE A 428 20.23 -1.97 -15.97
C PHE A 428 20.15 -1.90 -14.45
N TYR A 429 20.60 -2.92 -13.72
CA TYR A 429 20.46 -2.99 -12.27
C TYR A 429 21.84 -2.96 -11.57
N PRO A 430 22.26 -1.81 -10.99
CA PRO A 430 23.55 -1.66 -10.32
C PRO A 430 23.80 -2.61 -9.15
N THR A 431 22.74 -3.13 -8.54
CA THR A 431 22.82 -4.05 -7.41
C THR A 431 22.90 -5.52 -7.82
N ASN A 432 22.54 -5.84 -9.07
CA ASN A 432 22.50 -7.19 -9.60
C ASN A 432 23.78 -7.47 -10.38
N GLU A 433 24.13 -8.73 -10.52
CA GLU A 433 25.38 -9.15 -11.17
C GLU A 433 25.19 -9.34 -12.68
N GLU A 434 26.21 -8.98 -13.45
CA GLU A 434 26.31 -9.32 -14.86
C GLU A 434 26.51 -10.84 -14.99
N ILE A 435 25.77 -11.46 -15.90
CA ILE A 435 25.94 -12.87 -16.24
C ILE A 435 26.67 -12.95 -17.58
N THR A 436 27.76 -13.70 -17.63
CA THR A 436 28.60 -13.83 -18.81
C THR A 436 29.00 -15.29 -19.04
N THR A 437 29.96 -15.53 -19.93
CA THR A 437 30.57 -16.84 -20.11
C THR A 437 32.09 -16.73 -20.19
N VAL A 438 32.78 -17.79 -19.80
CA VAL A 438 34.23 -17.90 -19.76
C VAL A 438 34.74 -19.07 -20.61
N THR A 439 35.97 -19.00 -21.10
CA THR A 439 36.58 -20.11 -21.85
C THR A 439 36.75 -21.36 -20.97
N LEU A 440 36.84 -22.54 -21.59
CA LEU A 440 37.00 -23.79 -20.83
C LEU A 440 38.28 -23.80 -19.98
N GLU A 441 39.38 -23.25 -20.51
CA GLU A 441 40.68 -23.21 -19.84
C GLU A 441 40.64 -22.33 -18.58
N GLU A 442 40.06 -21.14 -18.67
CA GLU A 442 39.92 -20.21 -17.55
C GLU A 442 38.92 -20.71 -16.51
N GLY A 443 37.80 -21.28 -16.97
CA GLY A 443 36.76 -21.85 -16.12
C GLY A 443 37.21 -23.14 -15.41
N ASP A 444 38.16 -23.89 -15.95
CA ASP A 444 38.79 -25.05 -15.28
C ASP A 444 39.99 -24.62 -14.41
N GLY A 445 40.38 -23.35 -14.47
CA GLY A 445 41.46 -22.73 -13.71
C GLY A 445 40.95 -21.94 -12.51
N GLU A 446 41.38 -20.68 -12.42
CA GLU A 446 41.11 -19.80 -11.26
C GLU A 446 39.62 -19.44 -11.11
N LEU A 447 38.88 -19.33 -12.22
CA LEU A 447 37.47 -18.93 -12.23
C LEU A 447 36.51 -20.10 -12.00
N TYR A 448 37.02 -21.28 -11.65
CA TYR A 448 36.20 -22.46 -11.41
C TYR A 448 35.03 -22.22 -10.43
N PRO A 449 35.21 -21.56 -9.25
CA PRO A 449 34.12 -21.30 -8.32
C PRO A 449 32.98 -20.48 -8.93
N GLU A 450 33.30 -19.52 -9.82
CA GLU A 450 32.36 -18.61 -10.49
C GLU A 450 31.56 -19.29 -11.62
N THR A 451 31.90 -20.54 -11.95
CA THR A 451 31.15 -21.35 -12.94
C THR A 451 30.18 -22.32 -12.29
N LEU A 452 30.10 -22.36 -10.95
CA LEU A 452 29.25 -23.29 -10.22
C LEU A 452 27.85 -22.72 -10.03
N PHE A 453 26.88 -23.44 -10.56
CA PHE A 453 25.46 -23.16 -10.40
C PHE A 453 24.75 -24.33 -9.72
N ALA A 454 23.52 -24.10 -9.27
CA ALA A 454 22.63 -25.14 -8.82
C ALA A 454 21.21 -24.88 -9.34
N PHE A 455 20.51 -25.95 -9.71
CA PHE A 455 19.07 -25.89 -9.89
C PHE A 455 18.40 -25.90 -8.51
N GLN A 456 18.28 -24.73 -7.90
CA GLN A 456 17.75 -24.57 -6.56
C GLN A 456 16.23 -24.76 -6.58
N PRO A 457 15.66 -25.67 -5.78
CA PRO A 457 14.23 -25.89 -5.75
C PRO A 457 13.48 -24.69 -5.18
N LEU A 458 12.23 -24.49 -5.62
CA LEU A 458 11.39 -23.43 -5.07
C LEU A 458 11.04 -23.67 -3.59
N LYS A 459 10.90 -24.95 -3.22
CA LYS A 459 10.63 -25.42 -1.86
C LYS A 459 11.79 -26.23 -1.34
N LYS A 460 12.19 -25.98 -0.08
CA LYS A 460 13.24 -26.77 0.59
C LYS A 460 12.91 -28.27 0.70
N SER A 461 11.63 -28.63 0.72
CA SER A 461 11.19 -30.04 0.72
C SER A 461 11.61 -30.80 -0.53
N ASP A 462 11.92 -30.08 -1.61
CA ASP A 462 12.17 -30.69 -2.91
C ASP A 462 13.66 -30.89 -3.19
N GLU A 463 14.54 -30.47 -2.26
CA GLU A 463 15.98 -30.70 -2.34
C GLU A 463 16.31 -32.20 -2.49
N GLY A 464 17.20 -32.53 -3.43
CA GLY A 464 17.59 -33.92 -3.71
C GLY A 464 16.61 -34.68 -4.60
N HIS A 465 15.46 -34.13 -5.00
CA HIS A 465 14.63 -34.75 -6.03
C HIS A 465 15.28 -34.67 -7.41
N VAL A 466 14.92 -35.63 -8.27
CA VAL A 466 15.34 -35.69 -9.67
C VAL A 466 14.75 -34.52 -10.46
N LEU A 467 15.61 -33.76 -11.15
CA LEU A 467 15.21 -32.73 -12.08
C LEU A 467 14.51 -33.35 -13.30
N LYS A 468 13.37 -32.79 -13.69
CA LYS A 468 12.62 -33.19 -14.88
C LYS A 468 12.24 -31.98 -15.71
N SER A 469 12.30 -32.11 -17.03
CA SER A 469 11.82 -31.08 -17.95
C SER A 469 10.34 -30.78 -17.75
N LYS A 470 9.93 -29.54 -18.04
CA LYS A 470 8.57 -28.99 -18.06
C LYS A 470 7.81 -28.96 -16.73
N THR A 471 8.11 -29.86 -15.80
CA THR A 471 7.36 -30.04 -14.55
C THR A 471 8.03 -29.46 -13.32
N VAL A 472 9.36 -29.36 -13.31
CA VAL A 472 10.12 -28.91 -12.14
C VAL A 472 10.59 -27.49 -12.41
N SER A 473 9.97 -26.53 -11.73
CA SER A 473 10.48 -25.16 -11.64
C SER A 473 11.64 -25.08 -10.65
N PHE A 474 12.63 -24.25 -10.94
CA PHE A 474 13.79 -24.00 -10.09
C PHE A 474 14.28 -22.56 -10.25
N ARG A 475 15.12 -22.11 -9.33
CA ARG A 475 15.95 -20.91 -9.49
C ARG A 475 17.31 -21.37 -9.96
N LEU A 476 17.85 -20.73 -10.99
CA LEU A 476 19.22 -20.99 -11.43
C LEU A 476 20.17 -20.18 -10.53
N PHE A 477 20.65 -20.82 -9.47
CA PHE A 477 21.36 -20.19 -8.37
C PHE A 477 22.87 -20.27 -8.59
N HIS A 478 23.56 -19.14 -8.48
CA HIS A 478 25.01 -19.08 -8.52
C HIS A 478 25.61 -19.33 -7.14
N VAL A 479 26.53 -20.29 -7.03
CA VAL A 479 27.01 -20.81 -5.74
C VAL A 479 27.91 -19.81 -5.02
N ASP A 480 28.82 -19.14 -5.74
CA ASP A 480 29.85 -18.29 -5.12
C ASP A 480 29.26 -16.98 -4.57
N THR A 481 28.54 -16.22 -5.40
CA THR A 481 27.97 -14.91 -5.02
C THR A 481 26.56 -14.98 -4.44
N SER A 482 25.94 -16.17 -4.41
CA SER A 482 24.60 -16.39 -3.84
C SER A 482 23.48 -15.56 -4.48
N VAL A 483 23.53 -15.37 -5.80
CA VAL A 483 22.48 -14.71 -6.60
C VAL A 483 21.67 -15.73 -7.41
N ALA A 484 20.45 -15.38 -7.81
CA ALA A 484 19.65 -16.16 -8.75
C ALA A 484 19.58 -15.46 -10.11
N LEU A 485 19.70 -16.22 -11.19
CA LEU A 485 19.50 -15.68 -12.53
C LEU A 485 18.05 -15.22 -12.71
N TRP A 486 17.91 -14.04 -13.29
CA TRP A 486 16.65 -13.34 -13.47
C TRP A 486 16.61 -12.61 -14.79
N THR A 487 15.41 -12.39 -15.32
CA THR A 487 15.17 -11.61 -16.53
C THR A 487 13.83 -10.89 -16.46
N HIS A 488 13.68 -9.86 -17.28
CA HIS A 488 12.51 -8.99 -17.33
C HIS A 488 12.24 -8.55 -18.78
N ASN A 489 11.05 -8.03 -19.03
CA ASN A 489 10.60 -7.63 -20.37
C ASN A 489 9.96 -6.23 -20.41
N ASP A 490 10.08 -5.45 -19.34
CA ASP A 490 9.67 -4.05 -19.26
C ASP A 490 10.65 -3.12 -19.97
N GLU A 491 11.94 -3.47 -19.97
CA GLU A 491 12.99 -2.77 -20.72
C GLU A 491 13.93 -3.77 -21.42
N LEU A 492 14.23 -3.52 -22.69
CA LEU A 492 15.10 -4.38 -23.50
C LEU A 492 16.49 -3.76 -23.65
N LEU A 493 17.51 -4.60 -23.80
CA LEU A 493 18.89 -4.12 -23.99
C LEU A 493 18.98 -3.21 -25.23
N PRO A 494 19.90 -2.21 -25.25
CA PRO A 494 20.08 -1.34 -26.41
C PRO A 494 20.57 -2.10 -27.65
N ASP A 495 20.83 -1.38 -28.75
CA ASP A 495 21.25 -1.97 -30.03
C ASP A 495 22.46 -2.92 -29.92
N TRP A 496 23.39 -2.68 -28.99
CA TRP A 496 24.53 -3.56 -28.75
C TRP A 496 24.16 -4.93 -28.16
N GLY A 497 23.00 -5.04 -27.53
CA GLY A 497 22.40 -6.28 -27.01
C GLY A 497 21.21 -6.77 -27.84
N PHE A 498 21.09 -6.30 -29.09
CA PHE A 498 20.09 -6.74 -30.08
C PHE A 498 18.64 -6.62 -29.63
N GLN A 499 18.30 -5.72 -28.69
CA GLN A 499 16.95 -5.61 -28.12
C GLN A 499 16.45 -6.91 -27.50
N GLN A 500 17.35 -7.71 -26.96
CA GLN A 500 17.02 -8.92 -26.20
C GLN A 500 16.81 -8.57 -24.71
N GLN A 501 16.22 -9.49 -23.96
CA GLN A 501 16.04 -9.31 -22.51
C GLN A 501 17.40 -9.41 -21.82
N GLU A 502 17.59 -8.63 -20.76
CA GLU A 502 18.75 -8.73 -19.89
C GLU A 502 18.66 -10.00 -19.03
N ILE A 503 19.78 -10.73 -18.89
CA ILE A 503 19.92 -11.77 -17.87
C ILE A 503 20.90 -11.25 -16.83
N ASN A 504 20.46 -11.19 -15.57
CA ASN A 504 21.28 -10.69 -14.47
C ASN A 504 21.16 -11.58 -13.22
N GLY A 505 22.11 -11.44 -12.30
CA GLY A 505 22.14 -12.12 -11.01
C GLY A 505 21.42 -11.31 -9.93
N ASN A 506 20.16 -11.65 -9.68
CA ASN A 506 19.33 -10.99 -8.67
C ASN A 506 19.70 -11.46 -7.25
N LYS A 507 20.04 -10.51 -6.39
CA LYS A 507 20.35 -10.76 -4.96
C LYS A 507 19.11 -11.13 -4.14
N LYS A 508 17.91 -10.76 -4.60
CA LYS A 508 16.64 -11.19 -3.99
C LYS A 508 16.30 -12.60 -4.48
N VAL A 509 17.08 -13.60 -4.08
CA VAL A 509 16.98 -14.99 -4.56
C VAL A 509 15.55 -15.54 -4.47
N ILE A 510 14.83 -15.25 -3.38
CA ILE A 510 13.52 -15.84 -3.11
C ILE A 510 12.41 -15.27 -4.03
N ASP A 511 12.69 -14.19 -4.77
CA ASP A 511 11.74 -13.55 -5.68
C ASP A 511 11.13 -14.59 -6.66
N PRO A 512 9.79 -14.71 -6.72
CA PRO A 512 9.12 -15.64 -7.63
C PRO A 512 9.40 -15.39 -9.10
N SER A 513 9.77 -14.17 -9.47
CA SER A 513 10.18 -13.86 -10.84
C SER A 513 11.54 -14.47 -11.21
N ASN A 514 12.29 -15.09 -10.28
CA ASN A 514 13.55 -15.78 -10.60
C ASN A 514 13.33 -17.25 -11.04
N ASN A 515 12.12 -17.63 -11.44
CA ASN A 515 11.77 -19.02 -11.70
C ASN A 515 12.01 -19.41 -13.16
N TRP A 516 12.67 -20.55 -13.34
CA TRP A 516 13.01 -21.16 -14.61
C TRP A 516 12.52 -22.59 -14.67
N VAL A 517 12.39 -23.11 -15.89
CA VAL A 517 12.09 -24.52 -16.17
C VAL A 517 12.99 -25.02 -17.30
N VAL A 518 13.37 -26.30 -17.26
CA VAL A 518 13.96 -26.94 -18.44
C VAL A 518 12.83 -27.22 -19.43
N ASP A 519 12.86 -26.60 -20.60
CA ASP A 519 11.79 -26.73 -21.60
C ASP A 519 11.95 -28.01 -22.44
N GLU A 520 13.11 -28.18 -23.07
CA GLU A 520 13.44 -29.32 -23.93
C GLU A 520 14.81 -29.92 -23.59
N ILE A 521 14.93 -31.24 -23.82
CA ILE A 521 16.20 -31.97 -23.85
C ILE A 521 16.49 -32.31 -25.33
N VAL A 522 17.42 -31.61 -25.94
CA VAL A 522 17.69 -31.65 -27.39
C VAL A 522 18.31 -32.99 -27.81
N ASN A 523 19.22 -33.54 -27.01
CA ASN A 523 19.97 -34.76 -27.31
C ASN A 523 19.35 -36.03 -26.68
N LEU A 524 18.03 -36.08 -26.55
CA LEU A 524 17.33 -37.19 -25.90
C LEU A 524 17.42 -38.50 -26.70
N ASP A 525 17.86 -39.59 -26.06
CA ASP A 525 17.92 -40.93 -26.67
C ASP A 525 16.53 -41.47 -27.04
N GLU A 526 16.41 -42.23 -28.14
CA GLU A 526 15.14 -42.81 -28.62
C GLU A 526 14.40 -43.64 -27.56
N VAL A 527 15.13 -44.34 -26.68
CA VAL A 527 14.55 -45.13 -25.59
C VAL A 527 13.86 -44.23 -24.56
N ARG A 528 14.43 -43.05 -24.28
CA ARG A 528 13.89 -42.05 -23.34
C ARG A 528 12.71 -41.27 -23.95
N LYS A 529 12.57 -41.23 -25.28
CA LYS A 529 11.44 -40.58 -25.97
C LYS A 529 10.11 -41.31 -25.74
N VAL A 530 10.15 -42.64 -25.74
CA VAL A 530 8.92 -43.46 -25.49
C VAL A 530 8.51 -43.28 -24.02
N TYR A 531 7.24 -43.58 -23.71
CA TYR A 531 6.70 -43.36 -22.34
C TYR A 531 7.48 -44.19 -21.32
N ILE A 532 7.64 -43.66 -20.10
CA ILE A 532 8.33 -44.43 -19.01
C ILE A 532 7.43 -44.36 -17.78
N PRO A 533 7.13 -45.50 -17.10
CA PRO A 533 6.21 -45.49 -15.95
C PRO A 533 6.76 -44.68 -14.77
N LYS A 534 5.98 -44.60 -13.68
CA LYS A 534 6.41 -43.85 -12.50
C LYS A 534 5.95 -44.56 -11.23
N VAL A 535 6.89 -44.73 -10.30
CA VAL A 535 6.58 -45.26 -8.97
C VAL A 535 5.98 -44.13 -8.14
N VAL A 536 4.69 -44.22 -7.84
CA VAL A 536 3.98 -43.26 -6.99
C VAL A 536 4.55 -43.28 -5.57
N LYS A 537 5.03 -42.14 -5.09
CA LYS A 537 5.53 -42.00 -3.71
C LYS A 537 4.45 -41.36 -2.82
N PRO A 538 4.16 -41.91 -1.63
CA PRO A 538 3.14 -41.34 -0.76
C PRO A 538 3.64 -40.08 -0.06
N LEU A 539 2.75 -39.10 0.13
CA LEU A 539 2.98 -37.90 0.93
C LEU A 539 1.94 -37.85 2.07
N PRO A 540 2.32 -37.51 3.31
CA PRO A 540 1.36 -37.34 4.40
C PRO A 540 0.32 -36.27 4.06
N PHE A 541 -0.96 -36.57 4.34
CA PHE A 541 -2.09 -35.69 4.01
C PHE A 541 -1.89 -34.24 4.48
N LEU A 542 -1.48 -34.03 5.74
CA LEU A 542 -1.30 -32.67 6.27
C LEU A 542 -0.21 -31.89 5.54
N LYS A 543 0.86 -32.54 5.09
CA LYS A 543 1.91 -31.89 4.30
C LYS A 543 1.36 -31.48 2.93
N LYS A 544 0.64 -32.41 2.26
CA LYS A 544 -0.06 -32.17 0.99
C LYS A 544 -1.04 -31.00 1.10
N TRP A 545 -1.86 -30.99 2.14
CA TRP A 545 -2.84 -29.92 2.41
C TRP A 545 -2.18 -28.57 2.71
N ILE A 546 -1.14 -28.52 3.56
CA ILE A 546 -0.42 -27.27 3.89
C ILE A 546 0.19 -26.65 2.64
N GLU A 547 0.82 -27.46 1.77
CA GLU A 547 1.40 -27.00 0.52
C GLU A 547 0.33 -26.39 -0.39
N THR A 548 -0.73 -27.15 -0.69
CA THR A 548 -1.84 -26.65 -1.50
C THR A 548 -2.45 -25.38 -0.92
N GLN A 549 -2.61 -25.31 0.42
CA GLN A 549 -3.19 -24.14 1.07
C GLN A 549 -2.32 -22.89 0.96
N LYS A 550 -1.00 -23.03 1.12
CA LYS A 550 -0.07 -21.92 0.91
C LYS A 550 -0.15 -21.43 -0.54
N SER A 551 -0.10 -22.35 -1.50
CA SER A 551 -0.23 -22.01 -2.92
C SER A 551 -1.56 -21.29 -3.20
N MET A 552 -2.68 -21.74 -2.62
CA MET A 552 -3.99 -21.09 -2.75
C MET A 552 -3.96 -19.62 -2.28
N PHE A 553 -3.44 -19.36 -1.09
CA PHE A 553 -3.38 -17.98 -0.57
C PHE A 553 -2.39 -17.10 -1.34
N GLU A 554 -1.23 -17.63 -1.71
CA GLU A 554 -0.23 -16.88 -2.50
C GLU A 554 -0.77 -16.48 -3.88
N HIS A 555 -1.42 -17.39 -4.59
CA HIS A 555 -2.00 -17.09 -5.91
C HIS A 555 -3.22 -16.18 -5.82
N ASN A 556 -4.07 -16.36 -4.79
CA ASN A 556 -5.22 -15.46 -4.58
C ASN A 556 -4.77 -14.01 -4.33
N ASN A 557 -3.70 -13.81 -3.56
CA ASN A 557 -3.15 -12.48 -3.31
C ASN A 557 -2.48 -11.83 -4.53
N LYS A 558 -2.07 -12.62 -5.53
CA LYS A 558 -1.46 -12.14 -6.79
C LYS A 558 -2.49 -11.76 -7.87
N LEU A 559 -3.79 -12.00 -7.65
CA LEU A 559 -4.87 -11.60 -8.56
C LEU A 559 -5.14 -10.07 -8.45
N SER A 560 -4.17 -9.28 -8.91
CA SER A 560 -4.19 -7.82 -8.87
C SER A 560 -4.09 -7.18 -10.26
N SER A 561 -4.24 -7.95 -11.34
CA SER A 561 -4.34 -7.39 -12.69
C SER A 561 -5.54 -6.43 -12.79
N GLU A 562 -5.67 -5.64 -13.84
CA GLU A 562 -6.88 -4.84 -14.09
C GLU A 562 -7.88 -5.70 -14.87
N HIS A 563 -9.15 -5.68 -14.47
CA HIS A 563 -10.23 -6.34 -15.20
C HIS A 563 -11.34 -5.31 -15.46
N PRO A 564 -11.86 -5.19 -16.70
CA PRO A 564 -12.83 -4.14 -17.06
C PRO A 564 -14.09 -4.11 -16.17
N PHE A 565 -14.56 -5.28 -15.75
CA PHE A 565 -15.75 -5.42 -14.91
C PHE A 565 -15.47 -5.43 -13.39
N ALA A 566 -14.23 -5.18 -12.96
CA ALA A 566 -13.93 -5.06 -11.53
C ALA A 566 -14.68 -3.86 -10.93
N SER A 567 -15.18 -4.01 -9.72
CA SER A 567 -15.93 -2.95 -9.04
C SER A 567 -15.57 -2.83 -7.57
N GLU A 568 -15.60 -1.60 -7.07
CA GLU A 568 -15.22 -1.29 -5.70
C GLU A 568 -16.41 -1.35 -4.74
N PRO A 569 -16.18 -1.67 -3.45
CA PRO A 569 -17.25 -1.88 -2.47
C PRO A 569 -18.27 -0.74 -2.37
N TYR A 570 -17.84 0.51 -2.56
CA TYR A 570 -18.73 1.67 -2.46
C TYR A 570 -19.85 1.66 -3.52
N SER A 571 -19.65 1.01 -4.67
CA SER A 571 -20.64 0.97 -5.75
C SER A 571 -21.66 -0.15 -5.59
N TRP A 572 -21.37 -1.15 -4.75
CA TRP A 572 -22.20 -2.36 -4.65
C TRP A 572 -23.58 -2.09 -4.10
N PRO A 573 -23.81 -1.45 -2.93
CA PRO A 573 -25.17 -1.29 -2.41
C PRO A 573 -26.12 -0.54 -3.35
N GLY A 574 -25.58 0.30 -4.24
CA GLY A 574 -26.34 1.00 -5.28
C GLY A 574 -26.55 0.20 -6.57
N SER A 575 -25.86 -0.93 -6.74
CA SER A 575 -25.78 -1.72 -7.97
C SER A 575 -25.46 -0.85 -9.20
N LEU A 576 -24.47 0.06 -9.06
CA LEU A 576 -24.19 1.13 -10.02
C LEU A 576 -23.56 0.64 -11.34
N SER A 577 -22.92 -0.54 -11.32
CA SER A 577 -22.35 -1.22 -12.48
C SER A 577 -22.62 -2.71 -12.39
N GLY A 578 -22.57 -3.40 -13.52
CA GLY A 578 -22.75 -4.85 -13.62
C GLY A 578 -21.64 -5.54 -14.40
N VAL A 579 -21.86 -6.81 -14.75
CA VAL A 579 -20.87 -7.65 -15.43
C VAL A 579 -21.53 -8.33 -16.64
N SER A 580 -20.90 -8.25 -17.81
CA SER A 580 -21.35 -9.01 -18.98
C SER A 580 -20.99 -10.48 -18.82
N PHE A 581 -21.99 -11.36 -18.91
CA PHE A 581 -21.80 -12.80 -18.73
C PHE A 581 -21.75 -13.55 -20.07
N TRP A 582 -22.51 -13.09 -21.05
CA TRP A 582 -22.59 -13.71 -22.37
C TRP A 582 -23.18 -12.74 -23.39
N THR A 583 -22.76 -12.88 -24.65
CA THR A 583 -23.26 -12.11 -25.79
C THR A 583 -23.30 -12.99 -27.02
N ASN A 584 -24.38 -12.89 -27.80
CA ASN A 584 -24.48 -13.46 -29.14
C ASN A 584 -24.62 -12.30 -30.15
N GLY A 585 -23.61 -12.16 -31.01
CA GLY A 585 -23.52 -11.07 -31.99
C GLY A 585 -24.58 -11.13 -33.08
N ASP A 586 -24.91 -12.33 -33.55
CA ASP A 586 -25.84 -12.55 -34.66
C ASP A 586 -27.29 -12.25 -34.26
N GLU A 587 -27.70 -12.72 -33.08
CA GLU A 587 -29.04 -12.51 -32.54
C GLU A 587 -29.18 -11.21 -31.73
N LYS A 588 -28.07 -10.50 -31.48
CA LYS A 588 -27.99 -9.32 -30.58
C LYS A 588 -28.59 -9.59 -29.19
N LYS A 589 -28.24 -10.73 -28.61
CA LYS A 589 -28.71 -11.15 -27.28
C LYS A 589 -27.57 -11.13 -26.26
N GLN A 590 -27.88 -10.87 -25.00
CA GLN A 590 -26.87 -10.80 -23.95
C GLN A 590 -27.41 -11.18 -22.57
N ILE A 591 -26.55 -11.75 -21.74
CA ILE A 591 -26.79 -11.91 -20.30
C ILE A 591 -25.93 -10.88 -19.55
N TYR A 592 -26.57 -10.12 -18.68
CA TYR A 592 -25.92 -9.08 -17.87
C TYR A 592 -26.25 -9.26 -16.38
N PHE A 593 -25.21 -9.35 -15.57
CA PHE A 593 -25.31 -9.53 -14.13
C PHE A 593 -25.44 -8.17 -13.43
N ILE A 594 -26.61 -7.91 -12.85
CA ILE A 594 -26.92 -6.71 -12.08
C ILE A 594 -27.98 -7.00 -11.03
N GLY A 595 -27.97 -6.27 -9.91
CA GLY A 595 -28.98 -6.35 -8.86
C GLY A 595 -30.32 -5.71 -9.25
N ASN A 596 -31.39 -6.07 -8.55
CA ASN A 596 -32.67 -5.40 -8.70
C ASN A 596 -32.60 -4.03 -8.02
N ILE A 597 -32.33 -2.97 -8.79
CA ILE A 597 -31.97 -1.65 -8.25
C ILE A 597 -33.02 -1.08 -7.29
N ILE A 598 -34.32 -1.28 -7.58
CA ILE A 598 -35.38 -0.86 -6.66
C ILE A 598 -35.27 -1.60 -5.32
N GLY A 599 -35.05 -2.92 -5.36
CA GLY A 599 -34.86 -3.74 -4.17
C GLY A 599 -33.61 -3.35 -3.37
N TRP A 600 -32.50 -3.08 -4.05
CA TRP A 600 -31.22 -2.72 -3.43
C TRP A 600 -31.30 -1.33 -2.78
N TRP A 601 -31.89 -0.41 -3.51
CA TRP A 601 -31.99 0.90 -2.85
C TRP A 601 -32.92 0.75 -1.64
N PHE A 602 -34.11 0.22 -1.83
CA PHE A 602 -35.00 0.00 -0.68
C PHE A 602 -34.25 -0.53 0.54
N GLN A 603 -33.27 -1.42 0.35
CA GLN A 603 -32.43 -1.93 1.44
C GLN A 603 -31.45 -0.87 1.97
N VAL A 604 -30.83 -0.08 1.10
CA VAL A 604 -29.97 1.06 1.52
C VAL A 604 -30.76 2.04 2.38
N ILE A 605 -31.97 2.41 1.95
CA ILE A 605 -32.88 3.26 2.73
C ILE A 605 -33.21 2.60 4.08
N SER A 606 -33.50 1.31 4.08
CA SER A 606 -33.80 0.56 5.31
C SER A 606 -32.62 0.60 6.31
N LEU A 607 -31.39 0.37 5.83
CA LEU A 607 -30.18 0.45 6.67
C LEU A 607 -29.99 1.86 7.25
N ALA A 608 -30.17 2.90 6.44
CA ALA A 608 -30.06 4.29 6.88
C ALA A 608 -31.13 4.66 7.94
N VAL A 609 -32.39 4.26 7.70
CA VAL A 609 -33.51 4.48 8.64
C VAL A 609 -33.24 3.80 9.98
N PHE A 610 -32.75 2.55 9.98
CA PHE A 610 -32.41 1.86 11.22
C PHE A 610 -31.31 2.56 12.01
N VAL A 611 -30.23 2.99 11.36
CA VAL A 611 -29.17 3.76 12.04
C VAL A 611 -29.76 5.03 12.65
N GLY A 612 -30.63 5.73 11.92
CA GLY A 612 -31.37 6.89 12.45
C GLY A 612 -32.22 6.56 13.69
N ILE A 613 -32.95 5.43 13.67
CA ILE A 613 -33.76 4.96 14.81
C ILE A 613 -32.88 4.66 16.03
N ILE A 614 -31.76 3.93 15.85
CA ILE A 614 -30.85 3.58 16.94
C ILE A 614 -30.22 4.84 17.54
N VAL A 615 -29.74 5.77 16.71
CA VAL A 615 -29.17 7.04 17.19
C VAL A 615 -30.22 7.86 17.94
N ALA A 616 -31.44 7.95 17.43
CA ALA A 616 -32.53 8.65 18.09
C ALA A 616 -32.91 8.02 19.44
N ASP A 617 -33.02 6.69 19.53
CA ASP A 617 -33.26 5.95 20.78
C ASP A 617 -32.16 6.22 21.81
N LEU A 618 -30.88 6.16 21.41
CA LEU A 618 -29.75 6.44 22.29
C LEU A 618 -29.75 7.88 22.81
N ILE A 619 -30.00 8.86 21.94
CA ILE A 619 -30.06 10.28 22.32
C ILE A 619 -31.22 10.54 23.29
N THR A 620 -32.42 10.06 22.96
CA THR A 620 -33.62 10.28 23.77
C THR A 620 -33.50 9.64 25.15
N ARG A 621 -32.99 8.40 25.23
CA ARG A 621 -32.70 7.76 26.53
C ARG A 621 -31.70 8.53 27.36
N HIS A 622 -30.63 9.04 26.74
CA HIS A 622 -29.64 9.84 27.45
C HIS A 622 -30.23 11.14 28.04
N ARG A 623 -31.37 11.59 27.49
CA ARG A 623 -32.14 12.73 27.98
C ARG A 623 -33.25 12.35 28.97
N GLY A 624 -33.35 11.08 29.37
CA GLY A 624 -34.41 10.58 30.25
C GLY A 624 -35.78 10.47 29.58
N TYR A 625 -35.81 10.45 28.23
CA TYR A 625 -37.03 10.30 27.45
C TYR A 625 -37.05 8.90 26.80
N TYR A 626 -37.99 8.06 27.22
CA TYR A 626 -38.08 6.66 26.83
C TYR A 626 -39.19 6.47 25.78
N ALA A 627 -38.88 6.81 24.53
CA ALA A 627 -39.87 6.82 23.46
C ALA A 627 -40.38 5.43 23.07
N LEU A 628 -39.48 4.44 23.06
CA LEU A 628 -39.72 3.11 22.50
C LEU A 628 -40.09 2.11 23.61
N ASN A 629 -41.14 1.33 23.37
CA ASN A 629 -41.54 0.17 24.18
C ASN A 629 -40.40 -0.88 24.23
N LYS A 630 -40.24 -1.54 25.37
CA LYS A 630 -39.35 -2.69 25.57
C LYS A 630 -39.41 -3.72 24.42
N MET A 631 -40.59 -4.16 23.99
CA MET A 631 -40.70 -5.17 22.91
C MET A 631 -40.18 -4.65 21.56
N THR A 632 -40.40 -3.38 21.26
CA THR A 632 -39.81 -2.75 20.06
C THR A 632 -38.30 -2.75 20.14
N ARG A 633 -37.74 -2.45 21.31
CA ARG A 633 -36.29 -2.49 21.52
C ARG A 633 -35.72 -3.88 21.43
N GLU A 634 -36.40 -4.90 21.95
CA GLU A 634 -35.96 -6.29 21.79
C GLU A 634 -35.87 -6.68 20.31
N LYS A 635 -36.81 -6.21 19.46
CA LYS A 635 -36.71 -6.41 18.01
C LYS A 635 -35.52 -5.64 17.39
N LEU A 636 -35.31 -4.38 17.78
CA LEU A 636 -34.25 -3.52 17.26
C LEU A 636 -32.85 -4.01 17.65
N TYR A 637 -32.62 -4.26 18.94
CA TYR A 637 -31.32 -4.65 19.49
C TYR A 637 -31.06 -6.16 19.46
N GLY A 638 -32.08 -6.96 19.15
CA GLY A 638 -31.96 -8.40 18.91
C GLY A 638 -31.83 -8.76 17.43
N PRO A 639 -32.90 -9.21 16.76
CA PRO A 639 -32.83 -9.69 15.39
C PRO A 639 -32.32 -8.63 14.39
N LEU A 640 -32.77 -7.37 14.50
CA LEU A 640 -32.33 -6.33 13.57
C LEU A 640 -30.85 -5.98 13.73
N MET A 641 -30.38 -5.83 14.97
CA MET A 641 -28.95 -5.63 15.24
C MET A 641 -28.11 -6.84 14.81
N PHE A 642 -28.60 -8.07 15.04
CA PHE A 642 -27.93 -9.28 14.57
C PHE A 642 -27.75 -9.27 13.04
N PHE A 643 -28.80 -8.94 12.29
CA PHE A 643 -28.70 -8.82 10.84
C PHE A 643 -27.84 -7.63 10.40
N PHE A 644 -27.95 -6.48 11.06
CA PHE A 644 -27.15 -5.30 10.75
C PHE A 644 -25.65 -5.58 10.93
N VAL A 645 -25.25 -6.16 12.06
CA VAL A 645 -23.84 -6.56 12.30
C VAL A 645 -23.42 -7.64 11.30
N SER A 646 -24.29 -8.60 11.00
CA SER A 646 -23.99 -9.62 10.00
C SER A 646 -23.79 -9.02 8.61
N TRP A 647 -24.58 -8.03 8.21
CA TRP A 647 -24.39 -7.26 6.97
C TRP A 647 -23.05 -6.50 7.00
N CYS A 648 -22.73 -5.81 8.10
CA CYS A 648 -21.45 -5.14 8.29
C CYS A 648 -20.26 -6.09 8.09
N CYS A 649 -20.32 -7.31 8.65
CA CYS A 649 -19.30 -8.34 8.47
C CYS A 649 -19.14 -8.78 7.02
N HIS A 650 -20.21 -8.77 6.22
CA HIS A 650 -20.17 -9.16 4.80
C HIS A 650 -19.92 -7.98 3.85
N TYR A 651 -19.81 -6.74 4.35
CA TYR A 651 -19.62 -5.55 3.52
C TYR A 651 -18.31 -4.81 3.82
N PHE A 652 -18.11 -4.34 5.06
CA PHE A 652 -16.99 -3.47 5.38
C PHE A 652 -15.59 -4.09 5.22
N PRO A 653 -15.36 -5.40 5.48
CA PRO A 653 -14.03 -5.98 5.29
C PRO A 653 -13.50 -5.87 3.86
N PHE A 654 -14.36 -5.74 2.86
CA PHE A 654 -13.94 -5.58 1.46
C PHE A 654 -13.23 -4.25 1.18
N PHE A 655 -13.44 -3.21 1.99
CA PHE A 655 -12.69 -1.95 1.89
C PHE A 655 -11.23 -2.10 2.31
N LEU A 656 -10.90 -3.17 3.07
CA LEU A 656 -9.54 -3.47 3.50
C LEU A 656 -8.80 -4.42 2.53
N MET A 657 -9.49 -4.92 1.50
CA MET A 657 -8.93 -5.85 0.52
C MET A 657 -8.42 -5.10 -0.72
N ALA A 658 -7.13 -5.30 -1.02
CA ALA A 658 -6.44 -4.67 -2.17
C ALA A 658 -6.49 -5.50 -3.46
N ARG A 659 -7.00 -6.74 -3.41
CA ARG A 659 -7.18 -7.59 -4.61
C ARG A 659 -8.37 -7.13 -5.47
N GLN A 660 -8.48 -7.66 -6.68
CA GLN A 660 -9.67 -7.47 -7.51
C GLN A 660 -10.95 -7.93 -6.80
N LYS A 661 -12.02 -7.14 -6.93
CA LYS A 661 -13.34 -7.40 -6.36
C LYS A 661 -14.42 -7.14 -7.42
N PHE A 662 -15.58 -7.75 -7.22
CA PHE A 662 -16.69 -7.76 -8.17
C PHE A 662 -18.01 -7.71 -7.42
N LEU A 663 -19.08 -7.26 -8.09
CA LEU A 663 -20.41 -7.08 -7.51
C LEU A 663 -20.96 -8.36 -6.83
N HIS A 664 -20.67 -9.56 -7.35
CA HIS A 664 -21.14 -10.82 -6.75
C HIS A 664 -20.68 -11.02 -5.30
N HIS A 665 -19.55 -10.40 -4.91
CA HIS A 665 -19.05 -10.44 -3.52
C HIS A 665 -20.02 -9.80 -2.51
N TYR A 666 -20.94 -8.94 -2.97
CA TYR A 666 -21.96 -8.31 -2.14
C TYR A 666 -23.22 -9.17 -1.97
N LEU A 667 -23.44 -10.23 -2.77
CA LEU A 667 -24.65 -11.05 -2.68
C LEU A 667 -24.89 -11.67 -1.28
N PRO A 668 -23.86 -12.12 -0.53
CA PRO A 668 -24.01 -12.48 0.88
C PRO A 668 -24.55 -11.35 1.77
N ALA A 669 -24.06 -10.13 1.57
CA ALA A 669 -24.52 -8.97 2.32
C ALA A 669 -25.96 -8.62 1.91
N HIS A 670 -26.27 -8.58 0.62
CA HIS A 670 -27.62 -8.37 0.10
C HIS A 670 -28.63 -9.40 0.66
N LEU A 671 -28.25 -10.68 0.72
CA LEU A 671 -29.07 -11.75 1.31
C LEU A 671 -29.49 -11.39 2.75
N ILE A 672 -28.54 -10.94 3.57
CA ILE A 672 -28.80 -10.51 4.96
C ILE A 672 -29.62 -9.21 4.98
N ALA A 673 -29.35 -8.27 4.07
CA ALA A 673 -30.10 -7.02 3.94
C ALA A 673 -31.58 -7.26 3.58
N CYS A 674 -31.91 -8.30 2.82
CA CYS A 674 -33.30 -8.71 2.57
C CYS A 674 -34.04 -9.11 3.86
N LEU A 675 -33.42 -9.94 4.72
CA LEU A 675 -34.00 -10.32 6.02
C LEU A 675 -34.19 -9.09 6.90
N PHE A 676 -33.15 -8.27 6.97
CA PHE A 676 -33.12 -7.04 7.74
C PHE A 676 -34.24 -6.08 7.34
N SER A 677 -34.37 -5.78 6.05
CA SER A 677 -35.37 -4.82 5.55
C SER A 677 -36.79 -5.30 5.81
N GLY A 678 -37.09 -6.59 5.56
CA GLY A 678 -38.41 -7.13 5.90
C GLY A 678 -38.73 -6.93 7.38
N ALA A 679 -37.81 -7.34 8.25
CA ALA A 679 -37.96 -7.18 9.71
C ALA A 679 -38.14 -5.72 10.14
N LEU A 680 -37.35 -4.79 9.58
CA LEU A 680 -37.35 -3.37 9.98
C LEU A 680 -38.70 -2.72 9.74
N TRP A 681 -39.26 -2.94 8.55
CA TRP A 681 -40.53 -2.31 8.19
C TRP A 681 -41.70 -2.88 8.99
N GLU A 682 -41.66 -4.15 9.44
CA GLU A 682 -42.66 -4.62 10.41
C GLU A 682 -42.59 -3.83 11.72
N VAL A 683 -41.38 -3.56 12.21
CA VAL A 683 -41.18 -2.76 13.43
C VAL A 683 -41.70 -1.34 13.24
N ILE A 684 -41.38 -0.68 12.14
CA ILE A 684 -41.86 0.69 11.84
C ILE A 684 -43.39 0.76 11.81
N PHE A 685 -44.05 -0.25 11.26
CA PHE A 685 -45.52 -0.35 11.23
C PHE A 685 -46.11 -1.02 12.48
N SER A 686 -45.37 -1.11 13.58
CA SER A 686 -45.86 -1.57 14.89
C SER A 686 -46.10 -0.41 15.85
N ASP A 687 -46.96 -0.61 16.84
CA ASP A 687 -47.13 0.32 17.96
C ASP A 687 -45.87 0.36 18.82
N CYS A 688 -44.97 1.28 18.50
CA CYS A 688 -43.65 1.36 19.13
C CYS A 688 -43.62 2.17 20.42
N LYS A 689 -44.71 2.84 20.79
CA LYS A 689 -44.70 3.81 21.89
C LYS A 689 -44.58 3.12 23.24
N SER A 690 -43.73 3.65 24.10
CA SER A 690 -43.74 3.29 25.53
C SER A 690 -45.07 3.71 26.18
N LEU A 691 -45.46 2.99 27.23
CA LEU A 691 -46.62 3.32 28.07
C LEU A 691 -46.41 4.62 28.85
N ASP A 692 -45.17 4.90 29.26
CA ASP A 692 -44.82 6.08 30.05
C ASP A 692 -43.44 6.60 29.62
N LEU A 693 -43.44 7.75 28.95
CA LEU A 693 -42.24 8.34 28.33
C LEU A 693 -41.17 8.76 29.35
N GLU A 694 -41.52 8.88 30.63
CA GLU A 694 -40.59 9.26 31.70
C GLU A 694 -39.97 8.04 32.41
N LYS A 695 -40.44 6.83 32.12
CA LYS A 695 -39.97 5.60 32.78
C LYS A 695 -39.32 4.64 31.80
N ASP A 696 -38.14 4.15 32.18
CA ASP A 696 -37.47 3.12 31.41
C ASP A 696 -38.12 1.75 31.65
N GLU A 697 -38.80 1.23 30.63
CA GLU A 697 -39.43 -0.09 30.65
C GLU A 697 -38.43 -1.26 30.75
N ASP A 698 -37.13 -1.00 30.55
CA ASP A 698 -36.08 -2.00 30.80
C ASP A 698 -35.76 -2.22 32.28
N ILE A 699 -36.20 -1.31 33.16
CA ILE A 699 -35.99 -1.49 34.59
C ILE A 699 -36.83 -2.69 35.07
N SER A 700 -36.21 -3.53 35.89
CA SER A 700 -36.90 -4.70 36.44
C SER A 700 -38.15 -4.31 37.23
N GLY A 701 -39.29 -4.90 36.85
CA GLY A 701 -40.60 -4.63 37.46
C GLY A 701 -41.42 -3.54 36.77
N ALA A 702 -40.87 -2.84 35.77
CA ALA A 702 -41.64 -1.90 34.97
C ALA A 702 -42.71 -2.63 34.13
N SER A 703 -43.89 -2.03 34.03
CA SER A 703 -44.95 -2.49 33.14
C SER A 703 -44.65 -2.05 31.71
N TYR A 704 -44.87 -2.94 30.74
CA TYR A 704 -44.70 -2.67 29.31
C TYR A 704 -45.73 -3.46 28.49
N GLU A 705 -46.06 -2.98 27.30
CA GLU A 705 -46.96 -3.69 26.38
C GLU A 705 -46.23 -4.88 25.75
N ARG A 706 -46.70 -6.10 26.04
CA ARG A 706 -46.06 -7.36 25.63
C ARG A 706 -46.38 -7.74 24.19
N ASN A 707 -47.52 -7.31 23.65
CA ASN A 707 -47.96 -7.65 22.30
C ASN A 707 -48.26 -6.37 21.50
N PRO A 708 -47.23 -5.58 21.13
CA PRO A 708 -47.43 -4.39 20.33
C PRO A 708 -48.21 -4.69 19.05
N LYS A 709 -49.25 -3.91 18.80
CA LYS A 709 -50.11 -4.10 17.63
C LYS A 709 -49.34 -3.72 16.36
N VAL A 710 -49.31 -4.62 15.38
CA VAL A 710 -48.88 -4.29 14.01
C VAL A 710 -50.06 -3.67 13.26
N TYR A 711 -49.86 -2.52 12.63
CA TYR A 711 -50.85 -1.89 11.76
C TYR A 711 -50.91 -2.62 10.41
N VAL A 712 -51.50 -3.82 10.42
CA VAL A 712 -51.43 -4.79 9.31
C VAL A 712 -51.94 -4.21 7.99
N LYS A 713 -53.05 -3.47 7.97
CA LYS A 713 -53.62 -2.92 6.71
C LYS A 713 -52.64 -2.00 5.98
N PRO A 714 -52.18 -0.87 6.57
CA PRO A 714 -51.22 0.01 5.89
C PRO A 714 -49.88 -0.69 5.65
N TYR A 715 -49.44 -1.58 6.55
CA TYR A 715 -48.22 -2.36 6.35
C TYR A 715 -48.31 -3.26 5.12
N THR A 716 -49.40 -4.02 4.95
CA THR A 716 -49.61 -4.88 3.79
C THR A 716 -49.69 -4.06 2.50
N VAL A 717 -50.38 -2.92 2.49
CA VAL A 717 -50.42 -2.03 1.31
C VAL A 717 -49.01 -1.57 0.94
N PHE A 718 -48.23 -1.13 1.93
CA PHE A 718 -46.84 -0.72 1.73
C PHE A 718 -45.99 -1.85 1.13
N LEU A 719 -46.03 -3.05 1.71
CA LEU A 719 -45.29 -4.20 1.20
C LEU A 719 -45.71 -4.60 -0.22
N VAL A 720 -47.01 -4.55 -0.53
CA VAL A 720 -47.52 -4.84 -1.87
C VAL A 720 -46.99 -3.81 -2.87
N CYS A 721 -47.01 -2.51 -2.55
CA CYS A 721 -46.46 -1.47 -3.41
C CYS A 721 -44.98 -1.70 -3.72
N VAL A 722 -44.16 -1.97 -2.70
CA VAL A 722 -42.73 -2.26 -2.89
C VAL A 722 -42.52 -3.54 -3.69
N SER A 723 -43.28 -4.60 -3.38
CA SER A 723 -43.21 -5.89 -4.11
C SER A 723 -43.55 -5.72 -5.60
N CYS A 724 -44.59 -4.95 -5.92
CA CYS A 724 -44.98 -4.64 -7.29
C CYS A 724 -43.88 -3.86 -8.02
N ALA A 725 -43.22 -2.91 -7.37
CA ALA A 725 -42.11 -2.16 -7.96
C ALA A 725 -40.89 -3.05 -8.24
N VAL A 726 -40.51 -3.91 -7.28
CA VAL A 726 -39.42 -4.89 -7.45
C VAL A 726 -39.74 -5.89 -8.57
N ALA A 727 -40.98 -6.40 -8.62
CA ALA A 727 -41.43 -7.30 -9.67
C ALA A 727 -41.46 -6.63 -11.06
N TRP A 728 -41.91 -5.38 -11.14
CA TRP A 728 -41.87 -4.59 -12.37
C TRP A 728 -40.43 -4.45 -12.89
N PHE A 729 -39.48 -4.10 -12.01
CA PHE A 729 -38.07 -4.01 -12.39
C PHE A 729 -37.51 -5.35 -12.88
N PHE A 730 -37.81 -6.44 -12.18
CA PHE A 730 -37.38 -7.78 -12.57
C PHE A 730 -37.88 -8.15 -13.96
N VAL A 731 -39.15 -7.86 -14.27
CA VAL A 731 -39.73 -8.09 -15.60
C VAL A 731 -39.04 -7.19 -16.64
N TYR A 732 -38.82 -5.92 -16.34
CA TYR A 732 -38.17 -4.97 -17.24
C TYR A 732 -36.72 -5.37 -17.62
N PHE A 733 -35.97 -5.93 -16.68
CA PHE A 733 -34.60 -6.45 -16.86
C PHE A 733 -34.55 -7.93 -17.25
N SER A 734 -35.67 -8.65 -17.29
CA SER A 734 -35.68 -10.09 -17.59
C SER A 734 -34.99 -10.48 -18.90
N PRO A 735 -35.05 -9.71 -20.01
CA PRO A 735 -34.26 -10.00 -21.21
C PRO A 735 -32.75 -10.10 -20.95
N LEU A 736 -32.21 -9.31 -20.02
CA LEU A 736 -30.79 -9.32 -19.63
C LEU A 736 -30.46 -10.39 -18.60
N VAL A 737 -31.44 -10.87 -17.83
CA VAL A 737 -31.26 -11.99 -16.88
C VAL A 737 -31.22 -13.34 -17.62
N TYR A 738 -32.07 -13.49 -18.64
CA TYR A 738 -32.24 -14.74 -19.36
C TYR A 738 -31.48 -14.77 -20.69
N GLY A 739 -31.16 -13.61 -21.27
CA GLY A 739 -30.52 -13.48 -22.58
C GLY A 739 -31.37 -13.96 -23.74
N ASP A 740 -32.66 -14.22 -23.54
CA ASP A 740 -33.52 -14.97 -24.45
C ASP A 740 -34.29 -14.09 -25.44
N VAL A 741 -34.27 -12.77 -25.25
CA VAL A 741 -34.96 -11.77 -26.07
C VAL A 741 -33.93 -10.79 -26.61
N SER A 742 -33.97 -10.57 -27.93
CA SER A 742 -33.20 -9.52 -28.59
C SER A 742 -33.84 -8.16 -28.30
N LEU A 743 -33.05 -7.19 -27.87
CA LEU A 743 -33.50 -5.83 -27.60
C LEU A 743 -33.06 -4.91 -28.74
N SER A 744 -33.94 -4.00 -29.16
CA SER A 744 -33.55 -2.94 -30.09
C SER A 744 -32.52 -1.99 -29.43
N PRO A 745 -31.66 -1.30 -30.20
CA PRO A 745 -30.66 -0.39 -29.62
C PRO A 745 -31.27 0.67 -28.68
N SER A 746 -32.45 1.21 -29.00
CA SER A 746 -33.16 2.15 -28.11
C SER A 746 -33.62 1.51 -26.80
N GLU A 747 -34.05 0.25 -26.82
CA GLU A 747 -34.40 -0.51 -25.62
C GLU A 747 -33.17 -0.87 -24.78
N VAL A 748 -32.03 -1.14 -25.40
CA VAL A 748 -30.75 -1.32 -24.72
C VAL A 748 -30.36 -0.03 -24.02
N VAL A 749 -30.29 1.09 -24.75
CA VAL A 749 -29.95 2.41 -24.19
C VAL A 749 -30.92 2.82 -23.06
N SER A 750 -32.20 2.46 -23.14
CA SER A 750 -33.15 2.75 -22.05
C SER A 750 -32.85 2.03 -20.73
N ARG A 751 -32.03 0.96 -20.77
CA ARG A 751 -31.56 0.19 -19.61
C ARG A 751 -30.14 0.56 -19.19
N GLU A 752 -29.45 1.41 -19.97
CA GLU A 752 -28.18 2.01 -19.60
C GLU A 752 -28.43 3.23 -18.72
N TRP A 753 -28.05 3.14 -17.45
CA TRP A 753 -27.96 4.27 -16.54
C TRP A 753 -26.74 4.08 -15.63
N PHE A 754 -26.26 5.16 -15.00
CA PHE A 754 -25.01 5.14 -14.23
C PHE A 754 -23.84 4.58 -15.07
N ASP A 755 -23.11 3.59 -14.57
CA ASP A 755 -21.97 2.96 -15.24
C ASP A 755 -22.36 1.58 -15.85
N ILE A 756 -23.64 1.40 -16.18
CA ILE A 756 -24.12 0.21 -16.88
C ILE A 756 -23.86 0.38 -18.37
N GLU A 757 -22.84 -0.30 -18.86
CA GLU A 757 -22.57 -0.43 -20.30
C GLU A 757 -23.09 -1.77 -20.81
N LEU A 758 -23.99 -1.71 -21.79
CA LEU A 758 -24.59 -2.90 -22.42
C LEU A 758 -24.09 -3.06 -23.85
N ASN A 759 -24.02 -4.31 -24.31
CA ASN A 759 -23.72 -4.58 -25.71
C ASN A 759 -24.95 -4.24 -26.59
N PHE A 760 -24.71 -3.95 -27.86
CA PHE A 760 -25.76 -3.67 -28.85
C PHE A 760 -26.56 -2.37 -28.62
N SER A 761 -25.99 -1.40 -27.90
CA SER A 761 -26.54 -0.03 -27.74
C SER A 761 -26.41 0.84 -29.01
N LYS A 762 -25.64 0.38 -30.01
CA LYS A 762 -25.38 1.07 -31.28
C LYS A 762 -26.07 0.41 -32.47
N GLN B 35 -16.80 13.23 35.43
CA GLN B 35 -16.08 13.25 34.16
C GLN B 35 -14.86 12.32 34.18
N VAL B 36 -14.36 11.95 33.01
CA VAL B 36 -13.23 10.99 32.92
C VAL B 36 -12.03 11.53 33.70
N ALA B 37 -11.56 10.75 34.68
CA ALA B 37 -10.42 11.05 35.55
C ALA B 37 -10.50 12.38 36.30
N GLU B 38 -11.72 12.82 36.63
CA GLU B 38 -11.96 14.09 37.31
C GLU B 38 -11.23 14.18 38.66
N HIS B 39 -11.31 13.15 39.50
CA HIS B 39 -10.67 13.20 40.82
C HIS B 39 -9.14 13.15 40.73
N TRP B 40 -8.59 12.35 39.82
CA TRP B 40 -7.15 12.24 39.59
C TRP B 40 -6.57 13.56 39.07
N LEU B 41 -7.17 14.15 38.03
CA LEU B 41 -6.61 15.33 37.35
C LEU B 41 -6.77 16.63 38.15
N LEU B 42 -7.68 16.65 39.13
CA LEU B 42 -7.87 17.79 40.04
C LEU B 42 -6.99 17.73 41.29
N GLN B 43 -6.21 16.66 41.50
CA GLN B 43 -5.22 16.60 42.58
C GLN B 43 -4.12 17.65 42.42
N PRO B 44 -3.50 18.11 43.52
CA PRO B 44 -2.25 18.85 43.46
C PRO B 44 -1.13 17.97 42.85
N LEU B 45 -0.07 18.61 42.36
CA LEU B 45 1.09 17.87 41.84
C LEU B 45 1.66 16.93 42.92
N PRO B 46 2.07 15.70 42.57
CA PRO B 46 2.58 14.73 43.53
C PRO B 46 3.96 15.10 44.12
N GLU B 47 4.63 16.09 43.53
CA GLU B 47 5.96 16.55 43.94
C GLU B 47 6.08 18.08 43.85
N PRO B 48 7.02 18.71 44.58
CA PRO B 48 7.29 20.15 44.45
C PRO B 48 7.72 20.54 43.04
N GLU B 49 7.37 21.75 42.61
CA GLU B 49 7.71 22.26 41.26
C GLU B 49 9.21 22.25 40.97
N SER B 50 10.07 22.46 41.97
CA SER B 50 11.52 22.42 41.81
C SER B 50 12.03 21.08 41.26
N ARG B 51 11.39 19.95 41.62
CA ARG B 51 11.74 18.63 41.06
C ARG B 51 11.39 18.53 39.59
N TYR B 52 10.23 19.05 39.19
CA TYR B 52 9.84 19.10 37.78
C TYR B 52 10.79 19.99 36.98
N SER B 53 11.12 21.19 37.50
CA SER B 53 12.06 22.11 36.87
C SER B 53 13.46 21.51 36.71
N PHE B 54 13.93 20.75 37.69
CA PHE B 54 15.20 20.04 37.61
C PHE B 54 15.19 19.02 36.45
N TRP B 55 14.22 18.10 36.45
CA TRP B 55 14.17 17.02 35.46
C TRP B 55 13.89 17.51 34.03
N VAL B 56 13.01 18.50 33.85
CA VAL B 56 12.74 19.07 32.52
C VAL B 56 13.99 19.74 31.95
N THR B 57 14.77 20.41 32.79
CA THR B 57 16.04 21.03 32.37
C THR B 57 17.03 19.97 31.91
N ILE B 58 17.24 18.91 32.70
CA ILE B 58 18.17 17.83 32.35
C ILE B 58 17.80 17.17 31.02
N VAL B 59 16.54 16.75 30.84
CA VAL B 59 16.14 16.05 29.62
C VAL B 59 16.14 16.97 28.39
N THR B 60 15.86 18.26 28.57
CA THR B 60 15.96 19.26 27.48
C THR B 60 17.41 19.48 27.07
N LEU B 61 18.35 19.53 28.03
CA LEU B 61 19.78 19.64 27.73
C LEU B 61 20.31 18.41 26.99
N LEU B 62 19.87 17.21 27.37
CA LEU B 62 20.20 15.97 26.65
C LEU B 62 19.66 15.99 25.22
N ALA B 63 18.40 16.44 25.03
CA ALA B 63 17.78 16.57 23.72
C ALA B 63 18.51 17.58 22.81
N PHE B 64 18.92 18.71 23.40
CA PHE B 64 19.71 19.73 22.73
C PHE B 64 21.06 19.17 22.28
N ALA B 65 21.80 18.51 23.19
CA ALA B 65 23.09 17.90 22.88
C ALA B 65 22.98 16.87 21.76
N ALA B 66 21.97 15.99 21.80
CA ALA B 66 21.76 14.96 20.77
C ALA B 66 21.44 15.54 19.37
N ARG B 67 20.74 16.66 19.29
CA ARG B 67 20.34 17.24 17.99
C ARG B 67 21.41 18.17 17.40
N PHE B 68 22.06 18.96 18.25
CA PHE B 68 23.09 19.92 17.84
C PHE B 68 24.49 19.31 17.67
N TYR B 69 24.71 18.08 18.12
CA TYR B 69 25.98 17.38 17.88
C TYR B 69 26.29 17.32 16.37
N LYS B 70 27.43 17.92 16.00
CA LYS B 70 27.93 18.00 14.62
C LYS B 70 26.86 18.41 13.59
N ILE B 71 26.04 19.40 13.90
CA ILE B 71 24.92 19.81 13.02
C ILE B 71 25.36 20.31 11.63
N TRP B 72 26.62 20.76 11.50
CA TRP B 72 27.24 21.17 10.23
C TRP B 72 27.60 19.99 9.33
N TYR B 73 27.43 18.75 9.79
CA TYR B 73 27.88 17.58 8.99
C TYR B 73 26.81 16.52 8.90
N PRO B 74 26.49 15.95 7.74
CA PRO B 74 27.33 16.02 6.53
C PRO B 74 27.10 17.33 5.82
N LYS B 75 28.13 17.87 5.16
CA LYS B 75 28.01 19.16 4.44
C LYS B 75 27.38 18.87 3.09
N GLU B 76 26.38 17.99 3.07
CA GLU B 76 25.76 17.54 1.83
C GLU B 76 24.25 17.42 2.03
N VAL B 77 23.52 17.47 0.91
CA VAL B 77 22.08 17.22 0.87
C VAL B 77 21.78 15.77 1.26
N VAL B 78 20.86 15.58 2.21
CA VAL B 78 20.49 14.27 2.77
C VAL B 78 19.02 13.97 2.46
N PHE B 79 18.70 12.76 2.00
CA PHE B 79 17.33 12.27 1.86
C PHE B 79 16.38 13.33 1.23
N ASP B 80 15.20 13.54 1.82
CA ASP B 80 14.17 14.49 1.40
C ASP B 80 14.56 15.98 1.56
N GLU B 81 15.78 16.32 2.00
CA GLU B 81 16.30 17.70 1.85
C GLU B 81 16.28 18.12 0.37
N VAL B 82 16.40 17.16 -0.56
CA VAL B 82 16.25 17.38 -2.01
C VAL B 82 14.90 17.99 -2.41
N HIS B 83 13.86 17.73 -1.63
CA HIS B 83 12.52 18.24 -1.88
C HIS B 83 12.27 19.52 -1.09
N PHE B 84 12.24 19.35 0.22
CA PHE B 84 11.87 20.52 1.06
C PHE B 84 12.86 21.63 0.77
N GLY B 85 14.12 21.30 0.50
CA GLY B 85 15.05 22.41 0.30
C GLY B 85 14.62 23.15 -0.94
N LYS B 86 14.27 22.38 -1.96
CA LYS B 86 13.88 22.98 -3.25
C LYS B 86 12.61 23.79 -3.04
N PHE B 87 11.67 23.23 -2.29
CA PHE B 87 10.36 23.92 -2.17
C PHE B 87 10.60 25.21 -1.47
N ALA B 88 11.55 25.21 -0.56
CA ALA B 88 11.90 26.48 0.11
C ALA B 88 12.42 27.44 -0.94
N SER B 89 13.56 27.09 -1.54
CA SER B 89 14.16 28.03 -2.51
C SER B 89 13.06 28.61 -3.40
N TYR B 90 12.36 27.78 -4.17
CA TYR B 90 11.27 28.29 -5.01
C TYR B 90 10.42 29.36 -4.34
N TYR B 91 10.21 29.29 -3.02
CA TYR B 91 9.53 30.38 -2.30
C TYR B 91 10.30 31.69 -2.34
N LEU B 92 11.63 31.63 -2.19
CA LEU B 92 12.51 32.81 -2.20
C LEU B 92 12.57 33.45 -3.59
N GLU B 93 12.58 32.62 -4.64
CA GLU B 93 12.50 33.07 -6.04
C GLU B 93 11.09 33.46 -6.49
N ARG B 94 10.07 33.16 -5.69
CA ARG B 94 8.65 33.37 -6.01
C ARG B 94 8.14 32.52 -7.18
N SER B 95 8.84 31.36 -7.57
CA SER B 95 8.36 30.45 -8.66
C SER B 95 7.27 29.50 -8.14
N TYR B 96 6.28 29.19 -8.98
CA TYR B 96 5.14 28.34 -8.54
C TYR B 96 5.51 26.89 -8.65
N PHE B 97 5.44 26.16 -7.55
CA PHE B 97 5.70 24.70 -7.60
C PHE B 97 4.43 24.02 -7.16
N PHE B 98 4.47 22.70 -7.02
CA PHE B 98 3.29 21.95 -6.54
C PHE B 98 3.80 20.66 -5.95
N ASP B 99 3.58 20.43 -4.65
CA ASP B 99 3.93 19.12 -4.04
C ASP B 99 2.69 18.61 -3.33
N VAL B 100 2.71 17.35 -2.90
CA VAL B 100 1.47 16.78 -2.30
C VAL B 100 1.26 17.30 -0.87
N HIS B 101 2.12 18.18 -0.36
CA HIS B 101 2.01 18.59 1.08
C HIS B 101 1.53 20.02 1.25
N PRO B 102 0.68 20.33 2.24
CA PRO B 102 0.22 21.71 2.53
C PRO B 102 1.42 22.63 2.60
N PRO B 103 1.30 23.97 2.52
CA PRO B 103 2.47 24.82 2.35
C PRO B 103 3.19 25.25 3.64
N PHE B 104 2.57 25.12 4.82
CA PHE B 104 3.02 25.79 6.05
C PHE B 104 4.46 25.43 6.44
N ALA B 105 4.78 24.13 6.52
CA ALA B 105 6.10 23.70 6.96
C ALA B 105 7.22 24.11 5.98
N LYS B 106 6.96 24.03 4.66
CA LYS B 106 7.88 24.50 3.63
C LYS B 106 8.09 26.02 3.70
N MET B 107 7.03 26.79 3.97
CA MET B 107 7.16 28.23 4.20
C MET B 107 7.95 28.57 5.45
N MET B 108 7.86 27.77 6.52
CA MET B 108 8.69 27.96 7.71
C MET B 108 10.17 27.74 7.39
N ILE B 109 10.50 26.69 6.63
CA ILE B 109 11.88 26.47 6.17
C ILE B 109 12.33 27.66 5.32
N ALA B 110 11.57 28.04 4.28
CA ALA B 110 11.88 29.20 3.44
C ALA B 110 12.07 30.50 4.25
N PHE B 111 11.27 30.70 5.30
CA PHE B 111 11.36 31.87 6.18
C PHE B 111 12.73 31.95 6.89
N ILE B 112 13.32 30.82 7.28
CA ILE B 112 14.68 30.81 7.84
C ILE B 112 15.71 31.25 6.80
N GLY B 113 15.55 30.82 5.54
CA GLY B 113 16.40 31.22 4.43
C GLY B 113 16.31 32.72 4.18
N TRP B 114 15.08 33.23 4.20
CA TRP B 114 14.80 34.66 4.09
C TRP B 114 15.45 35.48 5.21
N LEU B 115 15.40 35.01 6.46
CA LEU B 115 16.08 35.64 7.59
C LEU B 115 17.61 35.65 7.44
N CYS B 116 18.18 34.65 6.77
CA CYS B 116 19.60 34.57 6.45
C CYS B 116 20.01 35.39 5.22
N GLY B 117 19.08 36.05 4.53
CA GLY B 117 19.36 36.76 3.29
C GLY B 117 19.69 35.87 2.11
N TYR B 118 19.29 34.59 2.16
CA TYR B 118 19.47 33.64 1.07
C TYR B 118 18.52 33.95 -0.09
N ASP B 119 19.02 33.88 -1.33
CA ASP B 119 18.32 34.27 -2.55
C ASP B 119 17.60 33.11 -3.26
N GLY B 120 17.91 31.86 -2.89
CA GLY B 120 17.34 30.68 -3.53
C GLY B 120 18.14 30.14 -4.72
N SER B 121 19.37 30.62 -4.95
CA SER B 121 20.24 30.19 -6.05
C SER B 121 20.52 28.68 -6.07
N PHE B 122 20.82 28.07 -4.92
CA PHE B 122 21.09 26.64 -4.80
C PHE B 122 19.81 25.78 -4.84
N LYS B 123 19.78 24.74 -5.69
CA LYS B 123 18.56 23.95 -5.95
C LYS B 123 18.46 22.62 -5.24
N PHE B 124 19.48 22.15 -4.53
CA PHE B 124 19.45 20.86 -3.84
C PHE B 124 19.06 19.72 -4.80
N ASP B 125 19.63 19.64 -6.00
CA ASP B 125 19.11 18.74 -7.03
C ASP B 125 19.31 17.26 -6.72
N GLU B 126 20.43 16.90 -6.10
CA GLU B 126 20.77 15.50 -5.80
C GLU B 126 21.36 15.34 -4.39
N ILE B 127 21.25 14.12 -3.85
CA ILE B 127 21.92 13.73 -2.62
C ILE B 127 23.43 13.72 -2.85
N GLY B 128 24.20 14.25 -1.91
CA GLY B 128 25.66 14.34 -2.00
C GLY B 128 26.18 15.66 -2.59
N TYR B 129 25.30 16.55 -3.07
CA TYR B 129 25.73 17.88 -3.51
C TYR B 129 26.35 18.68 -2.37
N SER B 130 27.54 19.22 -2.61
CA SER B 130 28.28 20.01 -1.62
C SER B 130 27.61 21.36 -1.37
N TYR B 131 27.36 21.61 -0.09
CA TYR B 131 26.81 22.93 0.28
C TYR B 131 27.96 23.90 0.16
N GLU B 132 29.17 23.39 -0.04
CA GLU B 132 30.35 24.29 -0.11
C GLU B 132 30.41 24.93 -1.51
N THR B 133 29.97 24.20 -2.54
CA THR B 133 29.95 24.75 -3.91
C THR B 133 29.04 25.96 -3.94
N HIS B 134 27.76 25.77 -3.61
CA HIS B 134 26.80 26.90 -3.55
C HIS B 134 26.34 27.07 -2.10
N PRO B 135 26.81 28.11 -1.38
CA PRO B 135 26.51 28.29 0.08
C PRO B 135 25.03 28.48 0.37
N ALA B 136 24.31 27.40 0.62
CA ALA B 136 22.89 27.53 1.06
C ALA B 136 22.92 27.55 2.58
N PRO B 137 22.08 28.35 3.30
CA PRO B 137 22.19 28.45 4.76
C PRO B 137 21.76 27.16 5.47
N TYR B 138 22.32 26.01 5.07
CA TYR B 138 21.93 24.67 5.52
C TYR B 138 22.09 24.49 7.04
N ILE B 139 23.11 25.08 7.65
CA ILE B 139 23.30 25.06 9.11
C ILE B 139 22.14 25.77 9.80
N ALA B 140 21.63 26.88 9.25
CA ALA B 140 20.50 27.60 9.83
C ALA B 140 19.20 26.79 9.70
N TYR B 141 18.96 26.16 8.54
CA TYR B 141 17.83 25.27 8.33
C TYR B 141 17.85 24.05 9.28
N ARG B 142 18.99 23.35 9.35
CA ARG B 142 19.18 22.22 10.27
C ARG B 142 19.03 22.64 11.74
N SER B 143 19.58 23.80 12.10
CA SER B 143 19.44 24.36 13.45
C SER B 143 18.00 24.69 13.81
N PHE B 144 17.22 25.23 12.87
CA PHE B 144 15.80 25.48 13.08
C PHE B 144 15.06 24.18 13.43
N ASN B 145 15.28 23.11 12.66
CA ASN B 145 14.69 21.81 12.95
C ASN B 145 15.17 21.22 14.28
N ALA B 146 16.47 21.36 14.59
CA ALA B 146 17.04 20.91 15.85
C ALA B 146 16.43 21.62 17.06
N ILE B 147 16.13 22.93 16.93
CA ILE B 147 15.40 23.70 17.96
C ILE B 147 14.01 23.11 18.15
N LEU B 148 13.24 22.89 17.08
CA LEU B 148 11.89 22.33 17.17
C LEU B 148 11.87 20.91 17.77
N GLY B 149 12.80 20.06 17.35
CA GLY B 149 12.98 18.72 17.92
C GLY B 149 13.34 18.78 19.40
N THR B 150 14.19 19.72 19.81
CA THR B 150 14.55 19.94 21.21
C THR B 150 13.36 20.43 22.03
N LEU B 151 12.58 21.39 21.51
CA LEU B 151 11.40 21.96 22.19
C LEU B 151 10.23 20.98 22.29
N THR B 152 10.18 19.95 21.45
CA THR B 152 9.21 18.86 21.59
C THR B 152 9.33 18.17 22.95
N VAL B 153 10.55 17.93 23.42
CA VAL B 153 10.84 17.20 24.67
C VAL B 153 10.23 17.85 25.92
N PRO B 154 10.41 19.15 26.21
CA PRO B 154 9.76 19.79 27.35
C PRO B 154 8.23 19.89 27.21
N ILE B 155 7.67 19.92 25.98
CA ILE B 155 6.20 19.87 25.78
C ILE B 155 5.66 18.50 26.20
N MET B 156 6.35 17.43 25.82
CA MET B 156 6.02 16.05 26.23
C MET B 156 6.09 15.89 27.75
N PHE B 157 7.17 16.39 28.36
CA PHE B 157 7.34 16.41 29.82
C PHE B 157 6.18 17.10 30.51
N ASN B 158 5.84 18.31 30.06
CA ASN B 158 4.78 19.11 30.67
C ASN B 158 3.38 18.52 30.42
N THR B 159 3.18 17.75 29.35
CA THR B 159 1.94 17.02 29.12
C THR B 159 1.68 16.01 30.24
N LEU B 160 2.68 15.19 30.60
CA LEU B 160 2.55 14.25 31.72
C LEU B 160 2.48 14.95 33.09
N LYS B 161 3.23 16.05 33.28
CA LYS B 161 3.12 16.86 34.50
C LYS B 161 1.68 17.34 34.70
N GLU B 162 1.04 17.82 33.64
CA GLU B 162 -0.34 18.28 33.72
C GLU B 162 -1.34 17.14 33.91
N LEU B 163 -1.01 15.92 33.47
CA LEU B 163 -1.76 14.71 33.80
C LEU B 163 -1.45 14.15 35.20
N ASN B 164 -0.81 14.94 36.07
CA ASN B 164 -0.49 14.64 37.47
C ASN B 164 0.49 13.47 37.71
N PHE B 165 1.30 13.10 36.71
CA PHE B 165 2.36 12.11 36.89
C PHE B 165 3.59 12.71 37.59
N ARG B 166 4.41 11.85 38.21
CA ARG B 166 5.63 12.26 38.94
C ARG B 166 6.69 12.84 38.01
N ALA B 167 7.60 13.64 38.54
CA ALA B 167 8.64 14.31 37.75
C ALA B 167 9.57 13.31 37.04
N ILE B 168 9.92 12.19 37.71
CA ILE B 168 10.75 11.13 37.11
C ILE B 168 10.05 10.43 35.94
N THR B 169 8.73 10.26 36.03
CA THR B 169 7.88 9.68 34.96
C THR B 169 7.85 10.58 33.74
N CYS B 170 7.66 11.88 33.98
CA CYS B 170 7.73 12.91 32.94
C CYS B 170 9.10 12.94 32.26
N ALA B 171 10.18 12.84 33.06
CA ALA B 171 11.56 12.80 32.58
C ALA B 171 11.82 11.59 31.68
N PHE B 172 11.41 10.40 32.14
CA PHE B 172 11.60 9.15 31.43
C PHE B 172 10.86 9.11 30.08
N ALA B 173 9.57 9.44 30.05
CA ALA B 173 8.81 9.49 28.81
C ALA B 173 9.41 10.47 27.79
N SER B 174 9.90 11.61 28.27
CA SER B 174 10.54 12.62 27.42
C SER B 174 11.92 12.19 26.97
N LEU B 175 12.66 11.45 27.81
CA LEU B 175 13.96 10.87 27.48
C LEU B 175 13.84 9.87 26.33
N LEU B 176 12.79 9.04 26.32
CA LEU B 176 12.52 8.11 25.22
C LEU B 176 12.38 8.80 23.85
N VAL B 177 12.03 10.10 23.81
CA VAL B 177 12.00 10.91 22.57
C VAL B 177 13.31 11.71 22.39
N ALA B 178 13.92 12.15 23.50
CA ALA B 178 15.14 12.95 23.47
C ALA B 178 16.32 12.21 22.82
N ILE B 179 16.43 10.89 23.09
CA ILE B 179 17.51 10.01 22.63
C ILE B 179 16.98 8.83 21.78
N ASP B 180 15.86 9.00 21.10
CA ASP B 180 15.45 8.06 20.05
C ASP B 180 16.20 8.37 18.76
N THR B 181 16.78 7.35 18.14
CA THR B 181 17.63 7.50 16.95
C THR B 181 16.86 8.06 15.77
N ALA B 182 15.59 7.66 15.56
CA ALA B 182 14.78 8.13 14.45
C ALA B 182 14.35 9.60 14.64
N HIS B 183 13.84 9.95 15.83
CA HIS B 183 13.48 11.32 16.18
C HIS B 183 14.70 12.24 16.12
N VAL B 184 15.87 11.79 16.56
CA VAL B 184 17.10 12.57 16.43
C VAL B 184 17.44 12.74 14.96
N THR B 185 17.65 11.70 14.16
CA THR B 185 18.02 11.80 12.73
C THR B 185 17.11 12.75 11.94
N GLU B 186 15.79 12.61 12.05
CA GLU B 186 14.81 13.44 11.33
C GLU B 186 14.86 14.91 11.74
N THR B 187 15.00 15.19 13.05
CA THR B 187 14.90 16.56 13.56
C THR B 187 16.20 17.36 13.48
N ARG B 188 17.27 16.83 12.87
CA ARG B 188 18.53 17.58 12.60
C ARG B 188 18.76 17.86 11.12
N LEU B 189 17.96 17.28 10.23
CA LEU B 189 18.04 17.46 8.77
C LEU B 189 16.92 18.39 8.30
N ILE B 190 17.00 18.92 7.07
CA ILE B 190 16.01 19.87 6.52
C ILE B 190 14.74 19.12 6.06
N LEU B 191 13.95 18.65 7.03
CA LEU B 191 12.74 17.84 6.84
C LEU B 191 11.50 18.51 7.45
N LEU B 192 10.30 18.12 7.02
CA LEU B 192 9.05 18.69 7.55
C LEU B 192 8.67 18.13 8.93
N ASP B 193 9.25 16.99 9.31
CA ASP B 193 8.81 16.17 10.43
C ASP B 193 9.08 16.85 11.78
N ALA B 194 10.12 17.68 11.90
CA ALA B 194 10.36 18.49 13.10
C ALA B 194 9.17 19.42 13.41
N ILE B 195 8.63 20.06 12.37
CA ILE B 195 7.47 20.97 12.47
C ILE B 195 6.18 20.18 12.76
N LEU B 196 6.04 19.00 12.15
CA LEU B 196 4.90 18.12 12.39
C LEU B 196 4.87 17.63 13.85
N ILE B 197 5.97 17.04 14.32
CA ILE B 197 6.07 16.40 15.63
C ILE B 197 5.89 17.40 16.77
N ILE B 198 6.51 18.59 16.68
CA ILE B 198 6.29 19.63 17.71
C ILE B 198 4.83 20.11 17.72
N SER B 199 4.18 20.21 16.55
CA SER B 199 2.77 20.62 16.45
C SER B 199 1.84 19.56 17.04
N ILE B 200 2.16 18.27 16.89
CA ILE B 200 1.42 17.17 17.52
C ILE B 200 1.61 17.20 19.05
N ALA B 201 2.85 17.35 19.52
CA ALA B 201 3.14 17.48 20.95
C ALA B 201 2.40 18.68 21.56
N ALA B 202 2.44 19.83 20.91
CA ALA B 202 1.74 21.04 21.33
C ALA B 202 0.22 20.82 21.35
N THR B 203 -0.34 20.11 20.37
CA THR B 203 -1.76 19.76 20.33
C THR B 203 -2.18 18.92 21.54
N MET B 204 -1.42 17.87 21.88
CA MET B 204 -1.68 17.01 23.03
C MET B 204 -1.62 17.81 24.33
N TYR B 205 -0.56 18.60 24.51
CA TYR B 205 -0.39 19.47 25.68
C TYR B 205 -1.54 20.48 25.83
N CYS B 206 -1.84 21.25 24.76
CA CYS B 206 -2.91 22.24 24.78
C CYS B 206 -4.27 21.61 25.10
N TYR B 207 -4.56 20.43 24.53
CA TYR B 207 -5.81 19.73 24.82
C TYR B 207 -5.90 19.26 26.28
N VAL B 208 -4.81 18.73 26.86
CA VAL B 208 -4.76 18.39 28.29
C VAL B 208 -5.01 19.62 29.16
N ARG B 209 -4.39 20.76 28.84
CA ARG B 209 -4.61 22.03 29.55
C ARG B 209 -6.06 22.50 29.44
N PHE B 210 -6.62 22.44 28.24
CA PHE B 210 -8.04 22.74 27.99
C PHE B 210 -8.95 21.84 28.83
N TYR B 211 -8.69 20.53 28.85
CA TYR B 211 -9.50 19.57 29.59
C TYR B 211 -9.44 19.81 31.10
N LYS B 212 -8.27 20.14 31.68
CA LYS B 212 -8.19 20.54 33.10
C LYS B 212 -8.97 21.82 33.39
N CYS B 213 -8.93 22.81 32.50
CA CYS B 213 -9.76 24.01 32.64
C CYS B 213 -11.26 23.67 32.55
N GLN B 214 -11.64 22.75 31.67
CA GLN B 214 -13.01 22.24 31.55
C GLN B 214 -13.49 21.56 32.84
N LEU B 215 -12.64 20.75 33.48
CA LEU B 215 -12.98 20.08 34.74
C LEU B 215 -13.12 21.08 35.91
N ARG B 216 -12.25 22.09 35.99
CA ARG B 216 -12.29 23.10 37.06
C ARG B 216 -13.45 24.07 36.90
N GLN B 217 -13.47 24.79 35.78
CA GLN B 217 -14.46 25.83 35.52
C GLN B 217 -14.55 26.13 34.02
N PRO B 218 -15.60 25.66 33.33
CA PRO B 218 -15.78 25.93 31.91
C PRO B 218 -16.08 27.41 31.65
N PHE B 219 -15.81 27.85 30.42
CA PHE B 219 -16.04 29.23 29.94
C PHE B 219 -15.27 30.33 30.67
N THR B 220 -14.21 29.98 31.39
CA THR B 220 -13.22 30.96 31.88
C THR B 220 -12.35 31.47 30.74
N TRP B 221 -11.64 32.58 30.96
CA TRP B 221 -10.69 33.09 29.97
C TRP B 221 -9.61 32.06 29.62
N SER B 222 -9.07 31.36 30.62
CA SER B 222 -8.12 30.27 30.42
C SER B 222 -8.71 29.13 29.60
N TRP B 223 -9.98 28.78 29.80
CA TRP B 223 -10.67 27.77 28.98
C TRP B 223 -10.68 28.15 27.49
N TYR B 224 -10.97 29.42 27.17
CA TYR B 224 -10.94 29.91 25.79
C TYR B 224 -9.52 29.90 25.21
N ILE B 225 -8.52 30.38 25.97
CA ILE B 225 -7.13 30.37 25.53
C ILE B 225 -6.70 28.96 25.14
N TRP B 226 -6.91 27.97 26.01
CA TRP B 226 -6.46 26.61 25.73
C TRP B 226 -7.25 25.93 24.62
N LEU B 227 -8.55 26.21 24.49
CA LEU B 227 -9.36 25.72 23.37
C LEU B 227 -8.82 26.21 22.02
N HIS B 228 -8.56 27.52 21.91
CA HIS B 228 -8.05 28.11 20.68
C HIS B 228 -6.58 27.75 20.44
N ALA B 229 -5.77 27.56 21.48
CA ALA B 229 -4.42 27.03 21.36
C ALA B 229 -4.41 25.58 20.84
N THR B 230 -5.33 24.72 21.30
CA THR B 230 -5.51 23.37 20.71
C THR B 230 -5.87 23.46 19.23
N GLY B 231 -6.82 24.33 18.87
CA GLY B 231 -7.19 24.55 17.48
C GLY B 231 -6.04 25.04 16.60
N LEU B 232 -5.28 26.02 17.09
CA LEU B 232 -4.12 26.57 16.40
C LEU B 232 -3.08 25.47 16.13
N SER B 233 -2.73 24.68 17.16
CA SER B 233 -1.79 23.57 17.02
C SER B 233 -2.30 22.51 16.05
N LEU B 234 -3.60 22.14 16.11
CA LEU B 234 -4.23 21.25 15.15
C LEU B 234 -4.13 21.78 13.71
N SER B 235 -4.31 23.09 13.52
CA SER B 235 -4.14 23.73 12.21
C SER B 235 -2.71 23.55 11.70
N PHE B 236 -1.68 23.73 12.52
CA PHE B 236 -0.28 23.54 12.12
C PHE B 236 0.03 22.09 11.75
N VAL B 237 -0.57 21.13 12.44
CA VAL B 237 -0.44 19.70 12.14
C VAL B 237 -0.95 19.39 10.72
N ILE B 238 -2.20 19.75 10.40
CA ILE B 238 -2.77 19.48 9.06
C ILE B 238 -2.18 20.36 7.97
N SER B 239 -1.68 21.55 8.30
CA SER B 239 -0.99 22.44 7.35
C SER B 239 0.44 21.99 7.05
N THR B 240 0.98 21.03 7.81
CA THR B 240 2.30 20.43 7.57
C THR B 240 2.18 19.19 6.67
N LYS B 241 1.37 18.20 7.07
CA LYS B 241 1.12 16.97 6.30
C LYS B 241 -0.32 16.49 6.52
N TYR B 242 -0.93 15.88 5.51
CA TYR B 242 -2.32 15.36 5.62
C TYR B 242 -2.50 14.22 6.62
N VAL B 243 -1.41 13.51 6.97
CA VAL B 243 -1.40 12.56 8.10
C VAL B 243 -1.86 13.21 9.41
N GLY B 244 -1.78 14.54 9.51
CA GLY B 244 -2.33 15.31 10.61
C GLY B 244 -3.83 15.11 10.89
N VAL B 245 -4.59 14.55 9.93
CA VAL B 245 -5.98 14.12 10.16
C VAL B 245 -6.09 13.09 11.29
N MET B 246 -5.04 12.31 11.54
CA MET B 246 -4.99 11.34 12.64
C MET B 246 -4.97 12.04 13.99
N THR B 247 -4.31 13.19 14.09
CA THR B 247 -4.30 14.04 15.29
C THR B 247 -5.66 14.70 15.51
N TYR B 248 -6.31 15.18 14.44
CA TYR B 248 -7.71 15.63 14.51
C TYR B 248 -8.65 14.52 15.00
N SER B 249 -8.44 13.29 14.53
CA SER B 249 -9.27 12.14 14.93
C SER B 249 -9.06 11.81 16.42
N ALA B 250 -7.82 11.81 16.91
CA ALA B 250 -7.50 11.57 18.31
C ALA B 250 -8.12 12.62 19.25
N ILE B 251 -7.91 13.91 18.96
CA ILE B 251 -8.50 15.01 19.76
C ILE B 251 -10.02 15.06 19.59
N GLY B 252 -10.51 14.84 18.38
CA GLY B 252 -11.94 14.80 18.06
C GLY B 252 -12.67 13.73 18.85
N PHE B 253 -12.11 12.51 18.93
CA PHE B 253 -12.65 11.43 19.73
C PHE B 253 -12.73 11.84 21.21
N ALA B 254 -11.64 12.35 21.78
CA ALA B 254 -11.63 12.79 23.18
C ALA B 254 -12.63 13.93 23.44
N ALA B 255 -12.76 14.87 22.51
CA ALA B 255 -13.70 15.99 22.61
C ALA B 255 -15.16 15.51 22.53
N VAL B 256 -15.46 14.52 21.68
CA VAL B 256 -16.79 13.89 21.55
C VAL B 256 -17.13 13.09 22.80
N VAL B 257 -16.20 12.30 23.34
CA VAL B 257 -16.39 11.59 24.63
C VAL B 257 -16.74 12.58 25.73
N ASN B 258 -16.02 13.69 25.83
CA ASN B 258 -16.34 14.68 26.84
C ASN B 258 -17.69 15.41 26.57
N LEU B 259 -18.02 15.72 25.32
CA LEU B 259 -19.34 16.26 24.98
C LEU B 259 -20.47 15.26 25.32
N TRP B 260 -20.24 13.96 25.15
CA TRP B 260 -21.18 12.91 25.54
C TRP B 260 -21.44 12.91 27.05
N GLN B 261 -20.39 13.07 27.88
CA GLN B 261 -20.55 13.22 29.33
C GLN B 261 -21.34 14.49 29.71
N LEU B 262 -21.12 15.60 28.99
CA LEU B 262 -21.85 16.86 29.23
C LEU B 262 -23.31 16.82 28.75
N LEU B 263 -23.65 15.91 27.85
CA LEU B 263 -25.03 15.70 27.38
C LEU B 263 -25.87 14.88 28.38
N ASP B 264 -25.22 14.09 29.24
CA ASP B 264 -25.92 13.31 30.27
C ASP B 264 -26.70 14.23 31.22
N ILE B 265 -27.95 13.86 31.50
CA ILE B 265 -28.83 14.56 32.45
C ILE B 265 -28.15 14.67 33.83
N LYS B 266 -27.53 13.57 34.25
CA LYS B 266 -26.89 13.54 35.59
C LYS B 266 -25.73 14.52 35.56
N ALA B 267 -25.66 15.35 34.51
CA ALA B 267 -24.62 16.40 34.47
C ALA B 267 -25.37 17.72 34.57
N GLY B 268 -26.68 17.65 34.78
CA GLY B 268 -27.46 18.87 34.99
C GLY B 268 -27.20 19.89 33.91
N LEU B 269 -26.98 19.45 32.68
CA LEU B 269 -26.63 20.43 31.64
C LEU B 269 -27.88 20.72 30.80
N SER B 270 -28.48 21.89 31.00
CA SER B 270 -29.66 22.30 30.20
C SER B 270 -29.27 22.25 28.73
N LEU B 271 -30.12 21.65 27.92
CA LEU B 271 -29.78 21.49 26.50
C LEU B 271 -29.15 22.76 25.90
N ARG B 272 -29.53 23.95 26.39
CA ARG B 272 -28.92 25.22 25.98
C ARG B 272 -27.45 25.33 26.40
N GLN B 273 -27.10 24.88 27.60
CA GLN B 273 -25.71 24.85 28.07
C GLN B 273 -24.87 23.84 27.29
N PHE B 274 -25.43 22.65 27.01
CA PHE B 274 -24.80 21.66 26.14
C PHE B 274 -24.54 22.24 24.74
N MET B 275 -25.54 22.86 24.11
CA MET B 275 -25.38 23.47 22.78
C MET B 275 -24.32 24.58 22.79
N ARG B 276 -24.19 25.33 23.89
CA ARG B 276 -23.09 26.29 24.06
C ARG B 276 -21.72 25.60 24.05
N HIS B 277 -21.56 24.47 24.74
CA HIS B 277 -20.33 23.68 24.67
C HIS B 277 -20.04 23.21 23.24
N PHE B 278 -21.04 22.61 22.59
CA PHE B 278 -20.93 22.10 21.22
C PHE B 278 -20.51 23.19 20.24
N SER B 279 -21.23 24.31 20.17
CA SER B 279 -20.94 25.38 19.21
C SER B 279 -19.57 26.02 19.43
N LYS B 280 -19.13 26.18 20.70
CA LYS B 280 -17.80 26.75 20.98
C LYS B 280 -16.68 25.78 20.60
N ARG B 281 -16.83 24.48 20.86
CA ARG B 281 -15.85 23.47 20.43
C ARG B 281 -15.79 23.31 18.93
N LEU B 282 -16.94 23.30 18.24
CA LEU B 282 -17.00 23.30 16.78
C LEU B 282 -16.24 24.49 16.18
N ASN B 283 -16.44 25.69 16.76
CA ASN B 283 -15.72 26.88 16.32
C ASN B 283 -14.21 26.78 16.57
N GLY B 284 -13.80 26.40 17.78
CA GLY B 284 -12.39 26.34 18.17
C GLY B 284 -11.59 25.19 17.56
N LEU B 285 -12.21 24.03 17.31
CA LEU B 285 -11.54 22.81 16.83
C LEU B 285 -11.75 22.52 15.34
N VAL B 286 -12.69 23.19 14.65
CA VAL B 286 -12.98 22.95 13.22
C VAL B 286 -12.96 24.24 12.40
N LEU B 287 -13.79 25.23 12.74
CA LEU B 287 -13.96 26.41 11.87
C LEU B 287 -12.72 27.31 11.84
N ILE B 288 -12.18 27.70 13.00
CA ILE B 288 -10.98 28.53 13.06
C ILE B 288 -9.76 27.83 12.47
N PRO B 289 -9.47 26.56 12.81
CA PRO B 289 -8.37 25.83 12.19
C PRO B 289 -8.50 25.74 10.67
N PHE B 290 -9.72 25.57 10.14
CA PHE B 290 -9.94 25.57 8.69
C PHE B 290 -9.63 26.93 8.05
N VAL B 291 -9.98 28.04 8.70
CA VAL B 291 -9.62 29.38 8.21
C VAL B 291 -8.11 29.59 8.19
N ILE B 292 -7.40 29.13 9.23
CA ILE B 292 -5.92 29.21 9.29
C ILE B 292 -5.27 28.33 8.23
N TYR B 293 -5.83 27.14 7.97
CA TYR B 293 -5.40 26.28 6.86
C TYR B 293 -5.54 27.00 5.51
N LEU B 294 -6.69 27.64 5.24
CA LEU B 294 -6.88 28.44 4.01
C LEU B 294 -5.94 29.65 3.94
N PHE B 295 -5.65 30.28 5.07
CA PHE B 295 -4.70 31.41 5.14
C PHE B 295 -3.32 31.03 4.60
N TRP B 296 -2.81 29.84 4.91
CA TRP B 296 -1.51 29.40 4.39
C TRP B 296 -1.51 29.21 2.87
N PHE B 297 -2.62 28.77 2.27
CA PHE B 297 -2.76 28.73 0.80
C PHE B 297 -2.85 30.12 0.20
N TRP B 298 -3.53 31.05 0.88
CA TRP B 298 -3.59 32.44 0.44
C TRP B 298 -2.19 33.08 0.42
N VAL B 299 -1.39 32.86 1.47
CA VAL B 299 0.02 33.30 1.49
C VAL B 299 0.80 32.62 0.36
N HIS B 300 0.69 31.31 0.21
CA HIS B 300 1.37 30.54 -0.83
C HIS B 300 1.13 31.10 -2.24
N PHE B 301 -0.13 31.36 -2.62
CA PHE B 301 -0.45 31.95 -3.93
C PHE B 301 -0.06 33.42 -4.07
N THR B 302 0.07 34.16 -2.96
CA THR B 302 0.48 35.57 -2.98
C THR B 302 2.00 35.70 -3.13
N VAL B 303 2.75 34.77 -2.52
CA VAL B 303 4.21 34.71 -2.63
C VAL B 303 4.59 34.19 -4.02
N LEU B 304 4.02 33.06 -4.44
CA LEU B 304 4.28 32.43 -5.74
C LEU B 304 3.41 33.02 -6.85
N ASN B 305 3.89 34.14 -7.41
CA ASN B 305 3.16 34.91 -8.42
C ASN B 305 3.81 34.88 -9.80
N THR B 306 4.87 34.09 -9.97
CA THR B 306 5.63 33.92 -11.21
C THR B 306 5.52 32.49 -11.71
N SER B 307 5.50 32.32 -13.03
CA SER B 307 5.48 31.01 -13.71
C SER B 307 6.70 30.17 -13.30
N GLY B 308 6.51 28.86 -13.13
CA GLY B 308 7.54 27.97 -12.61
C GLY B 308 7.28 26.49 -12.88
N PRO B 309 8.06 25.57 -12.27
CA PRO B 309 7.94 24.12 -12.55
C PRO B 309 6.57 23.52 -12.15
N GLY B 310 5.78 24.22 -11.34
CA GLY B 310 4.44 23.79 -10.95
C GLY B 310 3.36 23.99 -12.03
N ASP B 311 3.66 24.76 -13.08
CA ASP B 311 2.67 25.16 -14.08
C ASP B 311 2.05 23.95 -14.78
N ALA B 312 2.85 22.92 -15.06
CA ALA B 312 2.42 21.69 -15.75
C ALA B 312 1.30 20.92 -15.02
N PHE B 313 1.10 21.18 -13.73
CA PHE B 313 0.09 20.51 -12.89
C PHE B 313 -1.24 21.27 -12.83
N MET B 314 -1.28 22.49 -13.36
CA MET B 314 -2.41 23.40 -13.24
C MET B 314 -3.03 23.70 -14.60
N SER B 315 -4.28 24.16 -14.58
CA SER B 315 -4.99 24.58 -15.78
C SER B 315 -4.39 25.85 -16.40
N ALA B 316 -4.64 26.07 -17.69
CA ALA B 316 -4.27 27.32 -18.36
C ALA B 316 -4.87 28.55 -17.66
N GLU B 317 -6.09 28.46 -17.13
CA GLU B 317 -6.73 29.56 -16.39
C GLU B 317 -5.97 29.92 -15.11
N PHE B 318 -5.46 28.92 -14.38
CA PHE B 318 -4.59 29.15 -13.23
C PHE B 318 -3.26 29.79 -13.67
N GLN B 319 -2.64 29.26 -14.72
CA GLN B 319 -1.38 29.77 -15.26
C GLN B 319 -1.50 31.23 -15.72
N GLU B 320 -2.67 31.67 -16.22
CA GLU B 320 -2.93 33.08 -16.57
C GLU B 320 -2.86 34.04 -15.36
N THR B 321 -2.95 33.52 -14.12
CA THR B 321 -2.77 34.31 -12.89
C THR B 321 -1.30 34.56 -12.54
N LEU B 322 -0.38 33.84 -13.19
CA LEU B 322 1.05 33.93 -12.97
C LEU B 322 1.69 34.89 -13.96
N LYS B 323 2.59 35.73 -13.46
CA LYS B 323 3.48 36.54 -14.28
C LYS B 323 4.44 35.64 -15.04
N ASP B 324 5.26 36.06 -15.95
CA ASP B 324 6.38 35.42 -16.63
C ASP B 324 7.61 35.44 -15.71
N SER B 325 8.43 34.39 -15.77
CA SER B 325 9.69 34.39 -15.03
C SER B 325 10.61 35.48 -15.59
N PRO B 326 11.43 36.14 -14.74
CA PRO B 326 12.42 37.11 -15.22
C PRO B 326 13.29 36.55 -16.33
N LEU B 327 13.68 35.27 -16.23
CA LEU B 327 14.42 34.55 -17.27
C LEU B 327 13.62 34.40 -18.57
N SER B 328 12.31 34.11 -18.49
CA SER B 328 11.46 33.97 -19.68
C SER B 328 11.19 35.29 -20.40
N VAL B 329 11.19 36.42 -19.69
CA VAL B 329 11.04 37.76 -20.25
C VAL B 329 12.18 38.09 -21.22
N ASP B 330 13.40 37.76 -20.81
CA ASP B 330 14.61 37.99 -21.59
C ASP B 330 14.94 36.82 -22.53
N SER B 331 14.25 35.67 -22.38
CA SER B 331 14.49 34.50 -23.23
C SER B 331 14.07 34.78 -24.67
N LYS B 332 14.98 34.53 -25.59
CA LYS B 332 14.75 34.65 -27.02
C LYS B 332 15.04 33.31 -27.67
N THR B 333 14.22 32.93 -28.63
CA THR B 333 14.49 31.74 -29.47
C THR B 333 15.83 31.91 -30.15
N VAL B 334 16.68 30.88 -30.10
CA VAL B 334 17.95 30.82 -30.82
C VAL B 334 17.67 30.26 -32.21
N ASN B 335 18.08 30.99 -33.24
CA ASN B 335 17.96 30.61 -34.63
C ASN B 335 19.32 30.22 -35.21
N TYR B 336 19.32 29.45 -36.29
CA TYR B 336 20.53 29.27 -37.08
C TYR B 336 21.03 30.62 -37.60
N PHE B 337 22.36 30.78 -37.65
CA PHE B 337 23.10 32.00 -37.95
C PHE B 337 22.98 33.11 -36.88
N ASP B 338 22.40 32.81 -35.72
CA ASP B 338 22.54 33.69 -34.55
C ASP B 338 23.96 33.57 -33.97
N ILE B 339 24.52 34.69 -33.53
CA ILE B 339 25.76 34.80 -32.79
C ILE B 339 25.40 34.80 -31.31
N ILE B 340 25.89 33.81 -30.58
CA ILE B 340 25.52 33.55 -29.19
C ILE B 340 26.75 33.53 -28.28
N THR B 341 26.51 33.81 -27.00
CA THR B 341 27.44 33.49 -25.91
C THR B 341 26.92 32.30 -25.14
N ILE B 342 27.79 31.34 -24.84
CA ILE B 342 27.43 30.09 -24.14
C ILE B 342 28.10 30.14 -22.76
N LYS B 343 27.30 30.05 -21.70
CA LYS B 343 27.74 30.23 -20.32
C LYS B 343 27.56 28.94 -19.52
N HIS B 344 28.56 28.57 -18.74
CA HIS B 344 28.55 27.44 -17.85
C HIS B 344 27.71 27.73 -16.60
N GLN B 345 26.88 26.78 -16.16
CA GLN B 345 25.95 27.04 -15.05
C GLN B 345 26.64 27.10 -13.69
N ASP B 346 27.66 26.26 -13.46
CA ASP B 346 28.27 26.12 -12.14
C ASP B 346 29.40 27.13 -11.89
N THR B 347 30.14 27.50 -12.94
CA THR B 347 31.33 28.37 -12.81
C THR B 347 31.12 29.78 -13.36
N ASP B 348 29.95 30.06 -13.95
CA ASP B 348 29.61 31.28 -14.67
C ASP B 348 30.57 31.65 -15.83
N ALA B 349 31.46 30.75 -16.24
CA ALA B 349 32.42 31.00 -17.32
C ALA B 349 31.77 30.87 -18.70
N PHE B 350 32.17 31.74 -19.63
CA PHE B 350 31.78 31.67 -21.02
C PHE B 350 32.72 30.77 -21.81
N LEU B 351 32.15 30.00 -22.76
CA LEU B 351 32.93 29.30 -23.77
C LEU B 351 33.70 30.34 -24.60
N HIS B 352 35.02 30.26 -24.57
CA HIS B 352 35.92 31.29 -25.06
C HIS B 352 37.03 30.68 -25.92
N SER B 353 37.50 31.39 -26.94
CA SER B 353 38.66 30.97 -27.71
C SER B 353 39.47 32.17 -28.20
N HIS B 354 40.77 31.97 -28.43
CA HIS B 354 41.67 33.02 -28.92
C HIS B 354 42.81 32.40 -29.73
N LEU B 355 43.61 33.23 -30.39
CA LEU B 355 44.70 32.79 -31.28
C LEU B 355 45.84 32.00 -30.59
N ALA B 356 45.91 31.97 -29.26
CA ALA B 356 46.92 31.16 -28.57
C ALA B 356 46.64 29.66 -28.74
N ARG B 357 47.71 28.86 -28.72
CA ARG B 357 47.68 27.43 -29.01
C ARG B 357 48.08 26.60 -27.79
N TYR B 358 47.56 25.38 -27.69
CA TYR B 358 48.02 24.44 -26.68
C TYR B 358 49.53 24.17 -26.86
N PRO B 359 50.29 23.99 -25.75
CA PRO B 359 51.70 23.66 -25.84
C PRO B 359 51.84 22.25 -26.43
N GLN B 360 52.86 22.00 -27.28
CA GLN B 360 53.04 20.71 -27.94
C GLN B 360 53.07 19.51 -26.97
N ARG B 361 53.54 19.74 -25.73
CA ARG B 361 53.47 18.78 -24.63
C ARG B 361 52.96 19.47 -23.39
N TYR B 362 52.06 18.80 -22.66
CA TYR B 362 51.66 19.22 -21.32
C TYR B 362 52.76 18.87 -20.31
N GLU B 363 52.62 19.35 -19.06
CA GLU B 363 53.64 19.18 -18.01
C GLU B 363 53.90 17.72 -17.63
N ASP B 364 52.91 16.85 -17.79
CA ASP B 364 53.03 15.41 -17.57
C ASP B 364 53.63 14.63 -18.77
N GLY B 365 53.97 15.34 -19.84
CA GLY B 365 54.61 14.79 -21.03
C GLY B 365 53.66 14.25 -22.09
N ARG B 366 52.33 14.27 -21.87
CA ARG B 366 51.35 13.94 -22.92
C ARG B 366 51.43 14.97 -24.06
N ILE B 367 51.15 14.50 -25.27
CA ILE B 367 51.22 15.31 -26.49
C ILE B 367 49.83 15.89 -26.74
N SER B 368 49.77 17.21 -26.89
CA SER B 368 48.55 17.91 -27.30
C SER B 368 48.46 17.96 -28.83
N SER B 369 47.34 18.46 -29.35
CA SER B 369 47.21 18.74 -30.79
C SER B 369 48.05 19.92 -31.28
N ALA B 370 48.59 20.74 -30.37
CA ALA B 370 49.08 22.09 -30.66
C ALA B 370 48.06 22.98 -31.42
N GLY B 371 46.78 22.65 -31.26
CA GLY B 371 45.63 23.38 -31.81
C GLY B 371 45.35 24.68 -31.06
N GLN B 372 44.37 25.43 -31.54
CA GLN B 372 43.91 26.67 -30.92
C GLN B 372 43.26 26.36 -29.55
N GLN B 373 43.52 27.18 -28.54
CA GLN B 373 42.95 26.97 -27.21
C GLN B 373 41.47 27.32 -27.17
N VAL B 374 40.69 26.47 -26.51
CA VAL B 374 39.32 26.76 -26.07
C VAL B 374 39.31 26.71 -24.54
N THR B 375 38.86 27.78 -23.93
CA THR B 375 38.96 28.03 -22.49
C THR B 375 37.65 28.56 -21.92
N GLY B 376 37.52 28.57 -20.60
CA GLY B 376 36.42 29.20 -19.88
C GLY B 376 36.85 30.56 -19.35
N TYR B 377 36.17 31.62 -19.80
CA TYR B 377 36.48 32.99 -19.40
C TYR B 377 35.27 33.65 -18.71
N THR B 378 35.47 34.23 -17.53
CA THR B 378 34.38 34.74 -16.68
C THR B 378 33.91 36.15 -17.05
N HIS B 379 34.59 36.84 -17.97
CA HIS B 379 34.23 38.18 -18.40
C HIS B 379 33.70 38.17 -19.84
N PRO B 380 32.64 38.94 -20.13
CA PRO B 380 32.10 39.04 -21.48
C PRO B 380 33.06 39.80 -22.40
N ASP B 381 33.44 39.18 -23.52
CA ASP B 381 34.25 39.79 -24.56
C ASP B 381 33.87 39.28 -25.98
N PHE B 382 34.61 39.75 -27.00
CA PHE B 382 34.37 39.34 -28.39
C PHE B 382 34.76 37.88 -28.67
N ASN B 383 35.67 37.32 -27.87
CA ASN B 383 36.14 35.94 -27.98
C ASN B 383 35.17 34.93 -27.33
N ASN B 384 34.07 35.39 -26.74
CA ASN B 384 32.97 34.54 -26.27
C ASN B 384 31.91 34.28 -27.34
N GLN B 385 32.06 34.85 -28.54
CA GLN B 385 31.02 34.86 -29.56
C GLN B 385 31.15 33.67 -30.51
N TRP B 386 30.10 32.86 -30.55
CA TRP B 386 29.99 31.69 -31.41
C TRP B 386 28.77 31.81 -32.31
N GLU B 387 28.94 31.63 -33.61
CA GLU B 387 27.83 31.54 -34.55
C GLU B 387 27.31 30.11 -34.63
N VAL B 388 26.00 29.93 -34.49
CA VAL B 388 25.36 28.61 -34.62
C VAL B 388 25.07 28.33 -36.08
N LEU B 389 25.76 27.34 -36.64
CA LEU B 389 25.62 26.96 -38.03
C LEU B 389 24.95 25.59 -38.15
N PRO B 390 24.16 25.37 -39.20
CA PRO B 390 23.57 24.07 -39.42
C PRO B 390 24.62 23.11 -40.03
N PRO B 391 24.40 21.80 -39.98
CA PRO B 391 25.26 20.82 -40.63
C PRO B 391 25.36 21.09 -42.14
N HIS B 392 26.49 20.73 -42.74
CA HIS B 392 26.72 20.89 -44.17
C HIS B 392 25.64 20.14 -44.98
N GLY B 393 25.10 20.80 -46.01
CA GLY B 393 24.06 20.25 -46.89
C GLY B 393 22.63 20.25 -46.32
N SER B 394 22.38 20.89 -45.17
CA SER B 394 21.03 21.07 -44.65
C SER B 394 20.29 22.22 -45.35
N ASP B 395 19.00 22.04 -45.62
CA ASP B 395 18.12 23.06 -46.23
C ASP B 395 17.69 24.18 -45.24
N VAL B 396 18.34 24.24 -44.08
CA VAL B 396 17.93 25.10 -42.96
C VAL B 396 18.49 26.50 -43.15
N GLY B 397 17.60 27.48 -43.31
CA GLY B 397 17.94 28.88 -43.58
C GLY B 397 17.95 29.80 -42.37
N LYS B 398 18.40 31.05 -42.59
CA LYS B 398 18.40 32.12 -41.59
C LYS B 398 16.99 32.39 -41.04
N GLY B 399 16.87 32.42 -39.71
CA GLY B 399 15.61 32.67 -39.00
C GLY B 399 14.84 31.43 -38.56
N GLN B 400 15.27 30.22 -38.96
CA GLN B 400 14.72 28.98 -38.43
C GLN B 400 15.29 28.70 -37.03
N ALA B 401 14.41 28.29 -36.11
CA ALA B 401 14.79 27.96 -34.74
C ALA B 401 15.65 26.70 -34.67
N VAL B 402 16.67 26.73 -33.82
CA VAL B 402 17.48 25.56 -33.47
C VAL B 402 16.66 24.69 -32.52
N LEU B 403 16.57 23.39 -32.79
CA LEU B 403 15.91 22.44 -31.89
C LEU B 403 16.95 21.67 -31.07
N LEU B 404 16.58 21.33 -29.83
CA LEU B 404 17.40 20.52 -28.96
C LEU B 404 17.67 19.14 -29.57
N ASN B 405 18.89 18.65 -29.37
CA ASN B 405 19.43 17.39 -29.89
C ASN B 405 19.62 17.33 -31.42
N GLN B 406 19.47 18.45 -32.15
CA GLN B 406 19.87 18.53 -33.55
C GLN B 406 21.38 18.78 -33.68
N HIS B 407 21.97 18.20 -34.71
CA HIS B 407 23.37 18.46 -35.03
C HIS B 407 23.53 19.91 -35.47
N ILE B 408 24.58 20.54 -34.99
CA ILE B 408 24.98 21.91 -35.26
C ILE B 408 26.51 21.97 -35.39
N ARG B 409 27.01 23.10 -35.86
CA ARG B 409 28.42 23.47 -35.80
C ARG B 409 28.51 24.83 -35.13
N LEU B 410 29.58 25.06 -34.38
CA LEU B 410 29.85 26.35 -33.75
C LEU B 410 31.08 26.97 -34.41
N ARG B 411 30.92 28.16 -34.98
CA ARG B 411 32.03 28.92 -35.55
C ARG B 411 32.42 30.03 -34.59
N HIS B 412 33.67 30.06 -34.18
CA HIS B 412 34.20 31.14 -33.37
C HIS B 412 34.33 32.40 -34.22
N VAL B 413 33.63 33.47 -33.85
CA VAL B 413 33.51 34.67 -34.69
C VAL B 413 34.85 35.41 -34.83
N ALA B 414 35.66 35.44 -33.77
CA ALA B 414 36.89 36.22 -33.78
C ALA B 414 38.04 35.59 -34.57
N THR B 415 38.12 34.25 -34.61
CA THR B 415 39.18 33.52 -35.31
C THR B 415 38.73 32.85 -36.59
N ASP B 416 37.42 32.86 -36.88
CA ASP B 416 36.82 32.23 -38.06
C ASP B 416 37.16 30.74 -38.18
N THR B 417 37.05 30.01 -37.07
CA THR B 417 37.36 28.58 -36.94
C THR B 417 36.16 27.82 -36.38
N TYR B 418 36.01 26.55 -36.74
CA TYR B 418 34.97 25.68 -36.19
C TYR B 418 35.44 25.06 -34.87
N LEU B 419 34.56 25.00 -33.87
CA LEU B 419 34.77 24.20 -32.67
C LEU B 419 34.98 22.73 -33.05
N LEU B 420 35.93 22.07 -32.40
CA LEU B 420 36.29 20.68 -32.66
C LEU B 420 36.64 19.96 -31.36
N ALA B 421 36.25 18.69 -31.27
CA ALA B 421 36.71 17.76 -30.26
C ALA B 421 37.24 16.49 -30.93
N HIS B 422 38.29 15.91 -30.35
CA HIS B 422 39.02 14.78 -30.94
C HIS B 422 39.61 13.87 -29.86
N ASP B 423 40.11 12.70 -30.26
CA ASP B 423 40.77 11.73 -29.37
C ASP B 423 42.20 12.17 -28.96
N VAL B 424 42.30 13.37 -28.38
CA VAL B 424 43.49 13.91 -27.73
C VAL B 424 43.11 14.24 -26.30
N ALA B 425 43.92 13.84 -25.34
CA ALA B 425 43.59 14.04 -23.93
C ALA B 425 43.73 15.51 -23.50
N SER B 426 42.84 15.99 -22.62
CA SER B 426 42.86 17.36 -22.09
C SER B 426 44.03 17.64 -21.14
N PRO B 427 44.47 18.91 -20.97
CA PRO B 427 45.59 19.28 -20.10
C PRO B 427 45.57 18.65 -18.71
N PHE B 428 44.48 18.76 -17.95
CA PHE B 428 44.42 18.28 -16.56
C PHE B 428 43.83 16.87 -16.41
N TYR B 429 42.94 16.46 -17.31
CA TYR B 429 42.22 15.18 -17.20
C TYR B 429 42.60 14.22 -18.34
N PRO B 430 43.47 13.22 -18.10
CA PRO B 430 43.91 12.27 -19.13
C PRO B 430 42.80 11.45 -19.79
N THR B 431 41.65 11.31 -19.13
CA THR B 431 40.50 10.58 -19.66
C THR B 431 39.54 11.43 -20.49
N ASN B 432 39.64 12.75 -20.36
CA ASN B 432 38.76 13.71 -21.05
C ASN B 432 39.47 14.23 -22.30
N GLU B 433 38.68 14.70 -23.25
CA GLU B 433 39.20 15.15 -24.54
C GLU B 433 39.57 16.63 -24.52
N GLU B 434 40.64 17.00 -25.22
CA GLU B 434 40.99 18.38 -25.52
C GLU B 434 39.95 18.95 -26.49
N ILE B 435 39.48 20.17 -26.19
CA ILE B 435 38.59 20.92 -27.06
C ILE B 435 39.40 21.99 -27.75
N THR B 436 39.33 22.05 -29.08
CA THR B 436 40.10 22.99 -29.90
C THR B 436 39.22 23.60 -31.00
N THR B 437 39.84 24.27 -31.95
CA THR B 437 39.17 24.74 -33.16
C THR B 437 39.98 24.43 -34.40
N VAL B 438 39.30 24.28 -35.53
CA VAL B 438 39.88 23.95 -36.85
C VAL B 438 39.53 25.00 -37.89
N THR B 439 40.36 25.15 -38.93
CA THR B 439 40.06 26.07 -40.03
C THR B 439 38.80 25.66 -40.80
N LEU B 440 38.16 26.60 -41.50
CA LEU B 440 36.95 26.30 -42.26
C LEU B 440 37.18 25.23 -43.34
N GLU B 441 38.34 25.29 -44.02
CA GLU B 441 38.70 24.35 -45.09
C GLU B 441 38.87 22.91 -44.58
N GLU B 442 39.57 22.73 -43.47
CA GLU B 442 39.79 21.42 -42.85
C GLU B 442 38.49 20.87 -42.22
N GLY B 443 37.72 21.74 -41.56
CA GLY B 443 36.44 21.38 -40.96
C GLY B 443 35.35 21.07 -41.99
N ASP B 444 35.41 21.62 -43.20
CA ASP B 444 34.53 21.24 -44.31
C ASP B 444 35.05 20.03 -45.11
N GLY B 445 36.27 19.58 -44.79
CA GLY B 445 36.93 18.42 -45.38
C GLY B 445 36.85 17.17 -44.51
N GLU B 446 38.00 16.56 -44.21
CA GLU B 446 38.09 15.28 -43.52
C GLU B 446 37.63 15.34 -42.05
N LEU B 447 37.82 16.50 -41.40
CA LEU B 447 37.49 16.69 -39.97
C LEU B 447 36.04 17.10 -39.74
N TYR B 448 35.19 17.05 -40.78
CA TYR B 448 33.79 17.42 -40.68
C TYR B 448 33.03 16.71 -39.53
N PRO B 449 33.16 15.37 -39.33
CA PRO B 449 32.49 14.68 -38.22
C PRO B 449 32.86 15.22 -36.83
N GLU B 450 34.12 15.63 -36.64
CA GLU B 450 34.67 16.14 -35.38
C GLU B 450 34.23 17.59 -35.07
N THR B 451 33.55 18.25 -36.02
CA THR B 451 32.96 19.59 -35.82
C THR B 451 31.47 19.55 -35.46
N LEU B 452 30.87 18.36 -35.38
CA LEU B 452 29.45 18.19 -35.12
C LEU B 452 29.16 18.14 -33.62
N PHE B 453 28.37 19.11 -33.18
CA PHE B 453 27.88 19.18 -31.80
C PHE B 453 26.35 19.13 -31.78
N ALA B 454 25.78 18.92 -30.60
CA ALA B 454 24.36 19.05 -30.36
C ALA B 454 24.13 19.75 -29.02
N PHE B 455 23.11 20.61 -28.98
CA PHE B 455 22.56 21.09 -27.71
C PHE B 455 21.69 19.98 -27.11
N GLN B 456 22.31 19.06 -26.39
CA GLN B 456 21.64 17.89 -25.83
C GLN B 456 20.80 18.33 -24.62
N PRO B 457 19.49 18.03 -24.60
CA PRO B 457 18.64 18.41 -23.47
C PRO B 457 19.02 17.65 -22.19
N LEU B 458 18.78 18.27 -21.04
CA LEU B 458 19.00 17.60 -19.75
C LEU B 458 18.05 16.41 -19.54
N LYS B 459 16.82 16.53 -20.08
CA LYS B 459 15.78 15.52 -20.04
C LYS B 459 15.45 15.04 -21.45
N LYS B 460 15.33 13.73 -21.64
CA LYS B 460 14.91 13.14 -22.93
C LYS B 460 13.54 13.62 -23.41
N SER B 461 12.65 14.03 -22.49
CA SER B 461 11.34 14.60 -22.84
C SER B 461 11.44 15.90 -23.62
N ASP B 462 12.60 16.57 -23.55
CA ASP B 462 12.76 17.90 -24.11
C ASP B 462 13.41 17.89 -25.50
N GLU B 463 13.76 16.70 -26.01
CA GLU B 463 14.28 16.52 -27.37
C GLU B 463 13.30 17.09 -28.42
N GLY B 464 13.84 17.85 -29.38
CA GLY B 464 13.04 18.50 -30.42
C GLY B 464 12.35 19.80 -30.00
N HIS B 465 12.42 20.23 -28.74
CA HIS B 465 11.97 21.57 -28.37
C HIS B 465 12.88 22.66 -28.92
N VAL B 466 12.31 23.85 -29.11
CA VAL B 466 13.03 25.04 -29.54
C VAL B 466 14.00 25.51 -28.46
N LEU B 467 15.27 25.68 -28.82
CA LEU B 467 16.28 26.28 -27.96
C LEU B 467 15.96 27.76 -27.72
N LYS B 468 16.04 28.19 -26.45
CA LYS B 468 15.86 29.58 -26.04
C LYS B 468 16.99 30.01 -25.12
N SER B 469 17.45 31.25 -25.28
CA SER B 469 18.42 31.86 -24.35
C SER B 469 17.88 31.90 -22.92
N LYS B 470 18.79 31.85 -21.94
CA LYS B 470 18.61 31.98 -20.48
C LYS B 470 17.74 30.93 -19.79
N THR B 471 16.79 30.32 -20.49
CA THR B 471 15.79 29.40 -19.91
C THR B 471 16.05 27.93 -20.15
N VAL B 472 16.74 27.59 -21.25
CA VAL B 472 16.97 26.21 -21.64
C VAL B 472 18.42 25.85 -21.32
N SER B 473 18.61 25.04 -20.28
CA SER B 473 19.89 24.38 -20.01
C SER B 473 20.09 23.20 -20.94
N PHE B 474 21.32 22.95 -21.37
CA PHE B 474 21.70 21.83 -22.21
C PHE B 474 23.13 21.39 -21.90
N ARG B 475 23.49 20.19 -22.37
CA ARG B 475 24.88 19.75 -22.46
C ARG B 475 25.35 20.02 -23.89
N LEU B 476 26.53 20.62 -24.04
CA LEU B 476 27.12 20.80 -25.36
C LEU B 476 27.83 19.50 -25.74
N PHE B 477 27.11 18.63 -26.45
CA PHE B 477 27.49 17.25 -26.72
C PHE B 477 28.22 17.14 -28.05
N HIS B 478 29.38 16.50 -28.06
CA HIS B 478 30.12 16.18 -29.28
C HIS B 478 29.62 14.86 -29.88
N VAL B 479 29.25 14.89 -31.16
CA VAL B 479 28.54 13.78 -31.81
C VAL B 479 29.46 12.57 -32.06
N ASP B 480 30.69 12.79 -32.50
CA ASP B 480 31.59 11.71 -32.94
C ASP B 480 32.12 10.89 -31.76
N THR B 481 32.72 11.57 -30.76
CA THR B 481 33.34 10.90 -29.60
C THR B 481 32.40 10.72 -28.41
N SER B 482 31.17 11.23 -28.48
CA SER B 482 30.14 11.09 -27.44
C SER B 482 30.54 11.65 -26.06
N VAL B 483 31.24 12.78 -26.04
CA VAL B 483 31.61 13.52 -24.82
C VAL B 483 30.76 14.79 -24.66
N ALA B 484 30.65 15.32 -23.44
CA ALA B 484 30.03 16.62 -23.19
C ALA B 484 31.10 17.64 -22.79
N LEU B 485 31.01 18.86 -23.31
CA LEU B 485 31.89 19.94 -22.90
C LEU B 485 31.66 20.27 -21.42
N TRP B 486 32.76 20.44 -20.71
CA TRP B 486 32.80 20.65 -19.27
C TRP B 486 33.91 21.62 -18.89
N THR B 487 33.73 22.31 -17.76
CA THR B 487 34.72 23.20 -17.17
C THR B 487 34.64 23.21 -15.66
N HIS B 488 35.72 23.64 -15.02
CA HIS B 488 35.89 23.66 -13.57
C HIS B 488 36.71 24.88 -13.15
N ASN B 489 36.67 25.21 -11.87
CA ASN B 489 37.32 26.40 -11.31
C ASN B 489 38.13 26.12 -10.04
N ASP B 490 38.37 24.84 -9.73
CA ASP B 490 39.25 24.39 -8.64
C ASP B 490 40.73 24.50 -9.03
N GLU B 491 41.05 24.32 -10.31
CA GLU B 491 42.39 24.53 -10.86
C GLU B 491 42.33 25.29 -12.19
N LEU B 492 43.18 26.30 -12.36
CA LEU B 492 43.23 27.14 -13.58
C LEU B 492 44.42 26.75 -14.44
N LEU B 493 44.29 26.92 -15.76
CA LEU B 493 45.38 26.63 -16.69
C LEU B 493 46.66 27.43 -16.33
N PRO B 494 47.86 26.90 -16.60
CA PRO B 494 49.11 27.63 -16.34
C PRO B 494 49.23 28.91 -17.18
N ASP B 495 50.37 29.61 -17.07
CA ASP B 495 50.62 30.88 -17.76
C ASP B 495 50.38 30.83 -19.27
N TRP B 496 50.62 29.68 -19.92
CA TRP B 496 50.37 29.51 -21.36
C TRP B 496 48.88 29.51 -21.74
N GLY B 497 47.99 29.24 -20.76
CA GLY B 497 46.52 29.32 -20.89
C GLY B 497 45.94 30.52 -20.14
N PHE B 498 46.75 31.53 -19.82
CA PHE B 498 46.34 32.80 -19.21
C PHE B 498 45.59 32.69 -17.89
N GLN B 499 45.77 31.60 -17.13
CA GLN B 499 45.00 31.35 -15.89
C GLN B 499 43.48 31.34 -16.11
N GLN B 500 43.04 30.91 -17.30
CA GLN B 500 41.64 30.69 -17.62
C GLN B 500 41.21 29.27 -17.22
N GLN B 501 39.91 29.03 -17.16
CA GLN B 501 39.38 27.69 -16.89
C GLN B 501 39.64 26.77 -18.09
N GLU B 502 39.92 25.50 -17.81
CA GLU B 502 40.02 24.49 -18.86
C GLU B 502 38.62 24.15 -19.41
N ILE B 503 38.50 24.02 -20.73
CA ILE B 503 37.33 23.41 -21.38
C ILE B 503 37.78 22.04 -21.92
N ASN B 504 37.11 20.98 -21.48
CA ASN B 504 37.43 19.63 -21.90
C ASN B 504 36.17 18.81 -22.24
N GLY B 505 36.33 17.71 -22.95
CA GLY B 505 35.29 16.75 -23.30
C GLY B 505 35.15 15.66 -22.24
N ASN B 506 34.22 15.82 -21.33
CA ASN B 506 33.94 14.87 -20.26
C ASN B 506 33.16 13.65 -20.78
N LYS B 507 33.71 12.46 -20.57
CA LYS B 507 33.08 11.17 -20.92
C LYS B 507 31.88 10.83 -20.03
N LYS B 508 31.81 11.40 -18.82
CA LYS B 508 30.63 11.28 -17.94
C LYS B 508 29.56 12.28 -18.38
N VAL B 509 28.98 12.07 -19.56
CA VAL B 509 28.02 13.00 -20.19
C VAL B 509 26.90 13.43 -19.25
N ILE B 510 26.34 12.51 -18.47
CA ILE B 510 25.16 12.76 -17.63
C ILE B 510 25.48 13.65 -16.42
N ASP B 511 26.75 13.89 -16.11
CA ASP B 511 27.19 14.73 -14.99
C ASP B 511 26.49 16.11 -15.03
N PRO B 512 25.81 16.52 -13.94
CA PRO B 512 25.13 17.81 -13.86
C PRO B 512 26.06 19.01 -14.00
N SER B 513 27.34 18.85 -13.71
CA SER B 513 28.33 19.91 -13.93
C SER B 513 28.61 20.13 -15.41
N ASN B 514 28.12 19.33 -16.36
CA ASN B 514 28.28 19.57 -17.80
C ASN B 514 27.20 20.51 -18.38
N ASN B 515 26.50 21.29 -17.54
CA ASN B 515 25.35 22.08 -17.97
C ASN B 515 25.75 23.49 -18.40
N TRP B 516 25.23 23.88 -19.56
CA TRP B 516 25.43 25.18 -20.19
C TRP B 516 24.08 25.83 -20.51
N VAL B 517 24.11 27.15 -20.70
CA VAL B 517 22.98 27.94 -21.17
C VAL B 517 23.45 28.94 -22.21
N VAL B 518 22.62 29.25 -23.21
CA VAL B 518 22.86 30.42 -24.07
C VAL B 518 22.53 31.67 -23.27
N ASP B 519 23.51 32.53 -22.99
CA ASP B 519 23.31 33.72 -22.16
C ASP B 519 22.71 34.88 -22.98
N GLU B 520 23.38 35.25 -24.08
CA GLU B 520 22.98 36.35 -24.96
C GLU B 520 22.99 35.93 -26.44
N ILE B 521 22.11 36.55 -27.23
CA ILE B 521 22.14 36.54 -28.69
C ILE B 521 22.59 37.94 -29.15
N VAL B 522 23.83 38.05 -29.60
CA VAL B 522 24.51 39.33 -29.89
C VAL B 522 23.91 40.03 -31.11
N ASN B 523 23.57 39.27 -32.16
CA ASN B 523 23.08 39.79 -33.44
C ASN B 523 21.54 39.79 -33.55
N LEU B 524 20.83 39.99 -32.43
CA LEU B 524 19.37 39.92 -32.39
C LEU B 524 18.71 41.08 -33.16
N ASP B 525 17.79 40.76 -34.08
CA ASP B 525 17.02 41.76 -34.84
C ASP B 525 16.09 42.60 -33.93
N GLU B 526 15.89 43.87 -34.25
CA GLU B 526 15.04 44.82 -33.47
C GLU B 526 13.61 44.30 -33.23
N VAL B 527 13.04 43.57 -34.20
CA VAL B 527 11.70 42.96 -34.08
C VAL B 527 11.68 41.88 -33.00
N ARG B 528 12.76 41.09 -32.88
CA ARG B 528 12.90 40.01 -31.88
C ARG B 528 13.22 40.58 -30.48
N LYS B 529 13.74 41.81 -30.37
CA LYS B 529 14.01 42.48 -29.09
C LYS B 529 12.73 42.82 -28.32
N VAL B 530 11.66 43.23 -29.00
CA VAL B 530 10.41 43.68 -28.36
C VAL B 530 9.78 42.56 -27.52
N TYR B 531 9.71 42.78 -26.20
CA TYR B 531 9.01 41.89 -25.27
C TYR B 531 7.57 42.36 -25.09
N ILE B 532 6.60 41.44 -25.22
CA ILE B 532 5.20 41.70 -24.92
C ILE B 532 4.92 41.05 -23.56
N PRO B 533 4.77 41.83 -22.47
CA PRO B 533 4.49 41.27 -21.15
C PRO B 533 3.14 40.57 -21.14
N LYS B 534 3.08 39.37 -20.56
CA LYS B 534 1.82 38.70 -20.28
C LYS B 534 0.98 39.55 -19.34
N VAL B 535 -0.28 39.76 -19.70
CA VAL B 535 -1.26 40.42 -18.84
C VAL B 535 -1.75 39.41 -17.81
N VAL B 536 -1.36 39.61 -16.56
CA VAL B 536 -1.81 38.76 -15.43
C VAL B 536 -3.31 38.90 -15.25
N LYS B 537 -4.04 37.77 -15.31
CA LYS B 537 -5.48 37.73 -15.06
C LYS B 537 -5.75 37.23 -13.63
N PRO B 538 -6.64 37.93 -12.89
CA PRO B 538 -6.97 37.58 -11.49
C PRO B 538 -7.91 36.39 -11.46
N LEU B 539 -7.99 35.72 -10.32
CA LEU B 539 -8.95 34.61 -10.17
C LEU B 539 -9.48 34.61 -8.73
N PRO B 540 -10.65 34.01 -8.46
CA PRO B 540 -11.19 33.92 -7.09
C PRO B 540 -10.29 33.06 -6.23
N PHE B 541 -9.69 33.64 -5.20
CA PHE B 541 -8.91 32.77 -4.31
C PHE B 541 -9.52 31.38 -4.13
N LEU B 542 -10.82 31.27 -3.86
CA LEU B 542 -11.46 29.97 -3.64
C LEU B 542 -11.41 29.07 -4.87
N LYS B 543 -11.50 29.64 -6.08
CA LYS B 543 -11.37 28.87 -7.32
C LYS B 543 -9.94 28.36 -7.48
N LYS B 544 -8.96 29.22 -7.25
CA LYS B 544 -7.52 28.89 -7.25
C LYS B 544 -7.20 27.78 -6.23
N TRP B 545 -7.70 27.92 -5.01
CA TRP B 545 -7.53 26.92 -3.95
C TRP B 545 -8.21 25.58 -4.25
N ILE B 546 -9.45 25.57 -4.75
CA ILE B 546 -10.17 24.34 -5.11
C ILE B 546 -9.43 23.56 -6.20
N GLU B 547 -8.94 24.26 -7.24
CA GLU B 547 -8.16 23.65 -8.30
C GLU B 547 -6.89 23.00 -7.77
N THR B 548 -6.05 23.77 -7.06
CA THR B 548 -4.83 23.24 -6.44
C THR B 548 -5.13 22.07 -5.51
N GLN B 549 -6.20 22.13 -4.72
CA GLN B 549 -6.57 21.05 -3.80
C GLN B 549 -6.98 19.77 -4.50
N LYS B 550 -7.76 19.86 -5.59
CA LYS B 550 -8.11 18.70 -6.40
C LYS B 550 -6.86 18.08 -7.01
N SER B 551 -5.98 18.89 -7.59
CA SER B 551 -4.70 18.42 -8.12
C SER B 551 -3.85 17.73 -7.06
N MET B 552 -3.78 18.29 -5.83
CA MET B 552 -3.06 17.68 -4.70
C MET B 552 -3.57 16.27 -4.38
N PHE B 553 -4.88 16.09 -4.23
CA PHE B 553 -5.46 14.78 -3.92
C PHE B 553 -5.34 13.78 -5.07
N GLU B 554 -5.54 14.22 -6.32
CA GLU B 554 -5.41 13.37 -7.49
C GLU B 554 -3.96 12.85 -7.66
N HIS B 555 -2.96 13.71 -7.52
CA HIS B 555 -1.56 13.30 -7.64
C HIS B 555 -1.10 12.46 -6.45
N ASN B 556 -1.55 12.78 -5.23
CA ASN B 556 -1.23 11.95 -4.05
C ASN B 556 -1.77 10.52 -4.19
N ASN B 557 -2.97 10.35 -4.74
CA ASN B 557 -3.56 9.03 -4.98
C ASN B 557 -2.86 8.23 -6.10
N LYS B 558 -2.21 8.95 -7.03
CA LYS B 558 -1.52 8.28 -8.16
C LYS B 558 -0.04 8.09 -7.77
N LEU B 559 0.91 8.37 -8.65
CA LEU B 559 2.34 8.27 -8.25
C LEU B 559 2.67 6.84 -7.77
N SER B 560 2.81 5.90 -8.69
CA SER B 560 3.05 4.49 -8.31
C SER B 560 4.53 4.12 -8.52
N SER B 561 5.25 3.78 -7.45
CA SER B 561 6.68 3.33 -7.59
C SER B 561 7.02 2.31 -6.50
N GLU B 562 8.27 1.84 -6.47
CA GLU B 562 8.68 0.80 -5.50
C GLU B 562 10.02 1.19 -4.86
N HIS B 563 10.02 2.19 -4.00
CA HIS B 563 11.25 2.70 -3.36
C HIS B 563 11.93 1.55 -2.59
N PRO B 564 13.27 1.36 -2.71
CA PRO B 564 13.96 0.26 -2.04
C PRO B 564 13.89 0.43 -0.52
N PHE B 565 12.94 1.24 -0.05
CA PHE B 565 12.80 1.51 1.39
C PHE B 565 11.35 1.65 1.88
N ALA B 566 10.34 1.38 1.05
CA ALA B 566 8.96 1.37 1.49
C ALA B 566 8.74 0.28 2.54
N SER B 567 7.94 0.57 3.57
CA SER B 567 7.67 -0.39 4.65
C SER B 567 6.21 -0.38 5.06
N GLU B 568 5.72 -1.56 5.44
CA GLU B 568 4.34 -1.76 5.82
C GLU B 568 4.09 -1.54 7.31
N PRO B 569 2.87 -1.13 7.72
CA PRO B 569 2.57 -0.77 9.09
C PRO B 569 2.92 -1.84 10.13
N TYR B 570 2.80 -3.12 9.79
CA TYR B 570 3.10 -4.21 10.72
C TYR B 570 4.57 -4.24 11.17
N SER B 571 5.50 -3.71 10.37
CA SER B 571 6.93 -3.72 10.71
C SER B 571 7.35 -2.52 11.56
N TRP B 572 6.53 -1.47 11.63
CA TRP B 572 6.93 -0.22 12.27
C TRP B 572 7.12 -0.34 13.78
N PRO B 573 6.19 -0.87 14.61
CA PRO B 573 6.39 -0.89 16.05
C PRO B 573 7.64 -1.68 16.49
N GLY B 574 8.10 -2.63 15.67
CA GLY B 574 9.34 -3.38 15.89
C GLY B 574 10.60 -2.69 15.36
N SER B 575 10.47 -1.62 14.58
CA SER B 575 11.54 -0.96 13.83
C SER B 575 12.40 -1.96 13.04
N LEU B 576 11.74 -2.89 12.33
CA LEU B 576 12.39 -4.07 11.71
C LEU B 576 13.24 -3.74 10.48
N SER B 577 12.97 -2.61 9.82
CA SER B 577 13.73 -2.07 8.70
C SER B 577 13.87 -0.55 8.84
N GLY B 578 14.87 0.02 8.18
CA GLY B 578 15.11 1.47 8.16
C GLY B 578 15.29 2.01 6.74
N VAL B 579 15.77 3.25 6.64
CA VAL B 579 15.92 3.98 5.37
C VAL B 579 17.31 4.57 5.29
N SER B 580 18.02 4.35 4.17
CA SER B 580 19.30 5.02 3.94
C SER B 580 19.06 6.49 3.55
N PHE B 581 19.67 7.40 4.29
CA PHE B 581 19.51 8.84 4.08
C PHE B 581 20.67 9.46 3.32
N TRP B 582 21.89 8.95 3.53
CA TRP B 582 23.10 9.45 2.90
C TRP B 582 24.22 8.43 3.01
N THR B 583 25.11 8.43 2.02
CA THR B 583 26.31 7.58 1.96
C THR B 583 27.46 8.34 1.32
N ASN B 584 28.65 8.23 1.88
CA ASN B 584 29.90 8.68 1.26
C ASN B 584 30.78 7.45 1.00
N GLY B 585 31.02 7.17 -0.28
CA GLY B 585 31.76 5.98 -0.74
C GLY B 585 33.24 6.00 -0.36
N ASP B 586 33.87 7.17 -0.41
CA ASP B 586 35.31 7.34 -0.17
C ASP B 586 35.65 7.16 1.32
N GLU B 587 34.86 7.76 2.19
CA GLU B 587 35.05 7.68 3.65
C GLU B 587 34.34 6.47 4.29
N LYS B 588 33.54 5.72 3.52
CA LYS B 588 32.66 4.63 3.98
C LYS B 588 31.77 5.05 5.16
N LYS B 589 31.14 6.22 5.04
CA LYS B 589 30.25 6.79 6.06
C LYS B 589 28.80 6.80 5.57
N GLN B 590 27.85 6.67 6.48
CA GLN B 590 26.43 6.65 6.12
C GLN B 590 25.52 7.19 7.23
N ILE B 591 24.40 7.78 6.83
CA ILE B 591 23.28 8.09 7.72
C ILE B 591 22.15 7.09 7.44
N TYR B 592 21.66 6.45 8.49
CA TYR B 592 20.59 5.46 8.43
C TYR B 592 19.48 5.78 9.42
N PHE B 593 18.26 5.90 8.91
CA PHE B 593 17.07 6.21 9.68
C PHE B 593 16.45 4.94 10.26
N ILE B 594 16.52 4.81 11.58
CA ILE B 594 15.95 3.68 12.34
C ILE B 594 15.57 4.13 13.75
N GLY B 595 14.54 3.50 14.35
CA GLY B 595 14.15 3.75 15.73
C GLY B 595 15.11 3.14 16.76
N ASN B 596 15.06 3.64 18.01
CA ASN B 596 15.78 3.02 19.11
C ASN B 596 15.07 1.70 19.50
N ILE B 597 15.53 0.66 18.83
CA ILE B 597 14.92 -0.68 19.02
C ILE B 597 14.69 -0.93 20.51
N ILE B 598 15.69 -0.82 21.36
CA ILE B 598 15.36 -1.13 22.78
C ILE B 598 14.16 -0.26 23.16
N GLY B 599 14.19 1.02 22.81
CA GLY B 599 13.11 1.92 23.24
C GLY B 599 11.78 1.61 22.59
N TRP B 600 11.78 1.40 21.28
CA TRP B 600 10.47 1.19 20.63
C TRP B 600 9.91 -0.11 21.19
N TRP B 601 10.78 -1.03 21.58
CA TRP B 601 10.27 -2.35 22.06
C TRP B 601 9.74 -2.18 23.48
N PHE B 602 10.34 -1.32 24.27
CA PHE B 602 9.72 -1.05 25.59
C PHE B 602 8.36 -0.58 25.26
N GLN B 603 8.29 0.40 24.37
CA GLN B 603 6.95 0.96 24.06
C GLN B 603 5.98 -0.20 23.74
N VAL B 604 6.33 -1.10 22.83
CA VAL B 604 5.38 -2.18 22.42
C VAL B 604 5.01 -2.97 23.67
N ILE B 605 5.98 -3.62 24.28
CA ILE B 605 5.67 -4.50 25.45
C ILE B 605 4.68 -3.77 26.37
N SER B 606 4.87 -2.48 26.60
CA SER B 606 3.86 -1.74 27.42
C SER B 606 2.47 -1.97 26.82
N LEU B 607 2.22 -1.44 25.63
CA LEU B 607 0.90 -1.51 25.00
C LEU B 607 0.22 -2.86 25.25
N ALA B 608 0.96 -3.97 25.11
CA ALA B 608 0.45 -5.31 25.37
C ALA B 608 0.05 -5.52 26.85
N VAL B 609 0.89 -5.07 27.78
CA VAL B 609 0.62 -5.14 29.23
C VAL B 609 -0.63 -4.36 29.59
N PHE B 610 -0.81 -3.15 29.04
CA PHE B 610 -2.02 -2.36 29.28
C PHE B 610 -3.29 -3.04 28.79
N VAL B 611 -3.28 -3.61 27.57
CA VAL B 611 -4.43 -4.36 27.05
C VAL B 611 -4.75 -5.53 27.99
N GLY B 612 -3.72 -6.25 28.46
CA GLY B 612 -3.88 -7.31 29.46
C GLY B 612 -4.52 -6.81 30.76
N ILE B 613 -4.08 -5.66 31.28
CA ILE B 613 -4.65 -5.04 32.51
C ILE B 613 -6.12 -4.67 32.31
N ILE B 614 -6.46 -4.02 31.18
CA ILE B 614 -7.85 -3.63 30.89
C ILE B 614 -8.75 -4.86 30.76
N VAL B 615 -8.32 -5.89 30.02
CA VAL B 615 -9.08 -7.13 29.88
C VAL B 615 -9.26 -7.82 31.23
N ALA B 616 -8.21 -7.89 32.05
CA ALA B 616 -8.29 -8.47 33.39
C ALA B 616 -9.24 -7.69 34.33
N ASP B 617 -9.19 -6.36 34.32
CA ASP B 617 -10.12 -5.49 35.08
C ASP B 617 -11.58 -5.72 34.65
N LEU B 618 -11.84 -5.78 33.34
CA LEU B 618 -13.19 -6.03 32.81
C LEU B 618 -13.72 -7.42 33.21
N ILE B 619 -12.89 -8.47 33.09
CA ILE B 619 -13.27 -9.84 33.46
C ILE B 619 -13.54 -9.94 34.96
N THR B 620 -12.63 -9.43 35.79
CA THR B 620 -12.77 -9.50 37.26
C THR B 620 -14.00 -8.75 37.76
N ARG B 621 -14.25 -7.53 37.26
CA ARG B 621 -15.48 -6.79 37.57
C ARG B 621 -16.74 -7.54 37.17
N HIS B 622 -16.76 -8.16 36.00
CA HIS B 622 -17.91 -8.95 35.56
C HIS B 622 -18.19 -10.14 36.48
N ARG B 623 -17.18 -10.58 37.24
CA ARG B 623 -17.28 -11.64 38.27
C ARG B 623 -17.57 -11.10 39.68
N GLY B 624 -17.81 -9.79 39.83
CA GLY B 624 -18.02 -9.16 41.13
C GLY B 624 -16.75 -9.03 41.97
N TYR B 625 -15.58 -9.14 41.35
CA TYR B 625 -14.28 -8.98 42.00
C TYR B 625 -13.63 -7.67 41.58
N TYR B 626 -13.49 -6.73 42.52
CA TYR B 626 -13.02 -5.37 42.27
C TYR B 626 -11.56 -5.22 42.71
N ALA B 627 -10.64 -5.69 41.87
CA ALA B 627 -9.23 -5.75 42.21
C ALA B 627 -8.56 -4.36 42.33
N LEU B 628 -8.94 -3.44 41.45
CA LEU B 628 -8.27 -2.16 41.26
C LEU B 628 -9.00 -1.04 42.02
N ASN B 629 -8.23 -0.23 42.75
CA ASN B 629 -8.68 1.03 43.37
C ASN B 629 -9.22 2.01 42.32
N LYS B 630 -10.26 2.76 42.67
CA LYS B 630 -10.80 3.88 41.89
C LYS B 630 -9.73 4.80 41.28
N MET B 631 -8.74 5.27 42.06
CA MET B 631 -7.70 6.18 41.52
C MET B 631 -6.82 5.51 40.46
N THR B 632 -6.50 4.22 40.62
CA THR B 632 -5.79 3.46 39.59
C THR B 632 -6.61 3.38 38.32
N ARG B 633 -7.92 3.15 38.43
CA ARG B 633 -8.82 3.14 37.27
C ARG B 633 -8.95 4.49 36.60
N GLU B 634 -9.01 5.57 37.35
CA GLU B 634 -9.01 6.91 36.76
C GLU B 634 -7.75 7.16 35.92
N LYS B 635 -6.58 6.68 36.36
CA LYS B 635 -5.35 6.72 35.55
C LYS B 635 -5.45 5.84 34.29
N LEU B 636 -5.96 4.61 34.42
CA LEU B 636 -6.07 3.64 33.32
C LEU B 636 -7.07 4.09 32.25
N TYR B 637 -8.29 4.45 32.66
CA TYR B 637 -9.40 4.81 31.77
C TYR B 637 -9.42 6.30 31.39
N GLY B 638 -8.59 7.13 32.03
CA GLY B 638 -8.38 8.53 31.68
C GLY B 638 -7.14 8.74 30.81
N PRO B 639 -6.00 9.18 31.38
CA PRO B 639 -4.82 9.52 30.60
C PRO B 639 -4.27 8.36 29.76
N LEU B 640 -4.21 7.14 30.33
CA LEU B 640 -3.66 5.99 29.59
C LEU B 640 -4.56 5.58 28.43
N MET B 641 -5.88 5.51 28.63
CA MET B 641 -6.83 5.26 27.54
C MET B 641 -6.81 6.38 26.49
N PHE B 642 -6.69 7.65 26.91
CA PHE B 642 -6.55 8.77 25.98
C PHE B 642 -5.32 8.61 25.08
N PHE B 643 -4.16 8.27 25.66
CA PHE B 643 -2.95 8.01 24.87
C PHE B 643 -3.06 6.74 24.03
N PHE B 644 -3.65 5.66 24.55
CA PHE B 644 -3.84 4.42 23.82
C PHE B 644 -4.72 4.63 22.57
N VAL B 645 -5.87 5.29 22.72
CA VAL B 645 -6.74 5.62 21.59
C VAL B 645 -6.04 6.58 20.62
N SER B 646 -5.29 7.56 21.15
CA SER B 646 -4.51 8.47 20.30
C SER B 646 -3.45 7.72 19.50
N TRP B 647 -2.76 6.74 20.09
CA TRP B 647 -1.82 5.85 19.40
C TRP B 647 -2.54 5.03 18.32
N CYS B 648 -3.69 4.44 18.65
CA CYS B 648 -4.53 3.71 17.68
C CYS B 648 -4.89 4.57 16.47
N CYS B 649 -5.28 5.84 16.68
CA CYS B 649 -5.58 6.78 15.61
C CYS B 649 -4.38 7.08 14.72
N HIS B 650 -3.15 7.06 15.26
CA HIS B 650 -1.92 7.31 14.49
C HIS B 650 -1.28 6.04 13.93
N TYR B 651 -1.84 4.85 14.19
CA TYR B 651 -1.27 3.57 13.73
C TYR B 651 -2.22 2.79 12.81
N PHE B 652 -3.41 2.43 13.29
CA PHE B 652 -4.29 1.53 12.55
C PHE B 652 -4.81 2.05 11.21
N PRO B 653 -5.09 3.36 11.01
CA PRO B 653 -5.55 3.86 9.71
C PRO B 653 -4.57 3.58 8.56
N PHE B 654 -3.27 3.40 8.84
CA PHE B 654 -2.29 3.09 7.79
C PHE B 654 -2.46 1.70 7.16
N PHE B 655 -3.11 0.76 7.85
CA PHE B 655 -3.47 -0.55 7.27
C PHE B 655 -4.56 -0.43 6.18
N LEU B 656 -5.21 0.74 6.15
CA LEU B 656 -6.34 0.99 5.21
C LEU B 656 -5.87 1.96 4.14
N MET B 657 -4.58 2.27 4.07
CA MET B 657 -4.05 3.14 2.99
C MET B 657 -3.18 2.29 2.05
N ALA B 658 -2.64 2.89 0.99
CA ALA B 658 -1.91 2.06 0.00
C ALA B 658 -0.85 2.85 -0.77
N ARG B 659 -0.59 4.09 -0.37
CA ARG B 659 0.50 4.84 -1.03
C ARG B 659 1.84 4.25 -0.58
N GLN B 660 2.94 4.96 -0.79
CA GLN B 660 4.22 4.44 -0.26
C GLN B 660 4.28 4.88 1.20
N LYS B 661 4.64 3.98 2.09
CA LYS B 661 4.65 4.33 3.53
C LYS B 661 6.06 4.08 4.07
N PHE B 662 6.67 5.08 4.70
CA PHE B 662 8.06 4.96 5.18
C PHE B 662 8.12 5.14 6.69
N LEU B 663 8.93 4.49 7.54
CA LEU B 663 8.90 4.67 9.05
C LEU B 663 8.55 6.07 9.70
N HIS B 664 8.52 7.18 8.99
CA HIS B 664 8.29 8.49 9.68
C HIS B 664 6.95 8.62 10.46
N HIS B 665 6.05 7.75 10.04
CA HIS B 665 4.72 7.96 10.64
C HIS B 665 4.67 7.27 12.00
N TYR B 666 5.38 6.17 12.04
CA TYR B 666 5.34 5.58 13.38
C TYR B 666 6.05 6.60 14.20
N LEU B 667 6.92 7.46 13.69
CA LEU B 667 7.55 8.61 14.43
C LEU B 667 6.48 9.43 15.13
N PRO B 668 5.53 10.11 14.44
CA PRO B 668 4.43 10.72 15.28
C PRO B 668 3.81 9.79 16.34
N ALA B 669 3.45 8.60 15.87
CA ALA B 669 2.75 7.80 16.90
C ALA B 669 3.65 7.44 18.07
N HIS B 670 4.97 7.38 17.89
CA HIS B 670 5.98 7.05 18.90
C HIS B 670 6.02 8.19 19.89
N LEU B 671 6.05 9.43 19.42
CA LEU B 671 5.90 10.47 20.47
C LEU B 671 4.69 10.10 21.34
N ILE B 672 3.55 9.84 20.68
CA ILE B 672 2.38 9.61 21.61
C ILE B 672 2.58 8.38 22.52
N ALA B 673 3.14 7.29 22.00
CA ALA B 673 3.23 6.06 22.81
C ALA B 673 4.30 6.18 23.87
N CYS B 674 5.31 7.02 23.70
CA CYS B 674 6.31 7.30 24.76
C CYS B 674 5.54 7.94 25.91
N LEU B 675 4.76 8.96 25.57
CA LEU B 675 3.95 9.45 26.72
C LEU B 675 3.23 8.24 27.37
N PHE B 676 2.55 7.45 26.55
CA PHE B 676 1.74 6.35 27.16
C PHE B 676 2.57 5.43 28.03
N SER B 677 3.74 4.99 27.58
CA SER B 677 4.61 4.06 28.31
C SER B 677 4.97 4.67 29.65
N GLY B 678 5.52 5.88 29.63
CA GLY B 678 5.87 6.38 30.97
C GLY B 678 4.66 6.26 31.86
N ALA B 679 3.53 6.77 31.38
CA ALA B 679 2.37 6.77 32.28
C ALA B 679 2.01 5.38 32.79
N LEU B 680 1.84 4.41 31.92
CA LEU B 680 1.38 3.07 32.35
C LEU B 680 2.36 2.49 33.35
N TRP B 681 3.66 2.66 33.12
CA TRP B 681 4.56 1.98 34.09
C TRP B 681 4.50 2.69 35.44
N GLU B 682 4.40 4.02 35.43
CA GLU B 682 4.22 4.64 36.76
C GLU B 682 2.96 4.04 37.40
N VAL B 683 1.88 3.92 36.65
CA VAL B 683 0.61 3.43 37.26
C VAL B 683 0.86 2.04 37.86
N ILE B 684 1.53 1.18 37.11
CA ILE B 684 1.85 -0.18 37.63
C ILE B 684 2.62 -0.09 38.95
N PHE B 685 3.73 0.64 39.04
CA PHE B 685 4.51 0.58 40.32
C PHE B 685 3.78 1.23 41.52
N SER B 686 2.48 1.53 41.41
CA SER B 686 1.62 2.14 42.42
C SER B 686 0.84 1.08 43.22
N ASP B 687 0.41 1.42 44.42
CA ASP B 687 -0.52 0.61 45.21
C ASP B 687 -1.90 0.58 44.53
N CYS B 688 -2.11 -0.41 43.68
CA CYS B 688 -3.31 -0.49 42.85
C CYS B 688 -4.49 -1.19 43.54
N LYS B 689 -4.31 -1.76 44.73
CA LYS B 689 -5.32 -2.62 45.35
C LYS B 689 -6.51 -1.81 45.84
N SER B 690 -7.71 -2.32 45.57
CA SER B 690 -8.91 -1.83 46.24
C SER B 690 -8.86 -2.11 47.75
N LEU B 691 -9.53 -1.27 48.54
CA LEU B 691 -9.71 -1.45 49.97
C LEU B 691 -10.55 -2.69 50.30
N ASP B 692 -11.53 -3.00 49.46
CA ASP B 692 -12.47 -4.11 49.64
C ASP B 692 -12.79 -4.75 48.28
N LEU B 693 -12.27 -5.96 48.07
CA LEU B 693 -12.36 -6.67 46.79
C LEU B 693 -13.80 -7.06 46.40
N GLU B 694 -14.75 -7.02 47.33
CA GLU B 694 -16.15 -7.37 47.09
C GLU B 694 -17.01 -6.12 46.78
N LYS B 695 -16.46 -4.91 46.92
CA LYS B 695 -17.20 -3.66 46.73
C LYS B 695 -16.62 -2.84 45.59
N ASP B 696 -17.51 -2.38 44.71
CA ASP B 696 -17.12 -1.45 43.65
C ASP B 696 -16.93 -0.05 44.20
N GLU B 697 -15.68 0.41 44.25
CA GLU B 697 -15.30 1.77 44.68
C GLU B 697 -15.84 2.89 43.75
N ASP B 698 -16.32 2.54 42.56
CA ASP B 698 -17.00 3.49 41.65
C ASP B 698 -18.43 3.83 42.08
N ILE B 699 -19.02 3.04 42.99
CA ILE B 699 -20.36 3.33 43.50
C ILE B 699 -20.30 4.61 44.34
N SER B 700 -21.26 5.49 44.13
CA SER B 700 -21.34 6.75 44.87
C SER B 700 -21.43 6.50 46.39
N GLY B 701 -20.51 7.12 47.12
CA GLY B 701 -20.41 6.98 48.59
C GLY B 701 -19.46 5.88 49.06
N ALA B 702 -18.90 5.05 48.17
CA ALA B 702 -17.87 4.09 48.54
C ALA B 702 -16.58 4.80 48.98
N SER B 703 -15.94 4.26 50.03
CA SER B 703 -14.61 4.70 50.46
C SER B 703 -13.54 4.11 49.55
N TYR B 704 -12.56 4.92 49.17
CA TYR B 704 -11.42 4.50 48.35
C TYR B 704 -10.16 5.27 48.77
N GLU B 705 -8.98 4.71 48.52
CA GLU B 705 -7.71 5.37 48.80
C GLU B 705 -7.45 6.46 47.73
N ARG B 706 -7.41 7.72 48.17
CA ARG B 706 -7.29 8.89 47.29
C ARG B 706 -5.87 9.16 46.83
N ASN B 707 -4.86 8.75 47.60
CA ASN B 707 -3.45 8.98 47.29
C ASN B 707 -2.67 7.66 47.28
N PRO B 708 -2.91 6.78 46.28
CA PRO B 708 -2.18 5.53 46.17
C PRO B 708 -0.67 5.75 46.20
N LYS B 709 0.02 5.01 47.05
CA LYS B 709 1.47 5.15 47.20
C LYS B 709 2.17 4.61 45.96
N VAL B 710 3.06 5.41 45.37
CA VAL B 710 4.02 4.93 44.36
C VAL B 710 5.21 4.32 45.06
N TYR B 711 5.61 3.09 44.70
CA TYR B 711 6.82 2.44 45.20
C TYR B 711 8.05 3.05 44.53
N VAL B 712 8.40 4.29 44.92
CA VAL B 712 9.38 5.13 44.24
C VAL B 712 10.75 4.47 44.08
N LYS B 713 11.28 3.79 45.11
CA LYS B 713 12.61 3.16 45.04
C LYS B 713 12.72 2.11 43.92
N PRO B 714 11.93 1.02 43.91
CA PRO B 714 11.99 0.03 42.83
C PRO B 714 11.58 0.63 41.49
N TYR B 715 10.62 1.57 41.46
CA TYR B 715 10.24 2.27 40.23
C TYR B 715 11.40 3.05 39.62
N THR B 716 12.12 3.85 40.42
CA THR B 716 13.29 4.61 39.95
C THR B 716 14.39 3.68 39.46
N VAL B 717 14.69 2.59 40.17
CA VAL B 717 15.68 1.59 39.71
C VAL B 717 15.28 1.02 38.35
N PHE B 718 14.01 0.62 38.19
CA PHE B 718 13.48 0.12 36.93
C PHE B 718 13.63 1.15 35.79
N LEU B 719 13.22 2.40 36.00
CA LEU B 719 13.35 3.46 35.00
C LEU B 719 14.81 3.74 34.64
N VAL B 720 15.72 3.74 35.62
CA VAL B 720 17.16 3.93 35.37
C VAL B 720 17.70 2.78 34.52
N CYS B 721 17.37 1.53 34.82
CA CYS B 721 17.79 0.37 34.02
C CYS B 721 17.34 0.49 32.56
N VAL B 722 16.06 0.82 32.32
CA VAL B 722 15.53 1.00 30.95
C VAL B 722 16.19 2.19 30.27
N SER B 723 16.37 3.32 30.97
CA SER B 723 17.03 4.52 30.44
C SER B 723 18.47 4.24 30.04
N CYS B 724 19.23 3.49 30.85
CA CYS B 724 20.59 3.09 30.54
C CYS B 724 20.64 2.18 29.30
N ALA B 725 19.70 1.25 29.14
CA ALA B 725 19.63 0.39 27.97
C ALA B 725 19.32 1.19 26.68
N VAL B 726 18.34 2.10 26.74
CA VAL B 726 18.00 3.01 25.61
C VAL B 726 19.18 3.92 25.26
N ALA B 727 19.87 4.48 26.25
CA ALA B 727 21.05 5.31 26.05
C ALA B 727 22.22 4.52 25.47
N TRP B 728 22.45 3.29 25.93
CA TRP B 728 23.46 2.39 25.37
C TRP B 728 23.19 2.12 23.88
N PHE B 729 21.95 1.81 23.52
CA PHE B 729 21.57 1.61 22.12
C PHE B 729 21.80 2.86 21.26
N PHE B 730 21.38 4.03 21.77
CA PHE B 730 21.58 5.30 21.07
C PHE B 730 23.07 5.56 20.80
N VAL B 731 23.94 5.32 21.78
CA VAL B 731 25.40 5.45 21.60
C VAL B 731 25.92 4.42 20.59
N TYR B 732 25.47 3.17 20.66
CA TYR B 732 25.89 2.11 19.74
C TYR B 732 25.52 2.39 18.26
N PHE B 733 24.35 3.00 18.02
CA PHE B 733 23.87 3.42 16.69
C PHE B 733 24.26 4.85 16.32
N SER B 734 24.89 5.62 17.21
CA SER B 734 25.22 7.02 16.94
C SER B 734 26.05 7.26 15.66
N PRO B 735 26.99 6.38 15.24
CA PRO B 735 27.66 6.52 13.94
C PRO B 735 26.70 6.56 12.75
N LEU B 736 25.58 5.84 12.82
CA LEU B 736 24.55 5.80 11.77
C LEU B 736 23.54 6.94 11.88
N VAL B 737 23.38 7.54 13.06
CA VAL B 737 22.53 8.73 13.27
C VAL B 737 23.22 10.00 12.74
N TYR B 738 24.53 10.11 12.97
CA TYR B 738 25.32 11.29 12.65
C TYR B 738 26.09 11.17 11.33
N GLY B 739 26.37 9.94 10.88
CA GLY B 739 27.18 9.64 9.70
C GLY B 739 28.64 10.07 9.83
N ASP B 740 29.12 10.41 11.03
CA ASP B 740 30.38 11.12 11.25
C ASP B 740 31.57 10.19 11.52
N VAL B 741 31.32 8.90 11.71
CA VAL B 741 32.32 7.88 12.01
C VAL B 741 32.24 6.79 10.95
N SER B 742 33.39 6.45 10.36
CA SER B 742 33.52 5.30 9.46
C SER B 742 33.51 4.01 10.29
N LEU B 743 32.70 3.04 9.89
CA LEU B 743 32.60 1.74 10.55
C LEU B 743 33.33 0.69 9.71
N SER B 744 34.08 -0.20 10.36
CA SER B 744 34.63 -1.36 9.66
C SER B 744 33.51 -2.30 9.18
N PRO B 745 33.71 -3.10 8.12
CA PRO B 745 32.67 -4.01 7.62
C PRO B 745 32.09 -4.95 8.70
N SER B 746 32.93 -5.43 9.63
CA SER B 746 32.46 -6.25 10.76
C SER B 746 31.60 -5.47 11.75
N GLU B 747 31.88 -4.20 11.98
CA GLU B 747 31.06 -3.31 12.81
C GLU B 747 29.73 -2.95 12.12
N VAL B 748 29.73 -2.79 10.79
CA VAL B 748 28.51 -2.63 9.99
C VAL B 748 27.64 -3.87 10.12
N VAL B 749 28.19 -5.06 9.82
CA VAL B 749 27.46 -6.34 9.93
C VAL B 749 26.94 -6.58 11.34
N SER B 750 27.66 -6.15 12.39
CA SER B 750 27.16 -6.29 13.78
C SER B 750 25.90 -5.47 14.09
N ARG B 751 25.58 -4.47 13.26
CA ARG B 751 24.40 -3.61 13.35
C ARG B 751 23.31 -4.02 12.34
N GLU B 752 23.49 -5.13 11.64
CA GLU B 752 22.35 -5.57 10.79
C GLU B 752 21.34 -6.34 11.66
N TRP B 753 20.49 -5.64 12.42
CA TRP B 753 19.53 -6.31 13.33
C TRP B 753 18.14 -6.39 12.68
N PHE B 754 17.87 -7.34 11.78
CA PHE B 754 16.56 -7.49 11.07
C PHE B 754 16.72 -7.02 9.63
N ASP B 755 15.66 -7.00 8.79
CA ASP B 755 15.72 -6.48 7.42
C ASP B 755 16.51 -5.17 7.33
N ILE B 756 17.44 -4.93 8.27
CA ILE B 756 18.35 -3.79 8.23
C ILE B 756 19.51 -4.12 7.28
N GLU B 757 19.47 -3.54 6.10
CA GLU B 757 20.58 -3.56 5.14
C GLU B 757 21.36 -2.25 5.23
N LEU B 758 22.66 -2.34 5.54
CA LEU B 758 23.56 -1.19 5.63
C LEU B 758 24.56 -1.19 4.48
N ASN B 759 24.98 -0.01 4.08
CA ASN B 759 26.07 0.12 3.11
C ASN B 759 27.41 -0.23 3.79
N PHE B 760 28.40 -0.63 2.98
CA PHE B 760 29.77 -0.96 3.44
C PHE B 760 29.88 -2.19 4.36
N SER B 761 28.92 -3.12 4.30
CA SER B 761 28.99 -4.42 4.99
C SER B 761 29.98 -5.41 4.35
N LYS B 762 30.49 -5.10 3.15
CA LYS B 762 31.43 -5.91 2.38
C LYS B 762 32.83 -5.33 2.32
N THR C 2 31.50 -2.36 -12.93
CA THR C 2 31.59 -1.57 -11.69
C THR C 2 31.05 -2.39 -10.56
N SER C 3 31.69 -2.30 -9.39
CA SER C 3 31.25 -3.10 -8.22
C SER C 3 29.73 -2.99 -8.09
N THR C 4 29.06 -4.11 -7.86
CA THR C 4 27.60 -4.10 -7.71
C THR C 4 27.19 -3.17 -6.58
N ASN C 5 27.60 -3.46 -5.35
CA ASN C 5 27.24 -2.69 -4.13
C ASN C 5 25.89 -3.19 -3.61
N ALA C 6 25.65 -3.07 -2.30
CA ALA C 6 24.40 -3.62 -1.71
C ALA C 6 23.34 -2.53 -1.56
N THR C 7 22.33 -2.77 -0.71
CA THR C 7 21.29 -1.77 -0.45
C THR C 7 20.82 -1.14 -1.72
N SER C 8 20.71 0.20 -1.74
CA SER C 8 20.32 0.92 -2.96
C SER C 8 21.12 2.22 -3.04
N SER C 9 20.75 3.10 -3.96
CA SER C 9 21.53 4.35 -4.15
C SER C 9 21.11 5.38 -3.11
N SER C 10 20.40 4.96 -2.06
CA SER C 10 19.90 5.94 -1.07
C SER C 10 19.07 6.98 -1.83
N CYS C 11 17.86 6.62 -2.25
CA CYS C 11 17.06 7.55 -3.10
C CYS C 11 16.16 8.44 -2.25
N ALA C 12 15.57 9.46 -2.88
CA ALA C 12 14.47 10.24 -2.26
C ALA C 12 13.14 9.55 -2.53
N THR C 13 12.04 10.15 -2.05
CA THR C 13 10.69 9.59 -2.33
C THR C 13 10.06 10.42 -3.44
N PRO C 14 9.07 9.93 -4.21
CA PRO C 14 8.56 10.65 -5.41
C PRO C 14 7.81 11.93 -5.10
N SER C 15 7.69 12.81 -6.11
CA SER C 15 6.99 14.11 -5.94
C SER C 15 6.03 14.34 -7.11
N LEU C 16 5.05 13.46 -7.31
CA LEU C 16 4.07 13.58 -8.43
C LEU C 16 4.73 13.22 -9.75
N LYS C 17 4.40 13.93 -10.82
CA LYS C 17 5.06 13.67 -12.13
C LYS C 17 6.50 14.18 -12.03
C1 CPL D . -18.20 6.59 1.78
C2 CPL D . -18.32 6.10 3.21
C3 CPL D . -19.76 6.03 3.70
C4 CPL D . -13.80 5.27 -0.64
C5 CPL D . -13.91 3.77 -0.79
C6 CPL D . -12.52 3.88 -2.81
C7 CPL D . -11.56 3.05 -0.76
C8 CPL D . -13.19 1.71 -1.95
C11 CPL D . -21.24 7.86 3.53
C12 CPL D . -22.23 8.36 4.54
C13 CPL D . -22.73 7.28 5.44
C14 CPL D . -22.69 7.67 6.91
C15 CPL D . -21.31 7.93 7.44
C16 CPL D . -20.79 6.88 8.40
C31 CPL D . -16.57 4.71 4.06
C32 CPL D . -15.35 4.30 3.27
C33 CPL D . -14.09 4.23 4.06
C34 CPL D . -12.99 3.46 3.36
C35 CPL D . -11.80 3.15 4.23
C36 CPL D . -12.16 2.62 5.59
C37 CPL D . -12.77 1.23 5.59
C38 CPL D . -13.81 1.06 6.65
C39 CPL D . -14.85 2.13 6.60
C40 CPL D . -15.96 2.22 7.32
C41 CPL D . -16.35 1.32 8.44
C42 CPL D . -16.69 2.04 9.71
C43 CPL D . -17.10 1.47 10.82
N CPL D . -12.79 3.10 -1.57
O2 CPL D . -17.68 4.80 3.33
O3 CPL D . -20.16 7.35 4.12
O11 CPL D . -21.36 7.93 2.34
O31 CPL D . -16.56 4.92 5.24
O1P CPL D . -16.82 4.40 0.37
O2P CPL D . -16.59 6.55 -1.07
O3P CPL D . -16.80 6.65 1.43
O4P CPL D . -14.68 5.76 0.40
P CPL D . -16.28 5.78 0.18
C1 CPL E . -1.32 -10.06 3.30
C2 CPL E . -1.49 -9.10 4.46
C3 CPL E . -0.27 -8.24 4.72
C4 CPL E . -0.50 -6.63 0.95
C11 CPL E . 0.10 -8.29 7.04
C12 CPL E . -0.79 -8.19 8.25
C13 CPL E . -0.09 -7.67 9.46
C14 CPL E . -0.99 -7.66 10.68
C15 CPL E . -0.29 -7.32 11.97
C16 CPL E . -1.21 -7.29 13.15
C17 CPL E . -2.41 -6.40 12.96
C18 CPL E . -3.45 -6.54 14.04
C19 CPL E . -2.95 -6.30 15.43
C20 CPL E . -3.96 -6.56 16.51
C21 CPL E . -4.32 -8.02 16.69
C31 CPL E . -3.86 -8.68 4.31
C32 CPL E . -4.68 -7.93 5.33
C33 CPL E . -3.93 -6.83 6.02
C34 CPL E . -4.72 -6.17 7.12
C35 CPL E . -5.94 -5.44 6.64
C36 CPL E . -6.51 -4.50 7.67
C37 CPL E . -6.62 -5.11 9.06
C38 CPL E . -7.51 -4.32 9.98
C39 CPL E . -6.93 -3.02 10.39
C40 CPL E . -6.75 -2.63 11.65
C41 CPL E . -7.11 -3.43 12.86
C42 CPL E . -6.35 -4.70 13.04
O2 CPL E . -2.60 -8.21 4.20
O3 CPL E . -0.40 -7.62 6.01
O11 CPL E . 1.14 -8.88 7.00
O31 CPL E . -4.28 -9.58 3.64
O1P CPL E . -0.27 -9.40 -0.25
O2P CPL E . 1.12 -10.03 1.87
O3P CPL E . -1.31 -9.34 2.04
O4P CPL E . 0.45 -7.65 1.37
P CPL E . 0.06 -9.19 1.20
C1 MAN F . 8.52 11.58 0.24
C2 MAN F . 7.74 10.50 0.97
C3 MAN F . 6.72 11.06 1.86
C4 MAN F . 7.24 12.10 2.80
C5 MAN F . 8.29 13.03 2.19
C6 MAN F . 9.13 13.55 3.34
O2 MAN F . 8.68 9.76 1.78
O3 MAN F . 6.21 9.97 2.67
O4 MAN F . 6.14 12.92 3.21
O5 MAN F . 9.22 12.42 1.25
O6 MAN F . 10.18 14.29 2.76
#